data_4GXX
#
_entry.id   4GXX
#
_cell.length_a   71.790
_cell.length_b   241.510
_cell.length_c   72.030
_cell.angle_alpha   90.00
_cell.angle_beta   119.77
_cell.angle_gamma   90.00
#
_symmetry.space_group_name_H-M   'P 1 21 1'
#
loop_
_entity.id
_entity.type
_entity.pdbx_description
1 polymer 'Hemagglutinin HA1 chain'
2 polymer 'Hemagglutinin HA2 chain'
3 branched alpha-D-mannopyranose-(1-3)-beta-D-mannopyranose-(1-4)-2-acetamido-2-deoxy-beta-D-glucopyranose-(1-4)-2-acetamido-2-deoxy-beta-D-glucopyranose
4 branched alpha-D-mannopyranose-(1-3)-[alpha-D-mannopyranose-(1-6)]beta-D-mannopyranose-(1-4)-2-acetamido-2-deoxy-beta-D-glucopyranose-(1-4)-2-acetamido-2-deoxy-beta-D-glucopyranose
5 branched beta-D-mannopyranose-(1-4)-2-acetamido-2-deoxy-beta-D-glucopyranose-(1-4)-2-acetamido-2-deoxy-beta-D-glucopyranose
6 non-polymer 2-acetamido-2-deoxy-beta-D-glucopyranose
7 water water
#
loop_
_entity_poly.entity_id
_entity_poly.type
_entity_poly.pdbx_seq_one_letter_code
_entity_poly.pdbx_strand_id
1 'polypeptide(L)'
;ADPGDTICIGYHANNSTDTVDTVLEKNVTVTHSVNLLEDSHNGKLCKLKGIAPLQLGKCNIAGWLLGNPECDLLLTASSW
SYIVETSNSENGTCYPGDFIDYEELREQLSSVSSFEKFEIFPKTSSWPNHETTKGVTAACSYAGASSFYRNLLWLTKKGS
SYPKLSKSYVNNKGKEVLVLWGVHHPPTGTEQQSLYQNADAYVSVGSSKYNRRFTPEIAARPKVRGQAGRMNYYWTLLEP
GDTITFEATGNLIAPWYAFALNRGSGSGIITSDAPVHDCNTKCQTPHGAINSSLPFQNIHPVTIGECPKYVRSTKLRMAT
GLRNIPSIQSR
;
A,C,E
2 'polypeptide(L)'
;GLFGAIAGFIEGGWTGMIDGWYGYHHQNEQGSGYAADQKSTQNAIDGITNKVNSVIEKMNTQFTAVGKEFNNLERRIENL
NKKVDDGFLDIWTYNAELLVLLENERTLDFHDSNVRNLYEKVKSQLKNNAKEIGNGCFEFYHKCDDACMESVRNGTYDYP
KYSEESKLNREEIDGV
;
B,D,F
#
loop_
_chem_comp.id
_chem_comp.type
_chem_comp.name
_chem_comp.formula
BMA D-saccharide, beta linking beta-D-mannopyranose 'C6 H12 O6'
MAN D-saccharide, alpha linking alpha-D-mannopyranose 'C6 H12 O6'
NAG D-saccharide, beta linking 2-acetamido-2-deoxy-beta-D-glucopyranose 'C8 H15 N O6'
#
# COMPACT_ATOMS: atom_id res chain seq x y z
N GLY A 4 50.07 45.22 -3.29
CA GLY A 4 50.16 43.77 -3.11
C GLY A 4 49.41 42.96 -4.17
N ASP A 5 50.04 41.87 -4.60
CA ASP A 5 49.56 41.08 -5.74
C ASP A 5 48.66 39.92 -5.26
N THR A 6 47.49 39.70 -5.86
CA THR A 6 46.47 38.81 -5.25
C THR A 6 45.74 37.83 -6.16
N ILE A 7 45.36 36.67 -5.59
CA ILE A 7 44.34 35.78 -6.18
C ILE A 7 43.28 35.38 -5.13
N CYS A 8 42.01 35.43 -5.52
CA CYS A 8 40.90 35.07 -4.64
C CYS A 8 40.14 33.86 -5.21
N ILE A 9 39.72 32.97 -4.34
CA ILE A 9 38.87 31.85 -4.75
C ILE A 9 37.43 32.23 -4.45
N GLY A 10 36.53 31.93 -5.37
CA GLY A 10 35.15 32.37 -5.22
C GLY A 10 34.17 31.48 -5.94
N TYR A 11 32.89 31.83 -5.80
CA TYR A 11 31.81 31.10 -6.43
C TYR A 11 30.80 32.04 -7.08
N HIS A 12 29.94 31.44 -7.91
CA HIS A 12 29.05 32.15 -8.79
C HIS A 12 27.84 32.72 -8.05
N ALA A 13 27.42 33.91 -8.50
CA ALA A 13 26.11 34.45 -8.13
C ALA A 13 25.44 34.98 -9.41
N ASN A 14 24.11 35.10 -9.39
CA ASN A 14 23.38 35.63 -10.54
C ASN A 14 22.08 36.32 -10.11
N ASN A 15 21.18 36.54 -11.05
CA ASN A 15 19.96 37.26 -10.72
C ASN A 15 18.80 36.31 -10.41
N SER A 16 19.08 35.01 -10.32
CA SER A 16 18.02 34.03 -10.06
C SER A 16 17.26 34.39 -8.80
N THR A 17 15.96 34.20 -8.82
CA THR A 17 15.15 34.32 -7.61
C THR A 17 14.53 32.96 -7.26
N ASP A 18 15.00 31.89 -7.91
CA ASP A 18 14.53 30.52 -7.58
C ASP A 18 14.79 30.23 -6.12
N THR A 19 13.80 29.67 -5.42
CA THR A 19 13.98 29.28 -4.02
C THR A 19 13.72 27.80 -3.83
N VAL A 20 14.45 27.19 -2.89
CA VAL A 20 14.21 25.80 -2.53
C VAL A 20 14.09 25.65 -1.03
N ASP A 21 13.50 24.55 -0.58
CA ASP A 21 13.46 24.25 0.82
C ASP A 21 14.52 23.20 1.11
N THR A 22 15.16 23.35 2.27
CA THR A 22 16.03 22.32 2.77
C THR A 22 15.51 21.98 4.13
N VAL A 23 16.08 20.94 4.71
CA VAL A 23 15.76 20.52 6.06
C VAL A 23 16.00 21.62 7.09
N LEU A 24 17.08 22.36 6.97
CA LEU A 24 17.45 23.32 8.02
C LEU A 24 16.87 24.72 7.78
N GLU A 25 16.40 24.97 6.57
CA GLU A 25 16.03 26.33 6.18
C GLU A 25 15.08 26.33 4.99
N LYS A 26 13.99 27.09 5.10
CA LYS A 26 13.04 27.24 4.00
C LYS A 26 13.39 28.43 3.10
N ASN A 27 12.92 28.39 1.85
CA ASN A 27 13.04 29.50 0.91
C ASN A 27 14.47 30.01 0.74
N VAL A 28 15.37 29.09 0.42
CA VAL A 28 16.73 29.42 0.11
C VAL A 28 16.85 29.76 -1.36
N THR A 29 17.34 30.95 -1.66
CA THR A 29 17.56 31.36 -3.04
C THR A 29 18.82 30.68 -3.57
N VAL A 30 18.71 30.05 -4.73
CA VAL A 30 19.84 29.34 -5.32
C VAL A 30 20.06 29.76 -6.77
N THR A 31 21.27 29.54 -7.27
CA THR A 31 21.64 30.04 -8.60
C THR A 31 20.99 29.27 -9.73
N HIS A 32 20.71 28.00 -9.49
CA HIS A 32 20.09 27.14 -10.50
C HIS A 32 19.25 26.08 -9.85
N SER A 33 18.21 25.64 -10.55
CA SER A 33 17.29 24.66 -10.00
C SER A 33 16.40 24.09 -11.08
N VAL A 34 15.79 22.93 -10.77
CA VAL A 34 14.90 22.28 -11.69
C VAL A 34 13.61 21.89 -10.99
N ASN A 35 12.52 22.26 -11.61
CA ASN A 35 11.23 21.89 -11.10
C ASN A 35 10.90 20.45 -11.52
N LEU A 36 10.47 19.64 -10.58
CA LEU A 36 10.15 18.24 -10.82
C LEU A 36 8.65 18.01 -10.91
N LEU A 37 7.88 19.09 -10.67
CA LEU A 37 6.43 18.97 -10.50
C LEU A 37 5.68 19.63 -11.66
N GLU A 38 4.93 18.82 -12.40
CA GLU A 38 4.09 19.32 -13.46
C GLU A 38 2.78 19.85 -12.89
N ASP A 39 2.48 21.14 -13.12
CA ASP A 39 1.19 21.66 -12.69
C ASP A 39 0.37 22.28 -13.84
N SER A 40 0.78 22.02 -15.07
CA SER A 40 0.06 22.57 -16.22
C SER A 40 -0.57 21.48 -17.12
N HIS A 41 -1.79 21.77 -17.59
CA HIS A 41 -2.51 20.93 -18.53
C HIS A 41 -3.28 21.84 -19.51
N ASN A 42 -3.78 21.27 -20.61
CA ASN A 42 -4.38 22.08 -21.68
C ASN A 42 -5.91 22.22 -21.62
N GLY A 43 -6.53 21.65 -20.60
CA GLY A 43 -7.95 21.86 -20.35
C GLY A 43 -8.87 21.12 -21.33
N LYS A 44 -8.30 20.20 -22.10
CA LYS A 44 -9.03 19.50 -23.16
C LYS A 44 -8.92 17.97 -23.05
N LEU A 45 -9.92 17.26 -23.55
CA LEU A 45 -9.85 15.82 -23.69
C LEU A 45 -9.36 15.54 -25.10
N CYS A 46 -8.25 14.81 -25.20
CA CYS A 46 -7.53 14.64 -26.45
C CYS A 46 -7.47 13.20 -26.90
N LYS A 47 -6.95 13.00 -28.09
CA LYS A 47 -6.72 11.68 -28.64
C LYS A 47 -5.48 11.08 -28.01
N LEU A 48 -5.47 9.75 -27.91
CA LEU A 48 -4.31 8.97 -27.50
C LEU A 48 -4.00 8.05 -28.68
N LYS A 49 -2.73 7.96 -29.10
CA LYS A 49 -2.37 7.14 -30.26
C LYS A 49 -3.23 7.46 -31.47
N GLY A 50 -3.56 8.74 -31.64
CA GLY A 50 -4.39 9.19 -32.74
C GLY A 50 -5.84 8.72 -32.71
N ILE A 51 -6.32 8.28 -31.55
CA ILE A 51 -7.69 7.79 -31.48
C ILE A 51 -8.46 8.55 -30.41
N ALA A 52 -9.62 9.02 -30.80
CA ALA A 52 -10.44 9.90 -29.97
C ALA A 52 -11.19 9.10 -28.93
N PRO A 53 -11.52 9.74 -27.80
CA PRO A 53 -12.30 9.02 -26.81
C PRO A 53 -13.76 8.89 -27.24
N LEU A 54 -14.47 7.96 -26.65
CA LEU A 54 -15.89 7.88 -26.90
C LEU A 54 -16.60 8.76 -25.88
N GLN A 55 -17.31 9.77 -26.34
CA GLN A 55 -18.05 10.66 -25.47
C GLN A 55 -19.49 10.17 -25.32
N LEU A 56 -19.80 9.71 -24.12
CA LEU A 56 -21.14 9.22 -23.82
C LEU A 56 -22.13 10.35 -23.64
N GLY A 57 -21.64 11.53 -23.26
CA GLY A 57 -22.51 12.69 -23.17
C GLY A 57 -23.58 12.58 -22.09
N LYS A 58 -24.84 12.66 -22.50
CA LYS A 58 -25.95 12.52 -21.55
C LYS A 58 -26.26 11.07 -21.20
N CYS A 59 -25.52 10.14 -21.79
CA CYS A 59 -25.70 8.73 -21.48
C CYS A 59 -24.60 8.18 -20.56
N ASN A 60 -24.91 7.09 -19.87
CA ASN A 60 -23.89 6.30 -19.18
C ASN A 60 -23.68 4.96 -19.90
N ILE A 61 -22.78 4.12 -19.37
CA ILE A 61 -22.44 2.86 -20.00
C ILE A 61 -23.71 1.97 -20.22
N ALA A 62 -24.62 1.90 -19.25
CA ALA A 62 -25.84 1.11 -19.44
C ALA A 62 -26.66 1.64 -20.62
N GLY A 63 -26.78 2.95 -20.72
CA GLY A 63 -27.61 3.54 -21.75
C GLY A 63 -27.06 3.25 -23.14
N TRP A 64 -25.73 3.27 -23.22
CA TRP A 64 -25.00 2.95 -24.44
C TRP A 64 -25.18 1.50 -24.85
N LEU A 65 -24.91 0.55 -23.96
CA LEU A 65 -24.85 -0.85 -24.36
C LEU A 65 -26.27 -1.39 -24.65
N LEU A 66 -27.26 -0.96 -23.85
CA LEU A 66 -28.67 -1.29 -24.09
C LEU A 66 -29.31 -0.50 -25.25
N GLY A 67 -28.82 0.72 -25.48
CA GLY A 67 -29.36 1.56 -26.54
C GLY A 67 -30.57 2.32 -26.06
N ASN A 68 -30.47 2.91 -24.87
CA ASN A 68 -31.46 3.89 -24.41
C ASN A 68 -31.70 4.82 -25.62
N PRO A 69 -32.98 5.05 -25.96
CA PRO A 69 -33.33 5.86 -27.13
C PRO A 69 -32.73 7.27 -27.14
N GLU A 70 -32.36 7.80 -25.98
CA GLU A 70 -31.70 9.11 -25.95
C GLU A 70 -30.23 9.02 -26.38
N CYS A 71 -29.74 7.82 -26.66
CA CYS A 71 -28.33 7.63 -26.87
C CYS A 71 -28.04 7.36 -28.34
N ASP A 72 -28.95 7.76 -29.22
CA ASP A 72 -28.82 7.35 -30.61
C ASP A 72 -27.50 7.82 -31.29
N LEU A 73 -26.87 8.89 -30.80
CA LEU A 73 -25.65 9.39 -31.43
C LEU A 73 -24.48 8.41 -31.30
N LEU A 74 -24.64 7.42 -30.45
CA LEU A 74 -23.56 6.47 -30.16
C LEU A 74 -23.75 5.19 -30.94
N LEU A 75 -24.87 5.06 -31.64
CA LEU A 75 -25.17 3.83 -32.36
C LEU A 75 -24.07 3.37 -33.33
N THR A 76 -23.27 4.31 -33.81
CA THR A 76 -22.25 4.01 -34.80
C THR A 76 -20.85 3.82 -34.21
N ALA A 77 -20.64 4.24 -32.97
CA ALA A 77 -19.33 4.19 -32.35
C ALA A 77 -18.79 2.76 -32.38
N SER A 78 -17.50 2.60 -32.70
CA SER A 78 -16.90 1.27 -32.80
C SER A 78 -15.50 1.16 -32.16
N SER A 79 -14.76 2.26 -32.11
CA SER A 79 -13.46 2.24 -31.44
C SER A 79 -13.16 3.56 -30.75
N TRP A 80 -12.38 3.49 -29.68
CA TRP A 80 -12.11 4.65 -28.85
C TRP A 80 -10.82 4.42 -28.11
N SER A 81 -10.25 5.48 -27.57
CA SER A 81 -9.02 5.36 -26.77
C SER A 81 -9.31 5.27 -25.28
N TYR A 82 -10.48 5.77 -24.91
CA TYR A 82 -10.97 5.76 -23.55
C TYR A 82 -12.42 6.27 -23.62
N ILE A 83 -13.17 6.06 -22.54
CA ILE A 83 -14.60 6.35 -22.53
C ILE A 83 -14.85 7.47 -21.55
N VAL A 84 -15.66 8.44 -21.94
CA VAL A 84 -15.92 9.61 -21.13
C VAL A 84 -17.40 9.68 -20.75
N GLU A 85 -17.68 9.64 -19.46
CA GLU A 85 -18.97 10.05 -18.95
C GLU A 85 -18.89 11.48 -18.43
N THR A 86 -20.03 12.15 -18.36
CA THR A 86 -20.06 13.52 -17.84
C THR A 86 -20.91 13.62 -16.59
N SER A 87 -20.94 14.81 -16.00
CA SER A 87 -21.79 15.09 -14.84
C SER A 87 -23.26 14.91 -15.20
N ASN A 88 -23.58 14.89 -16.48
CA ASN A 88 -24.96 14.69 -16.93
C ASN A 88 -25.22 13.34 -17.58
N SER A 89 -24.36 12.35 -17.31
CA SER A 89 -24.55 11.02 -17.90
C SER A 89 -25.64 10.30 -17.12
N GLU A 90 -26.89 10.65 -17.45
CA GLU A 90 -28.05 10.20 -16.68
C GLU A 90 -28.90 9.13 -17.38
N ASN A 91 -28.80 9.05 -18.70
CA ASN A 91 -29.62 8.10 -19.42
C ASN A 91 -29.02 6.71 -19.50
N GLY A 92 -29.64 5.79 -18.76
CA GLY A 92 -29.16 4.44 -18.61
C GLY A 92 -30.35 3.55 -18.82
N THR A 93 -30.82 2.94 -17.75
CA THR A 93 -31.99 2.08 -17.80
C THR A 93 -33.25 2.94 -17.65
N CYS A 94 -34.05 3.02 -18.70
CA CYS A 94 -35.23 3.89 -18.66
C CYS A 94 -36.45 3.14 -18.12
N TYR A 95 -36.46 1.83 -18.29
CA TYR A 95 -37.47 1.01 -17.62
C TYR A 95 -36.83 0.48 -16.34
N PRO A 96 -37.47 0.73 -15.19
CA PRO A 96 -36.85 0.48 -13.89
C PRO A 96 -36.53 -1.01 -13.63
N GLY A 97 -35.43 -1.26 -12.92
CA GLY A 97 -34.99 -2.61 -12.63
C GLY A 97 -33.51 -2.68 -12.33
N ASP A 98 -33.01 -3.89 -12.14
N ASP A 98 -33.00 -3.88 -12.08
CA ASP A 98 -31.63 -4.12 -11.73
CA ASP A 98 -31.61 -4.05 -11.72
C ASP A 98 -30.76 -4.58 -12.91
C ASP A 98 -30.78 -4.54 -12.91
N PHE A 99 -29.59 -3.98 -13.08
CA PHE A 99 -28.68 -4.36 -14.13
C PHE A 99 -27.65 -5.26 -13.39
N ILE A 100 -27.77 -6.57 -13.53
N ILE A 100 -27.76 -6.58 -13.54
CA ILE A 100 -26.95 -7.50 -12.75
CA ILE A 100 -26.97 -7.54 -12.74
C ILE A 100 -25.48 -7.34 -13.13
C ILE A 100 -25.48 -7.52 -13.13
N ASP A 101 -24.64 -7.35 -12.12
CA ASP A 101 -23.21 -7.23 -12.29
C ASP A 101 -22.82 -6.07 -13.20
N TYR A 102 -23.50 -4.94 -13.03
CA TYR A 102 -23.26 -3.76 -13.88
C TYR A 102 -21.83 -3.20 -13.71
N GLU A 103 -21.38 -3.11 -12.47
CA GLU A 103 -20.00 -2.62 -12.25
C GLU A 103 -18.93 -3.54 -12.87
N GLU A 104 -19.15 -4.86 -12.87
CA GLU A 104 -18.23 -5.78 -13.50
C GLU A 104 -18.25 -5.59 -15.01
N LEU A 105 -19.41 -5.29 -15.57
CA LEU A 105 -19.48 -5.02 -16.99
C LEU A 105 -18.66 -3.76 -17.31
N ARG A 106 -18.78 -2.72 -16.48
CA ARG A 106 -18.01 -1.49 -16.71
C ARG A 106 -16.52 -1.81 -16.68
N GLU A 107 -16.12 -2.65 -15.73
CA GLU A 107 -14.73 -3.04 -15.65
C GLU A 107 -14.26 -3.81 -16.87
N GLN A 108 -15.10 -4.69 -17.40
CA GLN A 108 -14.81 -5.42 -18.63
C GLN A 108 -14.58 -4.47 -19.79
N LEU A 109 -15.45 -3.48 -19.89
CA LEU A 109 -15.39 -2.55 -21.00
C LEU A 109 -14.17 -1.66 -20.89
N SER A 110 -13.67 -1.51 -19.68
CA SER A 110 -12.40 -0.83 -19.49
C SER A 110 -11.19 -1.46 -20.19
N SER A 111 -11.30 -2.69 -20.66
CA SER A 111 -10.17 -3.29 -21.38
C SER A 111 -10.58 -3.67 -22.79
N VAL A 112 -11.64 -3.04 -23.26
CA VAL A 112 -12.04 -3.14 -24.64
C VAL A 112 -11.66 -1.85 -25.37
N SER A 113 -10.99 -1.99 -26.50
CA SER A 113 -10.60 -0.81 -27.28
C SER A 113 -11.49 -0.63 -28.51
N SER A 114 -12.21 -1.67 -28.89
CA SER A 114 -13.18 -1.55 -29.97
C SER A 114 -14.12 -2.75 -30.04
N PHE A 115 -15.21 -2.60 -30.78
CA PHE A 115 -16.04 -3.73 -31.05
C PHE A 115 -16.73 -3.65 -32.40
N GLU A 116 -17.27 -4.79 -32.83
CA GLU A 116 -18.15 -4.82 -33.98
C GLU A 116 -19.54 -5.17 -33.49
N LYS A 117 -20.43 -4.21 -33.57
CA LYS A 117 -21.82 -4.43 -33.15
C LYS A 117 -22.50 -5.21 -34.27
N PHE A 118 -23.33 -6.20 -33.96
CA PHE A 118 -24.04 -6.93 -35.02
C PHE A 118 -25.42 -7.38 -34.57
N GLU A 119 -26.29 -7.64 -35.53
CA GLU A 119 -27.64 -8.08 -35.23
C GLU A 119 -27.59 -9.56 -34.88
N ILE A 120 -27.53 -9.87 -33.59
CA ILE A 120 -27.46 -11.26 -33.17
C ILE A 120 -28.78 -11.99 -33.54
N PHE A 121 -29.93 -11.33 -33.35
CA PHE A 121 -31.23 -11.96 -33.67
C PHE A 121 -32.04 -10.93 -34.38
N PRO A 122 -31.99 -10.94 -35.71
CA PRO A 122 -32.75 -9.90 -36.44
C PRO A 122 -34.25 -9.81 -36.06
N LYS A 123 -34.69 -8.60 -35.75
CA LYS A 123 -36.09 -8.35 -35.32
C LYS A 123 -37.13 -8.82 -36.33
N THR A 124 -36.85 -8.62 -37.59
CA THR A 124 -37.87 -8.85 -38.60
C THR A 124 -37.98 -10.30 -39.04
N SER A 125 -37.01 -11.14 -38.69
CA SER A 125 -37.01 -12.53 -39.15
C SER A 125 -36.82 -13.60 -38.06
N SER A 126 -36.44 -13.20 -36.86
CA SER A 126 -36.11 -14.17 -35.80
C SER A 126 -37.29 -14.74 -35.04
N TRP A 127 -38.44 -14.07 -35.09
CA TRP A 127 -39.50 -14.31 -34.10
C TRP A 127 -40.88 -14.42 -34.76
N PRO A 128 -41.06 -15.39 -35.67
CA PRO A 128 -42.27 -15.52 -36.48
C PRO A 128 -43.55 -15.80 -35.68
N ASN A 129 -43.44 -16.33 -34.47
CA ASN A 129 -44.61 -16.74 -33.73
C ASN A 129 -44.94 -15.79 -32.59
N HIS A 130 -44.25 -14.65 -32.57
CA HIS A 130 -44.37 -13.69 -31.49
C HIS A 130 -44.50 -12.29 -32.06
N GLU A 131 -45.08 -11.39 -31.26
CA GLU A 131 -45.25 -10.00 -31.65
C GLU A 131 -43.99 -9.21 -31.31
N THR A 132 -43.48 -8.51 -32.30
CA THR A 132 -42.24 -7.76 -32.17
C THR A 132 -42.42 -6.23 -32.20
N THR A 133 -43.65 -5.76 -32.43
CA THR A 133 -43.85 -4.33 -32.68
C THR A 133 -44.56 -3.57 -31.57
N LYS A 134 -44.84 -4.23 -30.44
CA LYS A 134 -45.67 -3.60 -29.42
C LYS A 134 -44.93 -3.36 -28.13
N GLY A 135 -43.65 -3.63 -28.16
CA GLY A 135 -42.85 -3.63 -26.95
C GLY A 135 -42.29 -2.24 -26.70
N VAL A 136 -43.17 -1.29 -26.45
CA VAL A 136 -42.70 0.05 -26.18
C VAL A 136 -43.30 0.49 -24.87
N THR A 137 -42.76 1.55 -24.29
CA THR A 137 -43.22 2.00 -22.99
C THR A 137 -43.02 3.52 -22.84
N ALA A 138 -43.96 4.18 -22.18
CA ALA A 138 -43.81 5.58 -21.84
C ALA A 138 -42.59 5.83 -20.92
N ALA A 139 -42.07 4.80 -20.23
CA ALA A 139 -40.86 4.94 -19.42
C ALA A 139 -39.61 5.17 -20.30
N CYS A 140 -39.69 4.75 -21.56
CA CYS A 140 -38.62 4.94 -22.50
C CYS A 140 -39.06 5.78 -23.67
N SER A 141 -39.67 6.93 -23.38
CA SER A 141 -40.24 7.69 -24.47
C SER A 141 -39.16 8.53 -25.10
N TYR A 142 -39.36 8.82 -26.36
CA TYR A 142 -38.36 9.54 -27.10
C TYR A 142 -39.08 10.36 -28.11
N ALA A 143 -38.73 11.63 -28.19
CA ALA A 143 -39.29 12.49 -29.21
C ALA A 143 -40.82 12.49 -29.17
N GLY A 144 -41.38 12.40 -27.98
CA GLY A 144 -42.83 12.54 -27.84
C GLY A 144 -43.62 11.23 -27.84
N ALA A 145 -42.96 10.10 -28.11
CA ALA A 145 -43.68 8.80 -28.28
C ALA A 145 -43.06 7.75 -27.41
N SER A 146 -43.90 6.80 -27.00
CA SER A 146 -43.39 5.60 -26.32
C SER A 146 -42.41 4.86 -27.22
N SER A 147 -41.33 4.37 -26.63
CA SER A 147 -40.31 3.65 -27.37
C SER A 147 -39.65 2.58 -26.50
N PHE A 148 -38.43 2.15 -26.89
CA PHE A 148 -37.70 1.12 -26.16
C PHE A 148 -36.21 1.17 -26.57
N TYR A 149 -35.39 0.44 -25.84
CA TYR A 149 -33.97 0.24 -26.15
C TYR A 149 -33.79 -0.17 -27.59
N ARG A 150 -32.71 0.30 -28.24
CA ARG A 150 -32.45 -0.07 -29.63
C ARG A 150 -31.79 -1.43 -29.74
N ASN A 151 -31.21 -1.94 -28.68
CA ASN A 151 -30.40 -3.15 -28.83
C ASN A 151 -31.06 -4.40 -28.28
N LEU A 152 -32.24 -4.22 -27.71
CA LEU A 152 -33.05 -5.32 -27.19
C LEU A 152 -34.43 -5.24 -27.81
N LEU A 153 -35.18 -6.34 -27.70
CA LEU A 153 -36.50 -6.43 -28.31
C LEU A 153 -37.50 -7.03 -27.34
N TRP A 154 -38.51 -6.24 -27.03
CA TRP A 154 -39.53 -6.69 -26.09
C TRP A 154 -40.60 -7.50 -26.85
N LEU A 155 -40.51 -8.83 -26.76
CA LEU A 155 -41.45 -9.74 -27.40
C LEU A 155 -42.74 -9.88 -26.58
N THR A 156 -43.87 -9.85 -27.28
CA THR A 156 -45.16 -10.04 -26.62
C THR A 156 -45.98 -11.07 -27.39
N LYS A 157 -47.17 -11.36 -26.92
CA LYS A 157 -47.97 -12.40 -27.54
C LYS A 157 -48.49 -12.02 -28.93
N LYS A 158 -48.59 -13.01 -29.81
N LYS A 158 -48.62 -13.02 -29.80
CA LYS A 158 -49.18 -12.84 -31.12
CA LYS A 158 -49.16 -12.83 -31.14
C LYS A 158 -50.65 -13.24 -31.02
C LYS A 158 -50.64 -13.25 -31.12
N GLY A 159 -51.55 -12.28 -31.24
CA GLY A 159 -52.95 -12.51 -30.98
C GLY A 159 -53.17 -12.88 -29.52
N SER A 160 -53.64 -14.11 -29.28
CA SER A 160 -53.89 -14.58 -27.93
C SER A 160 -52.95 -15.72 -27.58
N SER A 161 -51.78 -15.73 -28.19
CA SER A 161 -50.88 -16.86 -28.00
C SER A 161 -49.42 -16.44 -27.91
N TYR A 162 -48.72 -16.97 -26.91
CA TYR A 162 -47.27 -16.83 -26.80
C TYR A 162 -46.71 -18.27 -26.70
N PRO A 163 -46.38 -18.87 -27.84
CA PRO A 163 -45.93 -20.27 -27.77
C PRO A 163 -44.51 -20.30 -27.27
N LYS A 164 -44.01 -21.46 -26.89
CA LYS A 164 -42.64 -21.54 -26.42
C LYS A 164 -41.67 -21.17 -27.53
N LEU A 165 -40.73 -20.32 -27.21
CA LEU A 165 -39.69 -19.96 -28.15
C LEU A 165 -38.38 -20.59 -27.68
N SER A 166 -37.56 -20.92 -28.67
CA SER A 166 -36.23 -21.45 -28.44
C SER A 166 -35.35 -20.87 -29.54
N LYS A 167 -34.23 -20.26 -29.18
CA LYS A 167 -33.41 -19.56 -30.12
C LYS A 167 -31.97 -19.67 -29.69
N SER A 168 -31.09 -20.13 -30.56
CA SER A 168 -29.67 -20.21 -30.21
C SER A 168 -28.83 -19.35 -31.12
N TYR A 169 -27.68 -18.93 -30.61
CA TYR A 169 -26.67 -18.29 -31.42
C TYR A 169 -25.32 -18.97 -31.17
N VAL A 170 -24.63 -19.34 -32.24
CA VAL A 170 -23.26 -19.86 -32.15
C VAL A 170 -22.26 -18.73 -32.42
N ASN A 171 -21.29 -18.53 -31.53
CA ASN A 171 -20.28 -17.49 -31.75
C ASN A 171 -19.19 -17.85 -32.77
N ASN A 172 -19.36 -17.42 -34.02
N ASN A 172 -19.39 -17.36 -34.00
CA ASN A 172 -18.34 -17.66 -35.04
CA ASN A 172 -18.47 -17.58 -35.10
C ASN A 172 -17.60 -16.36 -35.40
C ASN A 172 -17.60 -16.37 -35.40
N LYS A 173 -17.56 -15.44 -34.46
CA LYS A 173 -16.85 -14.17 -34.65
C LYS A 173 -15.35 -14.25 -34.42
N GLY A 174 -14.85 -15.34 -33.82
CA GLY A 174 -13.43 -15.46 -33.55
C GLY A 174 -12.94 -14.63 -32.37
N LYS A 175 -13.88 -14.11 -31.59
CA LYS A 175 -13.54 -13.40 -30.36
C LYS A 175 -14.78 -13.42 -29.45
N GLU A 176 -14.65 -12.92 -28.24
CA GLU A 176 -15.75 -12.87 -27.30
C GLU A 176 -16.90 -12.00 -27.81
N VAL A 177 -18.12 -12.46 -27.56
CA VAL A 177 -19.29 -11.71 -27.88
C VAL A 177 -20.04 -11.36 -26.59
N LEU A 178 -20.30 -10.07 -26.39
CA LEU A 178 -21.11 -9.59 -25.29
C LEU A 178 -22.57 -9.65 -25.73
N VAL A 179 -23.37 -10.40 -24.98
CA VAL A 179 -24.79 -10.57 -25.22
C VAL A 179 -25.53 -10.00 -23.99
N LEU A 180 -26.53 -9.16 -24.23
CA LEU A 180 -27.33 -8.58 -23.18
C LEU A 180 -28.78 -8.92 -23.46
N TRP A 181 -29.56 -9.09 -22.40
CA TRP A 181 -30.98 -9.39 -22.46
C TRP A 181 -31.67 -8.91 -21.20
N GLY A 182 -32.99 -8.96 -21.19
CA GLY A 182 -33.70 -8.66 -19.96
C GLY A 182 -34.76 -9.69 -19.63
N VAL A 183 -35.23 -9.65 -18.38
CA VAL A 183 -36.38 -10.39 -17.96
C VAL A 183 -37.34 -9.42 -17.31
N HIS A 184 -38.56 -9.48 -17.78
CA HIS A 184 -39.59 -8.59 -17.30
C HIS A 184 -40.44 -9.23 -16.19
N HIS A 185 -40.66 -8.44 -15.15
CA HIS A 185 -41.52 -8.81 -14.03
C HIS A 185 -42.69 -7.84 -13.90
N PRO A 186 -43.87 -8.22 -14.41
CA PRO A 186 -45.05 -7.34 -14.37
C PRO A 186 -45.54 -7.11 -13.00
N PRO A 187 -46.33 -6.05 -12.81
CA PRO A 187 -46.90 -5.76 -11.51
C PRO A 187 -48.11 -6.65 -11.15
N THR A 188 -48.81 -7.21 -12.14
CA THR A 188 -50.07 -7.96 -11.88
C THR A 188 -50.26 -9.12 -12.86
N GLY A 189 -51.07 -10.10 -12.46
CA GLY A 189 -51.44 -11.21 -13.32
C GLY A 189 -52.16 -10.68 -14.55
N THR A 190 -52.98 -9.64 -14.40
CA THR A 190 -53.61 -9.01 -15.57
C THR A 190 -52.61 -8.53 -16.63
N GLU A 191 -51.57 -7.83 -16.21
CA GLU A 191 -50.58 -7.40 -17.18
C GLU A 191 -49.77 -8.59 -17.74
N GLN A 192 -49.42 -9.56 -16.90
CA GLN A 192 -48.74 -10.78 -17.36
C GLN A 192 -49.52 -11.39 -18.54
N GLN A 193 -50.84 -11.56 -18.38
CA GLN A 193 -51.62 -12.24 -19.41
C GLN A 193 -51.77 -11.33 -20.61
N SER A 194 -51.90 -10.05 -20.37
CA SER A 194 -52.06 -9.09 -21.45
C SER A 194 -50.81 -9.09 -22.38
N LEU A 195 -49.61 -9.16 -21.81
CA LEU A 195 -48.39 -9.10 -22.58
C LEU A 195 -48.02 -10.48 -23.15
N TYR A 196 -48.20 -11.52 -22.35
CA TYR A 196 -47.57 -12.81 -22.60
C TYR A 196 -48.54 -13.97 -22.62
N GLN A 197 -49.81 -13.69 -22.34
CA GLN A 197 -50.85 -14.70 -22.31
C GLN A 197 -50.71 -15.76 -21.21
N ASN A 198 -49.54 -16.38 -21.15
CA ASN A 198 -49.31 -17.50 -20.22
C ASN A 198 -49.12 -17.00 -18.80
N ALA A 199 -49.99 -17.43 -17.90
CA ALA A 199 -49.94 -16.96 -16.51
C ALA A 199 -48.62 -17.38 -15.82
N ASP A 200 -48.15 -18.57 -16.13
CA ASP A 200 -46.97 -19.13 -15.49
C ASP A 200 -45.94 -19.37 -16.56
N ALA A 201 -45.02 -18.45 -16.67
CA ALA A 201 -44.06 -18.41 -17.74
C ALA A 201 -42.64 -18.56 -17.15
N TYR A 202 -41.68 -18.79 -18.02
CA TYR A 202 -40.27 -18.76 -17.63
C TYR A 202 -39.42 -18.33 -18.82
N VAL A 203 -38.18 -17.96 -18.50
CA VAL A 203 -37.14 -17.66 -19.46
C VAL A 203 -35.95 -18.52 -19.02
N SER A 204 -35.37 -19.30 -19.91
CA SER A 204 -34.11 -20.00 -19.62
C SER A 204 -33.00 -19.56 -20.56
N VAL A 205 -31.79 -19.52 -20.03
CA VAL A 205 -30.63 -19.10 -20.76
C VAL A 205 -29.50 -20.07 -20.42
N GLY A 206 -28.93 -20.68 -21.44
CA GLY A 206 -27.81 -21.59 -21.24
C GLY A 206 -26.71 -21.43 -22.28
N SER A 207 -25.47 -21.56 -21.83
CA SER A 207 -24.34 -21.68 -22.73
C SER A 207 -23.43 -22.68 -22.04
N SER A 208 -22.17 -22.71 -22.43
CA SER A 208 -21.21 -23.58 -21.79
C SER A 208 -20.93 -23.14 -20.37
N LYS A 209 -21.11 -21.87 -20.10
CA LYS A 209 -20.82 -21.30 -18.79
C LYS A 209 -22.04 -20.72 -18.09
N TYR A 210 -23.09 -20.37 -18.82
CA TYR A 210 -24.24 -19.72 -18.18
C TYR A 210 -25.38 -20.74 -18.07
N ASN A 211 -26.13 -20.68 -16.98
CA ASN A 211 -27.29 -21.58 -16.81
C ASN A 211 -28.30 -21.02 -15.82
N ARG A 212 -29.45 -20.57 -16.31
CA ARG A 212 -30.46 -19.98 -15.42
C ARG A 212 -31.85 -20.27 -15.98
N ARG A 213 -32.83 -20.40 -15.09
N ARG A 213 -32.78 -20.60 -15.11
CA ARG A 213 -34.24 -20.47 -15.48
CA ARG A 213 -34.19 -20.44 -15.44
C ARG A 213 -35.09 -19.47 -14.67
C ARG A 213 -34.75 -19.30 -14.59
N PHE A 214 -35.28 -18.28 -15.24
CA PHE A 214 -35.93 -17.15 -14.56
C PHE A 214 -37.44 -17.32 -14.54
N THR A 215 -38.01 -17.07 -13.39
CA THR A 215 -39.47 -17.14 -13.23
C THR A 215 -39.96 -15.73 -12.89
N PRO A 216 -40.95 -15.21 -13.64
CA PRO A 216 -41.47 -13.88 -13.30
C PRO A 216 -41.94 -13.77 -11.86
N GLU A 217 -41.60 -12.64 -11.26
CA GLU A 217 -41.97 -12.28 -9.89
C GLU A 217 -43.01 -11.13 -9.97
N ILE A 218 -44.28 -11.50 -9.88
CA ILE A 218 -45.38 -10.56 -10.12
C ILE A 218 -45.80 -9.89 -8.84
N ALA A 219 -45.58 -8.59 -8.75
CA ALA A 219 -45.88 -7.85 -7.52
C ALA A 219 -45.89 -6.38 -7.88
N ALA A 220 -46.77 -5.59 -7.28
CA ALA A 220 -46.73 -4.15 -7.55
C ALA A 220 -45.65 -3.51 -6.67
N ARG A 221 -44.72 -2.86 -7.32
CA ARG A 221 -43.72 -2.10 -6.63
C ARG A 221 -44.15 -0.64 -6.77
N PRO A 222 -43.50 0.25 -6.03
CA PRO A 222 -43.68 1.69 -6.20
C PRO A 222 -43.37 2.07 -7.65
N LYS A 223 -44.18 2.95 -8.20
CA LYS A 223 -43.93 3.36 -9.57
C LYS A 223 -42.61 4.16 -9.71
N VAL A 224 -41.84 3.82 -10.74
CA VAL A 224 -40.65 4.54 -11.12
C VAL A 224 -40.76 4.77 -12.60
N ARG A 225 -40.68 6.02 -13.01
CA ARG A 225 -40.85 6.42 -14.40
C ARG A 225 -42.21 5.88 -14.87
N GLY A 226 -43.18 5.92 -13.96
CA GLY A 226 -44.53 5.51 -14.24
C GLY A 226 -44.80 4.01 -14.21
N GLN A 227 -43.78 3.19 -13.92
CA GLN A 227 -43.93 1.73 -13.96
C GLN A 227 -43.86 1.05 -12.60
N ALA A 228 -44.86 0.23 -12.30
CA ALA A 228 -44.86 -0.63 -11.14
C ALA A 228 -44.15 -1.97 -11.41
N GLY A 229 -43.95 -2.28 -12.69
CA GLY A 229 -43.20 -3.45 -13.08
C GLY A 229 -41.71 -3.14 -13.01
N ARG A 230 -40.92 -4.19 -13.17
CA ARG A 230 -39.46 -4.09 -13.20
C ARG A 230 -38.90 -4.95 -14.32
N MET A 231 -37.74 -4.56 -14.81
CA MET A 231 -37.05 -5.34 -15.80
C MET A 231 -35.64 -5.51 -15.28
N ASN A 232 -35.20 -6.74 -15.14
CA ASN A 232 -33.78 -6.94 -14.83
C ASN A 232 -32.98 -7.17 -16.10
N TYR A 233 -31.75 -6.67 -16.11
CA TYR A 233 -30.90 -6.72 -17.27
C TYR A 233 -29.70 -7.61 -16.94
N TYR A 234 -29.33 -8.44 -17.90
CA TYR A 234 -28.31 -9.49 -17.71
C TYR A 234 -27.35 -9.42 -18.88
N TRP A 235 -26.16 -9.96 -18.68
CA TRP A 235 -25.19 -9.99 -19.74
C TRP A 235 -24.27 -11.17 -19.55
N THR A 236 -23.67 -11.61 -20.63
CA THR A 236 -22.66 -12.66 -20.52
C THR A 236 -21.67 -12.49 -21.66
N LEU A 237 -20.47 -13.03 -21.49
CA LEU A 237 -19.48 -13.05 -22.57
C LEU A 237 -19.38 -14.45 -23.09
N LEU A 238 -19.72 -14.61 -24.35
CA LEU A 238 -19.72 -15.87 -25.04
C LEU A 238 -18.37 -16.08 -25.70
N GLU A 239 -17.71 -17.19 -25.34
CA GLU A 239 -16.39 -17.49 -25.89
C GLU A 239 -16.51 -17.92 -27.32
N PRO A 240 -15.44 -17.76 -28.09
CA PRO A 240 -15.44 -18.24 -29.48
C PRO A 240 -15.85 -19.71 -29.56
N GLY A 241 -16.74 -20.05 -30.50
CA GLY A 241 -17.21 -21.42 -30.68
C GLY A 241 -18.37 -21.83 -29.76
N ASP A 242 -18.64 -21.06 -28.71
CA ASP A 242 -19.67 -21.45 -27.76
C ASP A 242 -21.04 -21.04 -28.29
N THR A 243 -22.07 -21.65 -27.73
CA THR A 243 -23.45 -21.37 -28.13
C THR A 243 -24.23 -20.86 -26.95
N ILE A 244 -25.16 -19.92 -27.19
CA ILE A 244 -26.07 -19.49 -26.14
C ILE A 244 -27.49 -19.79 -26.64
N THR A 245 -28.33 -20.32 -25.76
CA THR A 245 -29.66 -20.76 -26.11
C THR A 245 -30.66 -20.11 -25.14
N PHE A 246 -31.64 -19.42 -25.71
CA PHE A 246 -32.72 -18.77 -24.98
C PHE A 246 -34.01 -19.57 -25.23
N GLU A 247 -34.77 -19.85 -24.19
CA GLU A 247 -36.12 -20.46 -24.30
C GLU A 247 -37.07 -19.66 -23.46
N ALA A 248 -38.33 -19.53 -23.84
CA ALA A 248 -39.22 -18.72 -23.02
C ALA A 248 -40.67 -18.96 -23.33
N THR A 249 -41.51 -18.85 -22.31
CA THR A 249 -42.95 -18.85 -22.52
C THR A 249 -43.55 -17.49 -22.17
N GLY A 250 -42.68 -16.49 -22.07
CA GLY A 250 -43.03 -15.13 -21.71
C GLY A 250 -41.85 -14.38 -21.11
N ASN A 251 -41.96 -13.05 -21.01
CA ASN A 251 -41.11 -12.25 -20.10
C ASN A 251 -39.68 -12.03 -20.55
N LEU A 252 -39.37 -12.46 -21.78
CA LEU A 252 -38.02 -12.29 -22.31
C LEU A 252 -37.92 -10.96 -23.06
N ILE A 253 -36.95 -10.15 -22.64
CA ILE A 253 -36.53 -9.01 -23.43
C ILE A 253 -35.34 -9.49 -24.20
N ALA A 254 -35.54 -9.84 -25.47
CA ALA A 254 -34.55 -10.57 -26.22
C ALA A 254 -33.38 -9.71 -26.72
N PRO A 255 -32.21 -10.32 -26.84
CA PRO A 255 -31.13 -9.64 -27.54
C PRO A 255 -31.60 -9.32 -28.91
N TRP A 256 -31.20 -8.14 -29.41
CA TRP A 256 -31.40 -7.82 -30.80
C TRP A 256 -30.00 -7.57 -31.42
N TYR A 257 -29.23 -6.67 -30.81
CA TYR A 257 -27.85 -6.42 -31.23
C TYR A 257 -26.92 -6.90 -30.14
N ALA A 258 -25.78 -7.48 -30.54
CA ALA A 258 -24.71 -7.86 -29.59
C ALA A 258 -23.38 -7.27 -30.06
N PHE A 259 -22.32 -7.47 -29.28
CA PHE A 259 -21.03 -6.84 -29.56
C PHE A 259 -19.86 -7.82 -29.55
N ALA A 260 -19.14 -7.86 -30.66
CA ALA A 260 -17.98 -8.71 -30.76
C ALA A 260 -16.78 -7.84 -30.28
N LEU A 261 -16.15 -8.29 -29.21
CA LEU A 261 -15.17 -7.47 -28.49
C LEU A 261 -13.71 -7.65 -28.88
N ASN A 262 -13.02 -6.53 -29.05
CA ASN A 262 -11.56 -6.54 -29.22
C ASN A 262 -10.87 -6.00 -27.97
N ARG A 263 -10.04 -6.84 -27.35
CA ARG A 263 -9.44 -6.46 -26.09
C ARG A 263 -8.21 -5.63 -26.37
N GLY A 264 -7.95 -4.66 -25.50
CA GLY A 264 -6.73 -3.86 -25.59
C GLY A 264 -6.43 -3.31 -24.21
N SER A 265 -5.20 -2.92 -23.98
CA SER A 265 -4.80 -2.49 -22.66
C SER A 265 -4.72 -0.96 -22.61
N GLY A 266 -4.62 -0.44 -21.39
CA GLY A 266 -4.35 0.98 -21.21
C GLY A 266 -5.55 1.88 -21.47
N SER A 267 -6.75 1.29 -21.54
CA SER A 267 -7.98 2.05 -21.74
C SER A 267 -8.65 2.25 -20.39
N GLY A 268 -9.81 2.88 -20.38
CA GLY A 268 -10.46 3.19 -19.12
C GLY A 268 -11.65 4.10 -19.32
N ILE A 269 -12.42 4.27 -18.24
CA ILE A 269 -13.57 5.16 -18.22
C ILE A 269 -13.25 6.29 -17.25
N ILE A 270 -13.41 7.54 -17.70
CA ILE A 270 -13.23 8.69 -16.83
C ILE A 270 -14.47 9.56 -16.83
N THR A 271 -14.61 10.37 -15.80
CA THR A 271 -15.71 11.29 -15.70
C THR A 271 -15.17 12.68 -15.82
N SER A 272 -15.64 13.40 -16.84
CA SER A 272 -15.13 14.74 -17.11
C SER A 272 -16.06 15.59 -17.90
N ASP A 273 -16.08 16.88 -17.55
CA ASP A 273 -16.91 17.84 -18.24
C ASP A 273 -16.07 18.72 -19.16
N ALA A 274 -14.80 18.39 -19.30
CA ALA A 274 -13.89 19.13 -20.19
C ALA A 274 -14.21 18.81 -21.66
N PRO A 275 -14.00 19.77 -22.55
CA PRO A 275 -14.42 19.56 -23.95
C PRO A 275 -13.44 18.65 -24.71
N VAL A 276 -13.96 17.82 -25.59
CA VAL A 276 -13.10 17.04 -26.46
C VAL A 276 -12.58 17.92 -27.59
N HIS A 277 -11.31 17.73 -27.96
CA HIS A 277 -10.66 18.48 -29.03
C HIS A 277 -9.79 17.59 -29.91
N ASP A 278 -9.49 18.08 -31.11
CA ASP A 278 -8.64 17.36 -32.05
C ASP A 278 -7.17 17.68 -31.77
N CYS A 279 -6.72 17.28 -30.59
CA CYS A 279 -5.34 17.43 -30.19
C CYS A 279 -4.85 16.03 -29.82
N ASN A 280 -3.55 15.87 -29.69
CA ASN A 280 -3.02 14.58 -29.31
C ASN A 280 -2.19 14.66 -28.03
N THR A 281 -2.24 13.60 -27.22
CA THR A 281 -1.46 13.53 -26.00
C THR A 281 -0.99 12.11 -25.70
N LYS A 282 -0.02 11.99 -24.81
CA LYS A 282 0.41 10.70 -24.29
C LYS A 282 -0.15 10.49 -22.90
N CYS A 283 -0.70 11.55 -22.31
CA CYS A 283 -1.23 11.51 -20.95
C CYS A 283 -2.48 12.37 -20.81
N GLN A 284 -3.55 11.76 -20.30
CA GLN A 284 -4.84 12.41 -20.22
C GLN A 284 -5.36 12.36 -18.80
N THR A 285 -5.86 13.47 -18.29
CA THR A 285 -6.53 13.46 -17.00
C THR A 285 -7.89 14.06 -17.25
N PRO A 286 -8.80 13.94 -16.25
CA PRO A 286 -10.15 14.50 -16.38
C PRO A 286 -10.21 16.03 -16.41
N HIS A 287 -9.15 16.70 -15.96
CA HIS A 287 -9.04 18.17 -16.08
C HIS A 287 -8.46 18.60 -17.42
N GLY A 288 -7.66 17.76 -18.05
CA GLY A 288 -6.99 18.15 -19.28
C GLY A 288 -5.79 17.28 -19.55
N ALA A 289 -5.18 17.50 -20.71
CA ALA A 289 -4.06 16.67 -21.16
C ALA A 289 -2.77 17.22 -20.60
N ILE A 290 -1.79 16.33 -20.43
CA ILE A 290 -0.47 16.73 -19.94
C ILE A 290 0.60 16.35 -20.93
N ASN A 291 1.48 17.30 -21.20
CA ASN A 291 2.64 17.10 -22.04
C ASN A 291 3.86 17.51 -21.23
N SER A 292 4.53 16.51 -20.67
CA SER A 292 5.59 16.74 -19.69
C SER A 292 6.49 15.54 -19.50
N SER A 293 7.78 15.79 -19.33
CA SER A 293 8.71 14.72 -19.03
C SER A 293 9.08 14.76 -17.55
N LEU A 294 8.35 15.54 -16.77
CA LEU A 294 8.64 15.65 -15.34
C LEU A 294 8.13 14.41 -14.60
N PRO A 295 8.72 14.12 -13.44
CA PRO A 295 8.37 12.88 -12.74
C PRO A 295 7.06 12.89 -11.96
N PHE A 296 6.58 14.07 -11.61
CA PHE A 296 5.42 14.22 -10.77
C PHE A 296 4.45 15.24 -11.34
N GLN A 297 3.20 15.15 -10.95
CA GLN A 297 2.20 16.11 -11.33
C GLN A 297 1.21 16.22 -10.20
N ASN A 298 0.59 17.39 -10.02
CA ASN A 298 -0.43 17.54 -8.98
C ASN A 298 -1.78 17.90 -9.59
N ILE A 299 -1.99 17.48 -10.83
CA ILE A 299 -3.19 17.84 -11.54
C ILE A 299 -4.38 16.94 -11.21
N HIS A 300 -4.18 15.62 -11.24
CA HIS A 300 -5.24 14.66 -10.97
C HIS A 300 -4.68 13.27 -10.79
N PRO A 301 -5.23 12.49 -9.84
CA PRO A 301 -4.81 11.10 -9.64
C PRO A 301 -5.30 10.16 -10.74
N VAL A 302 -6.38 10.52 -11.45
CA VAL A 302 -6.85 9.72 -12.57
C VAL A 302 -6.14 10.09 -13.87
N THR A 303 -5.54 9.09 -14.52
CA THR A 303 -4.75 9.29 -15.73
C THR A 303 -4.93 8.15 -16.70
N ILE A 304 -4.90 8.46 -17.98
CA ILE A 304 -4.93 7.46 -19.04
C ILE A 304 -3.64 7.70 -19.81
N GLY A 305 -2.89 6.64 -20.08
CA GLY A 305 -1.71 6.75 -20.91
C GLY A 305 -0.42 6.59 -20.11
N GLU A 306 0.54 7.47 -20.37
CA GLU A 306 1.84 7.44 -19.71
C GLU A 306 2.02 8.77 -19.04
N CYS A 307 1.91 8.79 -17.73
CA CYS A 307 1.74 10.05 -17.02
C CYS A 307 2.77 10.20 -15.92
N PRO A 308 3.01 11.45 -15.49
CA PRO A 308 3.82 11.61 -14.26
C PRO A 308 3.04 11.13 -13.05
N LYS A 309 3.76 10.79 -11.99
CA LYS A 309 3.12 10.20 -10.81
C LYS A 309 2.39 11.29 -10.04
N TYR A 310 1.15 11.03 -9.65
CA TYR A 310 0.37 12.04 -8.95
C TYR A 310 0.80 12.20 -7.48
N VAL A 311 0.96 13.44 -7.02
CA VAL A 311 1.29 13.74 -5.62
C VAL A 311 0.49 14.96 -5.14
N ARG A 312 0.30 15.09 -3.83
CA ARG A 312 -0.45 16.24 -3.31
C ARG A 312 0.37 17.54 -3.18
N SER A 313 1.65 17.46 -3.50
CA SER A 313 2.54 18.63 -3.38
C SER A 313 2.15 19.83 -4.23
N THR A 314 2.44 21.02 -3.73
CA THR A 314 2.32 22.23 -4.52
C THR A 314 3.68 22.69 -5.07
N LYS A 315 4.77 22.16 -4.55
CA LYS A 315 6.12 22.55 -4.97
C LYS A 315 7.14 21.43 -4.76
N LEU A 316 7.86 21.06 -5.82
CA LEU A 316 8.97 20.13 -5.71
C LEU A 316 10.08 20.67 -6.57
N ARG A 317 10.98 21.42 -5.96
CA ARG A 317 12.07 22.06 -6.68
C ARG A 317 13.36 21.63 -6.06
N MET A 318 14.21 21.07 -6.92
CA MET A 318 15.49 20.53 -6.55
C MET A 318 16.58 21.53 -6.90
N ALA A 319 17.40 21.85 -5.92
CA ALA A 319 18.57 22.68 -6.13
C ALA A 319 19.56 21.94 -7.03
N THR A 320 20.12 22.65 -7.99
CA THR A 320 21.19 22.11 -8.79
C THR A 320 22.43 22.97 -8.58
N GLY A 321 22.24 24.27 -8.51
CA GLY A 321 23.33 25.20 -8.24
C GLY A 321 23.48 25.49 -6.76
N LEU A 322 24.10 26.61 -6.45
CA LEU A 322 24.45 26.91 -5.07
C LEU A 322 23.61 28.06 -4.52
N ARG A 323 23.75 28.28 -3.23
CA ARG A 323 23.15 29.42 -2.58
C ARG A 323 23.51 30.72 -3.31
N ASN A 324 22.54 31.57 -3.56
CA ASN A 324 22.78 32.77 -4.35
C ASN A 324 22.99 33.98 -3.48
N ILE A 325 24.22 34.49 -3.48
CA ILE A 325 24.58 35.61 -2.62
C ILE A 325 25.30 36.69 -3.41
N PRO A 326 24.54 37.53 -4.11
CA PRO A 326 25.07 38.70 -4.83
C PRO A 326 25.21 39.89 -3.90
N GLY B 1 26.95 27.16 6.65
CA GLY B 1 27.01 25.90 5.85
C GLY B 1 28.04 24.94 6.41
N LEU B 2 27.89 23.67 6.07
CA LEU B 2 28.65 22.60 6.67
C LEU B 2 30.16 22.73 6.53
N PHE B 3 30.61 23.29 5.43
CA PHE B 3 32.05 23.30 5.14
C PHE B 3 32.65 24.69 5.25
N GLY B 4 31.80 25.66 5.58
CA GLY B 4 32.29 26.93 6.06
C GLY B 4 32.77 27.92 5.02
N ALA B 5 32.66 27.59 3.73
CA ALA B 5 33.18 28.51 2.72
C ALA B 5 32.09 29.43 2.18
N ILE B 6 31.02 28.84 1.64
CA ILE B 6 29.98 29.65 1.05
C ILE B 6 29.19 30.34 2.15
N ALA B 7 28.96 31.65 1.98
CA ALA B 7 28.30 32.46 3.02
C ALA B 7 29.03 32.28 4.34
N GLY B 8 30.32 31.99 4.25
CA GLY B 8 31.12 31.69 5.42
C GLY B 8 32.34 32.58 5.37
N PHE B 9 33.52 31.97 5.32
CA PHE B 9 34.74 32.75 5.23
C PHE B 9 34.89 33.41 3.86
N ILE B 10 34.09 32.96 2.90
CA ILE B 10 33.93 33.71 1.65
C ILE B 10 32.51 34.30 1.64
N GLU B 11 32.42 35.52 2.13
CA GLU B 11 31.15 36.19 2.41
C GLU B 11 30.09 35.96 1.36
N GLY B 12 30.44 36.17 0.10
CA GLY B 12 29.46 36.11 -0.97
C GLY B 12 30.01 35.71 -2.33
N GLY B 13 29.11 35.64 -3.30
CA GLY B 13 29.42 35.20 -4.64
C GLY B 13 29.69 36.33 -5.62
N TRP B 14 30.08 35.91 -6.83
CA TRP B 14 30.54 36.81 -7.86
C TRP B 14 29.61 36.86 -9.06
N THR B 15 28.85 37.93 -9.21
CA THR B 15 28.01 38.07 -10.39
C THR B 15 28.89 38.25 -11.62
N GLY B 16 30.13 38.67 -11.39
CA GLY B 16 31.09 38.88 -12.46
C GLY B 16 31.59 37.59 -13.07
N MET B 17 31.54 36.49 -12.32
CA MET B 17 32.04 35.23 -12.84
C MET B 17 30.89 34.44 -13.43
N ILE B 18 30.75 34.48 -14.74
CA ILE B 18 29.58 33.93 -15.42
C ILE B 18 29.77 32.52 -15.99
N ASP B 19 31.02 32.08 -16.17
CA ASP B 19 31.31 30.86 -16.93
C ASP B 19 31.53 29.59 -16.10
N GLY B 20 31.20 29.64 -14.82
CA GLY B 20 31.32 28.46 -13.97
C GLY B 20 30.75 28.70 -12.59
N TRP B 21 30.65 27.62 -11.81
CA TRP B 21 30.18 27.70 -10.44
C TRP B 21 31.24 28.16 -9.46
N TYR B 22 32.49 27.83 -9.75
CA TYR B 22 33.62 28.11 -8.86
C TYR B 22 34.77 28.63 -9.68
N GLY B 23 35.58 29.51 -9.11
CA GLY B 23 36.76 29.96 -9.82
C GLY B 23 37.57 30.98 -9.06
N TYR B 24 38.18 31.90 -9.80
CA TYR B 24 39.22 32.77 -9.23
C TYR B 24 39.04 34.18 -9.72
N HIS B 25 39.40 35.13 -8.87
CA HIS B 25 39.57 36.51 -9.29
C HIS B 25 40.97 36.91 -8.93
N HIS B 26 41.65 37.54 -9.87
CA HIS B 26 43.02 37.94 -9.64
C HIS B 26 43.22 39.39 -10.03
N GLN B 27 44.25 39.96 -9.43
CA GLN B 27 44.77 41.25 -9.83
C GLN B 27 46.28 41.15 -9.77
N ASN B 28 46.94 41.51 -10.86
CA ASN B 28 48.39 41.69 -10.88
C ASN B 28 48.72 43.01 -11.58
N GLU B 29 49.97 43.20 -11.99
CA GLU B 29 50.38 44.44 -12.66
C GLU B 29 49.79 44.55 -14.07
N GLN B 30 49.40 43.42 -14.65
CA GLN B 30 48.85 43.37 -16.00
C GLN B 30 47.35 43.68 -16.08
N GLY B 31 46.67 43.56 -14.94
CA GLY B 31 45.23 43.77 -14.89
C GLY B 31 44.49 42.74 -14.04
N SER B 32 43.17 42.90 -13.96
CA SER B 32 42.31 42.04 -13.15
C SER B 32 41.46 41.16 -14.02
N GLY B 33 40.82 40.15 -13.40
CA GLY B 33 39.82 39.36 -14.07
C GLY B 33 39.26 38.17 -13.30
N TYR B 34 38.11 37.66 -13.75
CA TYR B 34 37.51 36.43 -13.24
C TYR B 34 37.79 35.28 -14.20
N ALA B 35 37.90 34.07 -13.68
CA ALA B 35 38.08 32.90 -14.52
C ALA B 35 37.50 31.70 -13.80
N ALA B 36 36.61 30.97 -14.47
CA ALA B 36 36.05 29.77 -13.86
C ALA B 36 37.10 28.67 -13.77
N ASP B 37 36.99 27.83 -12.76
CA ASP B 37 37.84 26.64 -12.67
C ASP B 37 37.17 25.47 -13.38
N GLN B 38 37.75 25.05 -14.50
CA GLN B 38 37.11 24.04 -15.34
C GLN B 38 36.87 22.72 -14.61
N LYS B 39 37.95 22.18 -14.03
CA LYS B 39 37.94 20.90 -13.34
C LYS B 39 36.86 20.82 -12.25
N SER B 40 36.84 21.80 -11.36
CA SER B 40 35.92 21.82 -10.24
C SER B 40 34.49 21.89 -10.75
N THR B 41 34.21 22.92 -11.56
CA THR B 41 32.86 23.14 -12.03
C THR B 41 32.32 21.90 -12.76
N GLN B 42 33.17 21.27 -13.55
CA GLN B 42 32.73 20.18 -14.41
C GLN B 42 32.39 18.97 -13.57
N ASN B 43 33.26 18.63 -12.63
CA ASN B 43 32.98 17.53 -11.71
C ASN B 43 31.68 17.76 -10.98
N ALA B 44 31.42 19.00 -10.60
CA ALA B 44 30.18 19.33 -9.91
C ALA B 44 28.98 19.16 -10.84
N ILE B 45 29.15 19.51 -12.11
CA ILE B 45 28.07 19.39 -13.06
C ILE B 45 27.73 17.94 -13.34
N ASP B 46 28.75 17.08 -13.37
CA ASP B 46 28.53 15.67 -13.66
C ASP B 46 27.79 15.03 -12.48
N GLY B 47 28.26 15.34 -11.27
CA GLY B 47 27.66 14.82 -10.05
C GLY B 47 26.20 15.20 -9.92
N ILE B 48 25.90 16.48 -10.14
CA ILE B 48 24.55 16.98 -9.95
C ILE B 48 23.66 16.44 -11.05
N THR B 49 24.19 16.35 -12.25
CA THR B 49 23.42 15.78 -13.34
C THR B 49 23.03 14.35 -12.98
N ASN B 50 23.97 13.62 -12.38
CA ASN B 50 23.74 12.21 -12.07
C ASN B 50 22.72 12.09 -10.95
N LYS B 51 22.76 13.02 -10.01
CA LYS B 51 21.84 12.98 -8.87
C LYS B 51 20.41 13.23 -9.35
N VAL B 52 20.25 14.21 -10.21
CA VAL B 52 18.95 14.52 -10.75
C VAL B 52 18.43 13.33 -11.55
N ASN B 53 19.28 12.73 -12.38
CA ASN B 53 18.82 11.61 -13.20
C ASN B 53 18.48 10.37 -12.36
N SER B 54 19.19 10.18 -11.25
CA SER B 54 18.95 9.01 -10.40
C SER B 54 17.59 9.14 -9.72
N VAL B 55 17.32 10.33 -9.19
CA VAL B 55 16.03 10.65 -8.59
C VAL B 55 14.92 10.36 -9.57
N ILE B 56 15.01 10.95 -10.75
CA ILE B 56 14.00 10.74 -11.78
C ILE B 56 13.86 9.25 -12.12
N GLU B 57 14.97 8.54 -12.23
CA GLU B 57 14.93 7.15 -12.69
C GLU B 57 14.27 6.22 -11.67
N LYS B 58 14.37 6.56 -10.39
CA LYS B 58 13.72 5.76 -9.34
C LYS B 58 12.20 5.92 -9.34
N MET B 59 11.70 6.99 -9.97
CA MET B 59 10.27 7.25 -10.03
C MET B 59 9.70 6.71 -11.34
N ASN B 60 9.49 5.39 -11.42
CA ASN B 60 8.82 4.78 -12.57
C ASN B 60 7.46 5.44 -12.83
N THR B 61 7.14 5.68 -14.10
CA THR B 61 5.97 6.48 -14.47
C THR B 61 4.65 5.81 -14.11
N GLN B 62 3.60 6.63 -14.01
CA GLN B 62 2.25 6.17 -13.73
C GLN B 62 1.55 5.81 -15.06
N PHE B 63 1.11 4.57 -15.18
CA PHE B 63 0.31 4.14 -16.32
C PHE B 63 -1.15 4.26 -15.96
N THR B 64 -2.01 3.90 -16.90
CA THR B 64 -3.44 4.16 -16.78
C THR B 64 -3.95 3.76 -15.41
N ALA B 65 -4.61 4.69 -14.75
CA ALA B 65 -5.14 4.49 -13.41
C ALA B 65 -6.44 5.25 -13.28
N VAL B 66 -7.54 4.52 -13.18
CA VAL B 66 -8.84 5.17 -13.15
C VAL B 66 -9.69 4.67 -11.97
N GLY B 67 -10.78 5.37 -11.69
CA GLY B 67 -11.66 4.99 -10.61
C GLY B 67 -12.31 3.64 -10.89
N LYS B 68 -12.82 3.03 -9.84
CA LYS B 68 -13.66 1.84 -9.97
C LYS B 68 -15.03 2.19 -9.43
N GLU B 69 -16.05 1.55 -9.97
CA GLU B 69 -17.39 1.72 -9.46
C GLU B 69 -17.84 0.54 -8.57
N PHE B 70 -18.65 0.85 -7.58
CA PHE B 70 -19.08 -0.13 -6.61
C PHE B 70 -20.56 0.09 -6.35
N ASN B 71 -21.32 -0.99 -6.20
CA ASN B 71 -22.74 -0.80 -5.90
C ASN B 71 -23.00 -0.50 -4.41
N ASN B 72 -24.27 -0.26 -4.09
CA ASN B 72 -24.67 0.20 -2.77
C ASN B 72 -24.52 -0.86 -1.67
N LEU B 73 -24.25 -2.08 -2.07
CA LEU B 73 -23.94 -3.17 -1.14
C LEU B 73 -22.46 -3.56 -1.16
N GLU B 74 -21.61 -2.69 -1.72
CA GLU B 74 -20.20 -2.96 -1.80
C GLU B 74 -19.39 -1.83 -1.15
N ARG B 75 -19.95 -1.26 -0.09
N ARG B 75 -19.94 -1.26 -0.08
CA ARG B 75 -19.30 -0.19 0.65
CA ARG B 75 -19.30 -0.18 0.67
C ARG B 75 -17.95 -0.59 1.25
C ARG B 75 -17.98 -0.56 1.34
N ARG B 76 -17.85 -1.81 1.77
CA ARG B 76 -16.58 -2.28 2.36
C ARG B 76 -15.46 -2.31 1.35
N ILE B 77 -15.74 -2.84 0.17
N ILE B 77 -15.71 -2.85 0.16
CA ILE B 77 -14.74 -2.91 -0.87
CA ILE B 77 -14.65 -2.89 -0.81
C ILE B 77 -14.44 -1.53 -1.43
C ILE B 77 -14.42 -1.52 -1.46
N GLU B 78 -15.46 -0.69 -1.53
CA GLU B 78 -15.27 0.67 -2.01
C GLU B 78 -14.36 1.45 -1.04
N ASN B 79 -14.58 1.27 0.25
CA ASN B 79 -13.77 1.93 1.26
C ASN B 79 -12.35 1.37 1.26
N LEU B 80 -12.21 0.07 1.00
CA LEU B 80 -10.90 -0.56 0.91
C LEU B 80 -10.11 0.03 -0.28
N ASN B 81 -10.81 0.21 -1.39
CA ASN B 81 -10.19 0.78 -2.57
C ASN B 81 -9.71 2.19 -2.27
N LYS B 82 -10.54 2.95 -1.56
CA LYS B 82 -10.20 4.32 -1.19
C LYS B 82 -9.01 4.34 -0.22
N LYS B 83 -8.95 3.40 0.70
CA LYS B 83 -7.88 3.34 1.67
C LYS B 83 -6.58 3.07 0.96
N VAL B 84 -6.62 2.18 -0.03
CA VAL B 84 -5.46 1.83 -0.79
C VAL B 84 -4.99 3.07 -1.57
N ASP B 85 -5.90 3.76 -2.25
CA ASP B 85 -5.47 4.87 -3.10
C ASP B 85 -4.87 6.02 -2.28
N ASP B 86 -5.58 6.40 -1.22
CA ASP B 86 -5.13 7.44 -0.31
C ASP B 86 -3.80 7.06 0.33
N GLY B 87 -3.64 5.78 0.67
CA GLY B 87 -2.46 5.31 1.39
C GLY B 87 -1.24 5.41 0.53
N PHE B 88 -1.36 4.95 -0.72
CA PHE B 88 -0.25 5.01 -1.66
C PHE B 88 0.06 6.49 -1.98
N LEU B 89 -0.99 7.31 -2.06
CA LEU B 89 -0.81 8.72 -2.36
C LEU B 89 -0.07 9.42 -1.20
N ASP B 90 -0.38 9.04 0.04
CA ASP B 90 0.29 9.60 1.21
C ASP B 90 1.79 9.27 1.13
N ILE B 91 2.07 8.01 0.83
CA ILE B 91 3.44 7.52 0.82
C ILE B 91 4.25 8.19 -0.27
N TRP B 92 3.67 8.33 -1.46
CA TRP B 92 4.45 8.89 -2.57
C TRP B 92 4.64 10.40 -2.41
N THR B 93 3.68 11.09 -1.80
CA THR B 93 3.81 12.53 -1.56
C THR B 93 4.90 12.75 -0.53
N TYR B 94 4.90 11.90 0.48
CA TYR B 94 5.91 11.93 1.52
C TYR B 94 7.29 11.68 0.95
N ASN B 95 7.42 10.66 0.09
CA ASN B 95 8.73 10.26 -0.40
C ASN B 95 9.27 11.32 -1.32
N ALA B 96 8.41 11.91 -2.14
CA ALA B 96 8.86 12.95 -3.06
C ALA B 96 9.34 14.17 -2.29
N GLU B 97 8.51 14.63 -1.36
CA GLU B 97 8.81 15.87 -0.68
C GLU B 97 10.07 15.72 0.17
N LEU B 98 10.20 14.56 0.79
CA LEU B 98 11.28 14.31 1.71
C LEU B 98 12.58 14.13 0.94
N LEU B 99 12.52 13.44 -0.21
CA LEU B 99 13.72 13.23 -1.00
C LEU B 99 14.26 14.57 -1.48
N VAL B 100 13.37 15.45 -1.96
CA VAL B 100 13.82 16.77 -2.41
C VAL B 100 14.39 17.61 -1.26
N LEU B 101 13.76 17.58 -0.09
CA LEU B 101 14.31 18.30 1.07
C LEU B 101 15.74 17.85 1.42
N LEU B 102 15.94 16.54 1.46
CA LEU B 102 17.20 16.00 1.96
C LEU B 102 18.31 16.16 0.95
N GLU B 103 17.97 15.89 -0.30
CA GLU B 103 18.93 16.08 -1.36
C GLU B 103 19.28 17.55 -1.57
N ASN B 104 18.34 18.47 -1.34
CA ASN B 104 18.64 19.88 -1.46
C ASN B 104 19.67 20.27 -0.42
N GLU B 105 19.48 19.79 0.81
CA GLU B 105 20.51 20.03 1.83
C GLU B 105 21.89 19.52 1.35
N ARG B 106 21.91 18.30 0.83
CA ARG B 106 23.15 17.69 0.37
C ARG B 106 23.78 18.43 -0.82
N THR B 107 22.97 18.98 -1.70
CA THR B 107 23.51 19.66 -2.87
C THR B 107 24.21 20.94 -2.46
N LEU B 108 23.54 21.69 -1.60
CA LEU B 108 24.09 22.94 -1.14
C LEU B 108 25.42 22.68 -0.44
N ASP B 109 25.45 21.66 0.41
CA ASP B 109 26.69 21.31 1.12
C ASP B 109 27.79 20.75 0.22
N PHE B 110 27.40 20.09 -0.87
CA PHE B 110 28.33 19.59 -1.86
C PHE B 110 29.09 20.77 -2.49
N HIS B 111 28.34 21.79 -2.86
CA HIS B 111 28.92 22.99 -3.42
C HIS B 111 29.85 23.65 -2.41
N ASP B 112 29.38 23.74 -1.18
CA ASP B 112 30.17 24.41 -0.13
C ASP B 112 31.51 23.71 0.06
N SER B 113 31.48 22.39 -0.05
CA SER B 113 32.65 21.53 0.06
C SER B 113 33.57 21.72 -1.14
N ASN B 114 32.98 21.87 -2.31
CA ASN B 114 33.76 22.05 -3.52
C ASN B 114 34.57 23.35 -3.44
N VAL B 115 33.94 24.38 -2.89
CA VAL B 115 34.62 25.67 -2.72
C VAL B 115 35.73 25.54 -1.66
N ARG B 116 35.42 24.93 -0.53
CA ARG B 116 36.43 24.74 0.51
C ARG B 116 37.66 24.00 -0.03
N ASN B 117 37.42 22.97 -0.84
CA ASN B 117 38.51 22.08 -1.26
C ASN B 117 39.35 22.81 -2.31
N LEU B 118 38.70 23.62 -3.12
CA LEU B 118 39.42 24.43 -4.11
C LEU B 118 40.35 25.43 -3.42
N TYR B 119 39.85 26.07 -2.37
CA TYR B 119 40.61 27.05 -1.62
C TYR B 119 41.79 26.36 -0.94
N GLU B 120 41.57 25.15 -0.44
CA GLU B 120 42.65 24.40 0.23
C GLU B 120 43.72 23.93 -0.75
N LYS B 121 43.31 23.59 -1.96
CA LYS B 121 44.23 23.14 -2.99
C LYS B 121 45.20 24.29 -3.32
N VAL B 122 44.63 25.47 -3.56
CA VAL B 122 45.42 26.65 -3.84
C VAL B 122 46.35 26.95 -2.66
N LYS B 123 45.81 26.87 -1.45
CA LYS B 123 46.58 27.14 -0.24
C LYS B 123 47.83 26.29 -0.13
N SER B 124 47.71 24.99 -0.39
CA SER B 124 48.88 24.11 -0.29
C SER B 124 49.81 24.25 -1.49
N GLN B 125 49.30 24.73 -2.62
CA GLN B 125 50.21 25.08 -3.70
C GLN B 125 51.10 26.26 -3.31
N LEU B 126 50.49 27.29 -2.75
CA LEU B 126 51.18 28.54 -2.51
C LEU B 126 52.10 28.48 -1.29
N LYS B 127 51.70 27.73 -0.28
CA LYS B 127 52.49 27.66 0.94
C LYS B 127 52.80 29.07 1.43
N ASN B 128 54.05 29.34 1.80
CA ASN B 128 54.39 30.67 2.30
C ASN B 128 54.86 31.68 1.23
N ASN B 129 54.59 31.38 -0.05
CA ASN B 129 54.81 32.35 -1.11
C ASN B 129 53.69 33.36 -1.19
N ALA B 130 52.63 33.12 -0.43
CA ALA B 130 51.55 34.09 -0.30
C ALA B 130 51.07 34.15 1.14
N LYS B 131 50.48 35.28 1.54
CA LYS B 131 49.80 35.38 2.82
C LYS B 131 48.29 35.21 2.63
N GLU B 132 47.68 34.42 3.51
CA GLU B 132 46.24 34.28 3.55
C GLU B 132 45.61 35.52 4.15
N ILE B 133 44.75 36.19 3.40
CA ILE B 133 43.96 37.28 3.98
C ILE B 133 42.85 36.75 4.89
N GLY B 134 42.09 35.77 4.41
CA GLY B 134 41.07 35.14 5.22
C GLY B 134 39.66 35.19 4.63
N ASN B 135 39.51 36.00 3.58
CA ASN B 135 38.22 36.17 2.90
C ASN B 135 38.19 35.41 1.58
N GLY B 136 39.02 34.38 1.50
CA GLY B 136 39.19 33.62 0.28
C GLY B 136 40.33 34.08 -0.60
N CYS B 137 41.10 35.04 -0.11
CA CYS B 137 42.12 35.68 -0.92
C CYS B 137 43.54 35.40 -0.45
N PHE B 138 44.45 35.33 -1.41
CA PHE B 138 45.87 35.19 -1.15
C PHE B 138 46.62 36.37 -1.79
N GLU B 139 47.56 36.94 -1.05
CA GLU B 139 48.43 37.99 -1.60
C GLU B 139 49.86 37.43 -1.76
N PHE B 140 50.36 37.41 -2.98
CA PHE B 140 51.64 36.80 -3.26
C PHE B 140 52.78 37.65 -2.68
N TYR B 141 53.92 37.00 -2.42
CA TYR B 141 55.12 37.72 -1.99
C TYR B 141 56.06 38.01 -3.16
N HIS B 142 55.65 37.60 -4.35
CA HIS B 142 56.46 37.78 -5.55
C HIS B 142 55.57 38.27 -6.71
N LYS B 143 56.19 38.65 -7.81
CA LYS B 143 55.45 39.02 -9.01
C LYS B 143 54.83 37.78 -9.66
N CYS B 144 53.54 37.84 -9.90
CA CYS B 144 52.82 36.69 -10.45
C CYS B 144 52.07 37.13 -11.69
N ASP B 145 52.74 37.02 -12.84
CA ASP B 145 52.16 37.46 -14.11
C ASP B 145 51.03 36.53 -14.55
N ASP B 146 50.44 36.81 -15.70
CA ASP B 146 49.32 36.03 -16.20
C ASP B 146 49.63 34.53 -16.34
N ALA B 147 50.86 34.19 -16.69
CA ALA B 147 51.26 32.79 -16.85
C ALA B 147 51.40 32.10 -15.49
N CYS B 148 51.92 32.83 -14.52
CA CYS B 148 52.04 32.36 -13.15
C CYS B 148 50.64 32.11 -12.58
N MET B 149 49.77 33.12 -12.70
CA MET B 149 48.38 33.00 -12.28
C MET B 149 47.73 31.78 -12.92
N GLU B 150 47.98 31.58 -14.21
CA GLU B 150 47.34 30.46 -14.91
C GLU B 150 47.84 29.13 -14.34
N SER B 151 49.12 29.08 -13.99
CA SER B 151 49.66 27.87 -13.38
C SER B 151 49.01 27.61 -12.02
N VAL B 152 48.66 28.65 -11.29
CA VAL B 152 47.95 28.48 -10.03
C VAL B 152 46.58 27.90 -10.30
N ARG B 153 45.90 28.44 -11.31
CA ARG B 153 44.54 27.98 -11.65
C ARG B 153 44.50 26.53 -12.11
N ASN B 154 45.52 26.10 -12.84
CA ASN B 154 45.51 24.74 -13.39
C ASN B 154 46.30 23.70 -12.58
N GLY B 155 46.78 24.07 -11.40
CA GLY B 155 47.41 23.14 -10.47
C GLY B 155 48.90 22.88 -10.66
N THR B 156 49.56 23.68 -11.49
CA THR B 156 50.97 23.43 -11.81
C THR B 156 51.85 24.61 -11.42
N TYR B 157 51.59 25.17 -10.25
CA TYR B 157 52.34 26.31 -9.74
C TYR B 157 53.68 25.81 -9.24
N ASP B 158 54.73 26.52 -9.62
CA ASP B 158 56.10 26.10 -9.34
C ASP B 158 56.61 26.84 -8.11
N TYR B 159 56.47 26.23 -6.95
CA TYR B 159 56.80 26.91 -5.70
C TYR B 159 58.27 27.33 -5.57
N PRO B 160 59.21 26.38 -5.82
CA PRO B 160 60.65 26.67 -5.76
C PRO B 160 61.05 27.86 -6.61
N LYS B 161 60.48 27.90 -7.81
CA LYS B 161 60.72 28.97 -8.75
C LYS B 161 60.66 30.36 -8.09
N TYR B 162 59.72 30.55 -7.17
CA TYR B 162 59.49 31.87 -6.59
C TYR B 162 59.79 31.93 -5.09
N SER B 163 60.13 30.79 -4.49
CA SER B 163 60.51 30.77 -3.08
C SER B 163 61.58 31.81 -2.66
N GLU B 164 62.55 32.09 -3.51
CA GLU B 164 63.65 32.95 -3.09
C GLU B 164 63.23 34.42 -3.05
N GLU B 165 62.62 34.88 -4.14
CA GLU B 165 61.99 36.19 -4.19
C GLU B 165 61.04 36.43 -3.00
N SER B 166 60.19 35.43 -2.72
CA SER B 166 59.16 35.55 -1.68
C SER B 166 59.75 35.67 -0.28
N LYS B 167 60.72 34.82 0.04
CA LYS B 167 61.47 34.92 1.30
C LYS B 167 62.04 36.33 1.47
N LEU B 168 62.73 36.82 0.44
CA LEU B 168 63.29 38.16 0.49
C LEU B 168 62.24 39.18 0.95
N ASN B 169 61.12 39.22 0.23
CA ASN B 169 60.07 40.20 0.55
C ASN B 169 59.36 39.89 1.86
N ARG B 170 59.38 38.62 2.23
CA ARG B 170 58.71 38.12 3.42
C ARG B 170 59.62 38.25 4.66
N ASP C 5 48.01 34.61 28.19
CA ASP C 5 46.55 34.67 28.13
C ASP C 5 46.03 33.72 27.06
N THR C 6 44.85 33.14 27.29
CA THR C 6 44.30 32.12 26.40
C THR C 6 42.81 32.27 26.16
N ILE C 7 42.39 31.86 24.98
CA ILE C 7 40.97 31.72 24.63
C ILE C 7 40.78 30.35 24.04
N CYS C 8 39.71 29.66 24.45
CA CYS C 8 39.41 28.32 23.96
C CYS C 8 38.01 28.27 23.37
N ILE C 9 37.84 27.40 22.37
CA ILE C 9 36.54 27.11 21.77
C ILE C 9 36.03 25.84 22.40
N GLY C 10 34.71 25.70 22.50
CA GLY C 10 34.16 24.57 23.20
C GLY C 10 32.68 24.45 22.96
N TYR C 11 32.11 23.39 23.50
CA TYR C 11 30.71 23.10 23.30
C TYR C 11 30.08 22.61 24.61
N HIS C 12 28.76 22.77 24.69
CA HIS C 12 27.98 22.56 25.90
C HIS C 12 27.97 21.10 26.33
N ALA C 13 27.96 20.87 27.64
CA ALA C 13 27.56 19.55 28.15
C ALA C 13 26.65 19.74 29.35
N ASN C 14 25.80 18.77 29.63
CA ASN C 14 24.93 18.81 30.80
C ASN C 14 24.83 17.42 31.42
N ASN C 15 23.84 17.20 32.28
CA ASN C 15 23.70 15.90 32.94
C ASN C 15 22.66 15.01 32.25
N SER C 16 22.36 15.34 30.99
CA SER C 16 21.39 14.60 30.20
C SER C 16 21.78 13.14 30.11
N THR C 17 20.79 12.28 30.31
CA THR C 17 20.96 10.85 30.11
C THR C 17 20.15 10.37 28.89
N ASP C 18 19.50 11.30 28.18
CA ASP C 18 18.80 10.98 26.93
C ASP C 18 19.74 10.33 25.91
N THR C 19 19.30 9.23 25.31
CA THR C 19 20.02 8.60 24.19
C THR C 19 19.19 8.51 22.91
N VAL C 20 19.91 8.51 21.79
CA VAL C 20 19.29 8.35 20.49
C VAL C 20 20.12 7.35 19.72
N ASP C 21 19.51 6.73 18.73
CA ASP C 21 20.25 5.86 17.83
C ASP C 21 20.60 6.62 16.59
N THR C 22 21.76 6.29 16.06
CA THR C 22 22.18 6.80 14.78
C THR C 22 22.55 5.60 13.92
N VAL C 23 22.78 5.86 12.63
CA VAL C 23 23.13 4.78 11.73
C VAL C 23 24.48 4.12 12.03
N LEU C 24 25.46 4.88 12.56
CA LEU C 24 26.81 4.37 12.79
C LEU C 24 27.00 3.82 14.19
N GLU C 25 26.18 4.25 15.14
CA GLU C 25 26.27 3.74 16.51
C GLU C 25 24.95 3.91 17.27
N LYS C 26 24.71 3.01 18.21
CA LYS C 26 23.45 3.00 18.95
C LYS C 26 23.66 3.66 20.31
N ASN C 27 22.58 4.11 20.93
CA ASN C 27 22.66 4.61 22.30
C ASN C 27 23.70 5.70 22.49
N VAL C 28 23.58 6.76 21.71
CA VAL C 28 24.42 7.94 21.91
C VAL C 28 23.73 8.94 22.83
N THR C 29 24.44 9.37 23.85
CA THR C 29 23.88 10.31 24.82
C THR C 29 24.02 11.72 24.26
N VAL C 30 22.90 12.43 24.25
CA VAL C 30 22.89 13.78 23.70
C VAL C 30 22.46 14.78 24.75
N THR C 31 22.75 16.05 24.53
CA THR C 31 22.46 17.07 25.53
C THR C 31 20.99 17.44 25.53
N HIS C 32 20.36 17.33 24.37
CA HIS C 32 18.94 17.60 24.22
C HIS C 32 18.36 16.70 23.16
N SER C 33 17.07 16.42 23.30
CA SER C 33 16.36 15.60 22.35
C SER C 33 14.85 15.74 22.53
N VAL C 34 14.10 15.23 21.57
CA VAL C 34 12.67 15.24 21.65
C VAL C 34 12.11 13.89 21.24
N ASN C 35 11.14 13.43 22.02
CA ASN C 35 10.43 12.19 21.73
C ASN C 35 9.32 12.46 20.71
N LEU C 36 9.25 11.65 19.67
CA LEU C 36 8.23 11.82 18.64
C LEU C 36 7.14 10.75 18.75
N LEU C 37 7.26 9.89 19.76
CA LEU C 37 6.40 8.70 19.85
C LEU C 37 5.57 8.71 21.12
N GLU C 38 4.25 8.83 20.95
CA GLU C 38 3.31 8.82 22.06
C GLU C 38 3.06 7.37 22.47
N ASP C 39 3.25 7.06 23.74
CA ASP C 39 3.01 5.70 24.22
C ASP C 39 2.10 5.72 25.43
N SER C 40 1.42 6.84 25.65
CA SER C 40 0.55 6.97 26.80
C SER C 40 -0.89 7.38 26.46
N HIS C 41 -1.83 6.74 27.16
CA HIS C 41 -3.24 7.03 27.03
C HIS C 41 -3.89 6.97 28.41
N ASN C 42 -5.15 7.36 28.50
CA ASN C 42 -5.80 7.48 29.80
C ASN C 42 -6.69 6.31 30.18
N GLY C 43 -6.70 5.26 29.36
CA GLY C 43 -7.36 4.00 29.70
C GLY C 43 -8.87 4.01 29.72
N LYS C 44 -9.47 5.14 29.33
CA LYS C 44 -10.92 5.28 29.31
C LYS C 44 -11.49 5.48 27.89
N LEU C 45 -12.81 5.31 27.75
CA LEU C 45 -13.54 5.67 26.54
C LEU C 45 -14.27 7.00 26.74
N CYS C 46 -13.91 7.99 25.95
CA CYS C 46 -14.37 9.35 26.16
C CYS C 46 -15.31 9.85 25.08
N LYS C 47 -15.82 11.05 25.31
CA LYS C 47 -16.59 11.78 24.29
C LYS C 47 -15.71 12.41 23.20
N LEU C 48 -16.33 12.63 22.04
CA LEU C 48 -15.75 13.41 20.94
C LEU C 48 -16.73 14.51 20.61
N LYS C 49 -16.24 15.72 20.42
CA LYS C 49 -17.12 16.85 20.19
C LYS C 49 -18.11 16.86 21.35
N GLY C 50 -17.64 16.44 22.51
CA GLY C 50 -18.49 16.33 23.69
C GLY C 50 -19.72 15.44 23.56
N ILE C 51 -19.66 14.45 22.68
CA ILE C 51 -20.76 13.51 22.54
C ILE C 51 -20.29 12.12 22.98
N ALA C 52 -21.12 11.44 23.76
CA ALA C 52 -20.80 10.15 24.34
C ALA C 52 -20.94 9.00 23.33
N PRO C 53 -20.13 7.95 23.52
CA PRO C 53 -20.23 6.80 22.64
C PRO C 53 -21.42 5.96 23.04
N LEU C 54 -21.89 5.10 22.13
CA LEU C 54 -22.98 4.19 22.44
C LEU C 54 -22.35 2.86 22.84
N GLN C 55 -22.57 2.43 24.09
CA GLN C 55 -22.02 1.18 24.57
C GLN C 55 -23.03 0.06 24.36
N LEU C 56 -22.70 -0.89 23.50
CA LEU C 56 -23.61 -2.01 23.26
C LEU C 56 -23.59 -3.09 24.36
N GLY C 57 -22.49 -3.19 25.11
CA GLY C 57 -22.43 -4.08 26.25
C GLY C 57 -22.50 -5.55 25.85
N LYS C 58 -23.55 -6.25 26.30
CA LYS C 58 -23.68 -7.67 26.01
C LYS C 58 -24.30 -7.90 24.63
N CYS C 59 -24.74 -6.82 24.00
CA CYS C 59 -25.33 -6.88 22.67
C CYS C 59 -24.34 -6.56 21.55
N ASN C 60 -24.67 -6.98 20.35
CA ASN C 60 -23.94 -6.56 19.18
C ASN C 60 -24.86 -5.75 18.29
N ILE C 61 -24.34 -5.32 17.13
CA ILE C 61 -25.09 -4.43 16.27
C ILE C 61 -26.42 -5.07 15.90
N ALA C 62 -26.41 -6.36 15.60
CA ALA C 62 -27.64 -7.06 15.22
C ALA C 62 -28.71 -7.06 16.33
N GLY C 63 -28.28 -7.35 17.56
CA GLY C 63 -29.14 -7.34 18.71
C GLY C 63 -29.71 -5.95 18.97
N TRP C 64 -28.90 -4.91 18.78
CA TRP C 64 -29.35 -3.55 18.92
C TRP C 64 -30.44 -3.19 17.89
N LEU C 65 -30.17 -3.36 16.61
CA LEU C 65 -31.09 -2.85 15.59
C LEU C 65 -32.37 -3.69 15.48
N LEU C 66 -32.25 -5.00 15.69
CA LEU C 66 -33.44 -5.85 15.78
C LEU C 66 -34.23 -5.68 17.07
N GLY C 67 -33.55 -5.26 18.14
CA GLY C 67 -34.11 -5.20 19.48
C GLY C 67 -34.23 -6.57 20.15
N ASN C 68 -33.14 -7.32 20.16
CA ASN C 68 -33.07 -8.51 20.96
C ASN C 68 -33.50 -8.12 22.37
N PRO C 69 -34.40 -8.90 22.95
CA PRO C 69 -34.92 -8.56 24.27
C PRO C 69 -33.87 -8.43 25.39
N GLU C 70 -32.65 -8.96 25.22
CA GLU C 70 -31.58 -8.73 26.20
C GLU C 70 -30.97 -7.34 26.09
N CYS C 71 -31.34 -6.59 25.05
CA CYS C 71 -30.71 -5.31 24.78
C CYS C 71 -31.64 -4.10 25.07
N ASP C 72 -32.63 -4.27 25.95
CA ASP C 72 -33.62 -3.21 26.15
C ASP C 72 -33.02 -1.85 26.59
N LEU C 73 -31.85 -1.85 27.22
CA LEU C 73 -31.18 -0.59 27.61
C LEU C 73 -30.90 0.32 26.44
N LEU C 74 -30.71 -0.28 25.27
CA LEU C 74 -30.36 0.47 24.08
C LEU C 74 -31.54 1.13 23.38
N LEU C 75 -32.76 0.78 23.80
CA LEU C 75 -33.97 1.22 23.12
C LEU C 75 -34.04 2.74 23.08
N THR C 76 -33.43 3.37 24.07
CA THR C 76 -33.46 4.80 24.18
C THR C 76 -32.33 5.48 23.45
N ALA C 77 -31.39 4.71 22.90
CA ALA C 77 -30.20 5.32 22.30
C ALA C 77 -30.58 6.04 21.02
N SER C 78 -30.02 7.21 20.78
CA SER C 78 -30.34 7.99 19.60
C SER C 78 -29.16 8.76 18.98
N SER C 79 -28.15 9.11 19.77
CA SER C 79 -26.97 9.76 19.19
C SER C 79 -25.68 9.33 19.90
N TRP C 80 -24.60 9.30 19.14
CA TRP C 80 -23.34 8.80 19.66
C TRP C 80 -22.15 9.32 18.84
N SER C 81 -20.98 9.33 19.45
CA SER C 81 -19.76 9.72 18.74
C SER C 81 -19.06 8.55 18.06
N TYR C 82 -19.18 7.36 18.66
CA TYR C 82 -18.77 6.11 18.07
C TYR C 82 -19.53 5.00 18.83
N ILE C 83 -19.44 3.78 18.33
CA ILE C 83 -20.18 2.64 18.88
C ILE C 83 -19.16 1.64 19.42
N VAL C 84 -19.44 1.05 20.58
CA VAL C 84 -18.51 0.18 21.26
C VAL C 84 -19.12 -1.20 21.47
N GLU C 85 -18.56 -2.22 20.81
CA GLU C 85 -18.81 -3.61 21.18
C GLU C 85 -17.73 -4.08 22.13
N THR C 86 -18.06 -5.10 22.92
CA THR C 86 -17.11 -5.63 23.90
C THR C 86 -16.84 -7.08 23.59
N SER C 87 -16.00 -7.70 24.41
CA SER C 87 -15.71 -9.12 24.30
C SER C 87 -16.91 -9.98 24.66
N ASN C 88 -17.91 -9.38 25.28
CA ASN C 88 -19.09 -10.12 25.68
C ASN C 88 -20.29 -9.77 24.82
N SER C 89 -20.06 -9.14 23.68
CA SER C 89 -21.14 -8.76 22.76
C SER C 89 -21.73 -9.94 21.98
N GLU C 90 -22.52 -10.76 22.66
CA GLU C 90 -23.02 -12.03 22.10
C GLU C 90 -24.53 -12.02 21.75
N ASN C 91 -25.30 -11.09 22.31
CA ASN C 91 -26.73 -11.04 21.98
C ASN C 91 -27.03 -10.30 20.68
N GLY C 92 -27.40 -11.10 19.69
CA GLY C 92 -27.68 -10.58 18.37
C GLY C 92 -28.97 -11.20 17.94
N THR C 93 -28.87 -12.10 16.97
CA THR C 93 -30.04 -12.86 16.51
C THR C 93 -30.33 -14.03 17.45
N CYS C 94 -31.40 -13.94 18.22
CA CYS C 94 -31.75 -15.00 19.14
C CYS C 94 -32.57 -16.13 18.48
N TYR C 95 -33.27 -15.84 17.38
CA TYR C 95 -33.83 -16.90 16.54
C TYR C 95 -32.81 -17.15 15.44
N PRO C 96 -32.33 -18.41 15.29
CA PRO C 96 -31.21 -18.72 14.40
C PRO C 96 -31.57 -18.46 12.95
N GLY C 97 -30.57 -18.03 12.21
CA GLY C 97 -30.73 -17.70 10.82
C GLY C 97 -29.61 -16.80 10.35
N ASP C 98 -29.72 -16.35 9.12
CA ASP C 98 -28.68 -15.55 8.50
C ASP C 98 -29.10 -14.06 8.46
N PHE C 99 -28.22 -13.16 8.88
CA PHE C 99 -28.49 -11.73 8.77
C PHE C 99 -27.82 -11.30 7.47
N ILE C 100 -28.65 -11.12 6.45
CA ILE C 100 -28.14 -10.91 5.11
C ILE C 100 -27.45 -9.53 5.00
N ASP C 101 -26.24 -9.56 4.46
CA ASP C 101 -25.40 -8.36 4.30
C ASP C 101 -25.19 -7.61 5.61
N TYR C 102 -24.92 -8.36 6.67
CA TYR C 102 -24.72 -7.84 7.97
C TYR C 102 -23.49 -6.94 8.02
N GLU C 103 -22.40 -7.39 7.38
CA GLU C 103 -21.14 -6.65 7.47
C GLU C 103 -21.27 -5.30 6.75
N GLU C 104 -22.04 -5.30 5.66
CA GLU C 104 -22.36 -4.08 4.97
C GLU C 104 -23.17 -3.11 5.81
N LEU C 105 -24.14 -3.60 6.57
CA LEU C 105 -24.92 -2.75 7.44
C LEU C 105 -24.00 -2.16 8.49
N ARG C 106 -23.06 -2.95 9.00
CA ARG C 106 -22.15 -2.41 9.98
C ARG C 106 -21.31 -1.28 9.36
N GLU C 107 -20.85 -1.48 8.13
CA GLU C 107 -20.09 -0.44 7.45
C GLU C 107 -20.93 0.84 7.28
N GLN C 108 -22.21 0.70 6.94
CA GLN C 108 -23.12 1.86 6.81
C GLN C 108 -23.23 2.61 8.11
N LEU C 109 -23.35 1.85 9.19
CA LEU C 109 -23.57 2.44 10.50
C LEU C 109 -22.36 3.23 10.91
N SER C 110 -21.20 2.80 10.49
CA SER C 110 -19.99 3.56 10.76
C SER C 110 -20.03 5.02 10.32
N SER C 111 -20.95 5.42 9.45
CA SER C 111 -21.06 6.84 9.07
C SER C 111 -22.40 7.43 9.50
N VAL C 112 -23.03 6.80 10.49
CA VAL C 112 -24.25 7.31 11.06
C VAL C 112 -23.91 7.86 12.45
N SER C 113 -24.25 9.12 12.71
CA SER C 113 -23.96 9.72 14.00
C SER C 113 -25.18 9.82 14.91
N SER C 114 -26.37 9.70 14.33
CA SER C 114 -27.59 9.68 15.12
C SER C 114 -28.78 9.16 14.32
N PHE C 115 -29.88 8.84 15.01
CA PHE C 115 -31.08 8.48 14.28
C PHE C 115 -32.30 8.85 15.09
N GLU C 116 -33.47 8.86 14.46
CA GLU C 116 -34.75 8.95 15.18
C GLU C 116 -35.53 7.68 14.87
N LYS C 117 -35.74 6.88 15.91
CA LYS C 117 -36.46 5.65 15.76
C LYS C 117 -37.91 6.05 15.67
N PHE C 118 -38.69 5.34 14.88
CA PHE C 118 -40.13 5.64 14.82
C PHE C 118 -40.89 4.38 14.46
N GLU C 119 -42.18 4.39 14.76
CA GLU C 119 -43.04 3.24 14.52
C GLU C 119 -43.47 3.21 13.05
N ILE C 120 -42.75 2.48 12.22
CA ILE C 120 -43.03 2.49 10.79
C ILE C 120 -44.39 1.87 10.50
N PHE C 121 -44.66 0.74 11.12
CA PHE C 121 -45.97 0.06 10.99
C PHE C 121 -46.49 -0.22 12.39
N PRO C 122 -47.33 0.66 12.91
CA PRO C 122 -47.82 0.47 14.28
C PRO C 122 -48.52 -0.85 14.48
N LYS C 123 -48.03 -1.62 15.45
CA LYS C 123 -48.55 -2.96 15.72
C LYS C 123 -50.08 -2.97 15.90
N THR C 124 -50.62 -1.99 16.59
CA THR C 124 -52.04 -2.00 16.95
C THR C 124 -53.00 -1.68 15.79
N SER C 125 -52.52 -1.07 14.72
CA SER C 125 -53.44 -0.61 13.67
C SER C 125 -53.04 -1.05 12.26
N SER C 126 -51.85 -1.59 12.09
CA SER C 126 -51.35 -1.91 10.75
C SER C 126 -51.89 -3.24 10.19
N TRP C 127 -52.35 -4.15 11.04
CA TRP C 127 -52.54 -5.54 10.65
C TRP C 127 -53.88 -6.12 11.11
N PRO C 128 -54.97 -5.48 10.73
CA PRO C 128 -56.30 -5.88 11.22
C PRO C 128 -56.71 -7.29 10.81
N ASN C 129 -56.12 -7.86 9.76
CA ASN C 129 -56.55 -9.17 9.32
C ASN C 129 -55.59 -10.30 9.68
N HIS C 130 -54.57 -9.99 10.49
CA HIS C 130 -53.58 -10.97 10.91
C HIS C 130 -53.40 -10.97 12.42
N GLU C 131 -52.89 -12.08 12.93
CA GLU C 131 -52.65 -12.18 14.37
C GLU C 131 -51.30 -11.52 14.69
N THR C 132 -51.34 -10.58 15.63
CA THR C 132 -50.15 -9.81 16.01
C THR C 132 -49.64 -10.15 17.40
N THR C 133 -50.33 -11.05 18.12
CA THR C 133 -50.02 -11.24 19.53
C THR C 133 -49.37 -12.58 19.91
N LYS C 134 -49.13 -13.44 18.94
CA LYS C 134 -48.70 -14.83 19.24
C LYS C 134 -47.31 -15.16 18.74
N GLY C 135 -46.64 -14.17 18.17
CA GLY C 135 -45.37 -14.42 17.53
C GLY C 135 -44.24 -14.26 18.53
N VAL C 136 -44.17 -15.21 19.45
CA VAL C 136 -43.14 -15.24 20.45
C VAL C 136 -42.48 -16.61 20.42
N THR C 137 -41.29 -16.70 21.02
CA THR C 137 -40.52 -17.93 21.01
C THR C 137 -39.62 -18.03 22.23
N ALA C 138 -39.36 -19.26 22.67
CA ALA C 138 -38.47 -19.47 23.82
C ALA C 138 -37.00 -19.19 23.38
N ALA C 139 -36.73 -19.23 22.09
CA ALA C 139 -35.40 -18.85 21.62
C ALA C 139 -35.09 -17.37 21.97
N CYS C 140 -36.13 -16.57 22.17
CA CYS C 140 -35.92 -15.15 22.52
C CYS C 140 -36.66 -14.82 23.79
N SER C 141 -36.27 -15.46 24.88
CA SER C 141 -36.97 -15.26 26.14
C SER C 141 -36.61 -13.95 26.81
N TYR C 142 -37.47 -13.56 27.73
CA TYR C 142 -37.31 -12.35 28.51
C TYR C 142 -38.09 -12.61 29.78
N ALA C 143 -37.42 -12.60 30.91
CA ALA C 143 -38.13 -12.77 32.18
C ALA C 143 -38.76 -14.15 32.26
N GLY C 144 -38.04 -15.16 31.78
CA GLY C 144 -38.53 -16.54 31.80
C GLY C 144 -39.74 -16.84 30.92
N ALA C 145 -40.12 -15.89 30.08
CA ALA C 145 -41.24 -16.07 29.18
C ALA C 145 -40.78 -15.91 27.72
N SER C 146 -41.41 -16.66 26.81
CA SER C 146 -41.17 -16.51 25.40
C SER C 146 -41.48 -15.09 24.97
N SER C 147 -40.64 -14.57 24.08
CA SER C 147 -40.77 -13.20 23.64
C SER C 147 -40.25 -13.10 22.23
N PHE C 148 -39.92 -11.89 21.80
CA PHE C 148 -39.47 -11.67 20.46
C PHE C 148 -38.78 -10.29 20.42
N TYR C 149 -38.11 -10.03 19.32
CA TYR C 149 -37.46 -8.75 19.03
C TYR C 149 -38.43 -7.60 19.20
N ARG C 150 -37.95 -6.46 19.71
CA ARG C 150 -38.84 -5.30 19.97
C ARG C 150 -39.11 -4.49 18.72
N ASN C 151 -38.25 -4.61 17.69
CA ASN C 151 -38.39 -3.77 16.50
C ASN C 151 -39.02 -4.44 15.31
N LEU C 152 -39.38 -5.73 15.47
CA LEU C 152 -40.03 -6.54 14.45
C LEU C 152 -41.27 -7.18 15.06
N LEU C 153 -42.17 -7.61 14.20
CA LEU C 153 -43.46 -8.18 14.59
C LEU C 153 -43.73 -9.45 13.81
N TRP C 154 -43.84 -10.55 14.53
CA TRP C 154 -44.03 -11.86 13.92
C TRP C 154 -45.51 -12.11 13.67
N LEU C 155 -45.96 -11.95 12.43
CA LEU C 155 -47.40 -12.05 12.10
C LEU C 155 -47.77 -13.51 11.83
N THR C 156 -48.95 -13.91 12.30
CA THR C 156 -49.41 -15.29 12.09
C THR C 156 -50.87 -15.27 11.67
N LYS C 157 -51.39 -16.45 11.36
CA LYS C 157 -52.75 -16.56 10.86
C LYS C 157 -53.74 -16.19 11.96
N LYS C 158 -54.82 -15.52 11.56
CA LYS C 158 -55.91 -15.18 12.45
C LYS C 158 -56.97 -16.25 12.24
N GLY C 159 -57.30 -16.98 13.29
CA GLY C 159 -58.17 -18.14 13.12
C GLY C 159 -57.47 -19.13 12.22
N SER C 160 -58.06 -19.41 11.07
CA SER C 160 -57.46 -20.37 10.17
C SER C 160 -57.22 -19.76 8.79
N SER C 161 -56.93 -18.46 8.75
CA SER C 161 -56.72 -17.81 7.47
C SER C 161 -55.63 -16.73 7.55
N TYR C 162 -54.73 -16.77 6.58
CA TYR C 162 -53.70 -15.73 6.45
C TYR C 162 -53.94 -15.10 5.07
N PRO C 163 -54.74 -14.05 5.04
CA PRO C 163 -55.04 -13.40 3.77
C PRO C 163 -53.81 -12.66 3.27
N LYS C 164 -53.78 -12.37 1.98
CA LYS C 164 -52.69 -11.59 1.39
C LYS C 164 -52.60 -10.23 2.05
N LEU C 165 -51.47 -9.91 2.64
CA LEU C 165 -51.27 -8.55 3.12
C LEU C 165 -50.48 -7.71 2.13
N SER C 166 -50.77 -6.41 2.19
CA SER C 166 -50.09 -5.43 1.40
C SER C 166 -49.97 -4.15 2.23
N LYS C 167 -48.76 -3.68 2.51
CA LYS C 167 -48.60 -2.53 3.38
C LYS C 167 -47.47 -1.71 2.83
N SER C 168 -47.67 -0.40 2.72
CA SER C 168 -46.63 0.47 2.20
C SER C 168 -46.32 1.57 3.18
N TYR C 169 -45.06 1.99 3.16
CA TYR C 169 -44.64 3.17 3.90
C TYR C 169 -43.97 4.17 2.94
N VAL C 170 -44.42 5.42 2.97
CA VAL C 170 -43.74 6.48 2.21
C VAL C 170 -42.78 7.27 3.10
N ASN C 171 -41.53 7.40 2.67
CA ASN C 171 -40.54 8.11 3.47
C ASN C 171 -40.64 9.66 3.36
N ASN C 172 -41.31 10.27 4.34
N ASN C 172 -41.28 10.22 4.38
CA ASN C 172 -41.39 11.72 4.42
CA ASN C 172 -41.50 11.65 4.55
C ASN C 172 -40.60 12.23 5.63
C ASN C 172 -40.59 12.25 5.62
N LYS C 173 -39.50 11.57 5.94
CA LYS C 173 -38.61 11.98 7.03
C LYS C 173 -37.52 12.95 6.59
N GLY C 174 -37.34 13.12 5.29
CA GLY C 174 -36.36 14.08 4.82
C GLY C 174 -34.95 13.52 4.85
N LYS C 175 -34.82 12.25 5.23
CA LYS C 175 -33.52 11.56 5.28
C LYS C 175 -33.73 10.08 5.05
N GLU C 176 -32.64 9.30 4.97
CA GLU C 176 -32.74 7.86 4.75
C GLU C 176 -33.39 7.18 5.93
N VAL C 177 -34.17 6.16 5.66
CA VAL C 177 -34.76 5.33 6.70
C VAL C 177 -34.26 3.91 6.54
N LEU C 178 -33.73 3.37 7.62
CA LEU C 178 -33.31 1.99 7.67
C LEU C 178 -34.49 1.13 8.08
N VAL C 179 -34.88 0.25 7.19
CA VAL C 179 -35.99 -0.68 7.44
C VAL C 179 -35.42 -2.10 7.53
N LEU C 180 -35.79 -2.77 8.62
CA LEU C 180 -35.40 -4.17 8.81
C LEU C 180 -36.65 -5.05 8.83
N TRP C 181 -36.50 -6.28 8.35
CA TRP C 181 -37.57 -7.28 8.41
C TRP C 181 -36.98 -8.69 8.39
N GLY C 182 -37.83 -9.68 8.55
CA GLY C 182 -37.36 -11.06 8.47
C GLY C 182 -38.26 -11.95 7.65
N VAL C 183 -37.73 -13.11 7.30
CA VAL C 183 -38.50 -14.13 6.66
C VAL C 183 -38.26 -15.41 7.41
N HIS C 184 -39.35 -16.06 7.79
CA HIS C 184 -39.28 -17.28 8.55
C HIS C 184 -39.41 -18.54 7.70
N HIS C 185 -38.61 -19.53 8.09
CA HIS C 185 -38.50 -20.83 7.38
C HIS C 185 -38.74 -21.97 8.38
N PRO C 186 -39.99 -22.42 8.50
CA PRO C 186 -40.32 -23.54 9.40
C PRO C 186 -39.61 -24.83 9.02
N PRO C 187 -39.44 -25.74 9.98
CA PRO C 187 -38.73 -26.98 9.63
C PRO C 187 -39.63 -28.02 8.95
N THR C 188 -40.95 -27.86 9.08
CA THR C 188 -41.89 -28.83 8.53
C THR C 188 -43.07 -28.15 7.91
N GLY C 189 -43.72 -28.87 6.99
CA GLY C 189 -44.88 -28.34 6.31
C GLY C 189 -46.08 -28.18 7.25
N THR C 190 -46.20 -29.05 8.24
CA THR C 190 -47.29 -28.88 9.21
C THR C 190 -47.05 -27.64 10.07
N GLU C 191 -45.80 -27.32 10.39
CA GLU C 191 -45.56 -26.08 11.10
C GLU C 191 -45.89 -24.84 10.26
N GLN C 192 -45.54 -24.88 8.96
CA GLN C 192 -45.88 -23.81 8.01
C GLN C 192 -47.40 -23.57 8.06
N GLN C 193 -48.14 -24.67 8.03
CA GLN C 193 -49.59 -24.59 8.11
C GLN C 193 -50.15 -24.06 9.44
N SER C 194 -49.58 -24.49 10.55
CA SER C 194 -49.97 -23.99 11.88
C SER C 194 -49.80 -22.49 11.98
N LEU C 195 -48.68 -21.98 11.51
CA LEU C 195 -48.39 -20.55 11.62
C LEU C 195 -49.09 -19.69 10.55
N TYR C 196 -49.14 -20.16 9.33
CA TYR C 196 -49.40 -19.25 8.19
C TYR C 196 -50.50 -19.76 7.28
N GLN C 197 -50.99 -20.99 7.54
CA GLN C 197 -52.02 -21.64 6.72
C GLN C 197 -51.57 -22.05 5.31
N ASN C 198 -51.01 -21.10 4.57
CA ASN C 198 -50.71 -21.26 3.15
C ASN C 198 -49.38 -21.98 2.89
N ALA C 199 -49.45 -23.13 2.25
CA ALA C 199 -48.26 -23.92 1.92
C ALA C 199 -47.41 -23.18 0.92
N ASP C 200 -48.06 -22.51 -0.02
CA ASP C 200 -47.40 -21.82 -1.13
C ASP C 200 -47.18 -20.34 -0.85
N ALA C 201 -46.84 -20.03 0.38
CA ALA C 201 -46.65 -18.67 0.79
C ALA C 201 -45.44 -17.99 0.11
N TYR C 202 -45.52 -16.68 -0.02
CA TYR C 202 -44.39 -15.85 -0.40
C TYR C 202 -44.37 -14.50 0.32
N VAL C 203 -43.20 -13.87 0.28
CA VAL C 203 -42.98 -12.51 0.78
C VAL C 203 -42.31 -11.73 -0.35
N SER C 204 -42.84 -10.54 -0.64
CA SER C 204 -42.31 -9.68 -1.69
C SER C 204 -42.12 -8.27 -1.10
N VAL C 205 -40.96 -7.70 -1.36
CA VAL C 205 -40.60 -6.41 -0.80
C VAL C 205 -40.09 -5.62 -1.99
N GLY C 206 -40.62 -4.41 -2.12
CA GLY C 206 -40.20 -3.59 -3.21
C GLY C 206 -40.17 -2.12 -2.86
N SER C 207 -39.20 -1.41 -3.42
CA SER C 207 -39.13 0.04 -3.35
C SER C 207 -38.71 0.48 -4.71
N SER C 208 -38.29 1.72 -4.84
N SER C 208 -38.31 1.73 -4.86
CA SER C 208 -37.82 2.20 -6.12
CA SER C 208 -37.84 2.17 -6.15
C SER C 208 -36.49 1.57 -6.54
C SER C 208 -36.62 1.35 -6.58
N LYS C 209 -35.84 0.89 -5.60
CA LYS C 209 -34.55 0.24 -5.86
C LYS C 209 -34.44 -1.20 -5.39
N TYR C 210 -35.16 -1.55 -4.35
CA TYR C 210 -35.15 -2.87 -3.80
C TYR C 210 -36.28 -3.66 -4.45
N ASN C 211 -36.00 -4.93 -4.72
CA ASN C 211 -36.98 -5.83 -5.29
C ASN C 211 -36.59 -7.26 -5.04
N ARG C 212 -37.18 -7.90 -4.07
CA ARG C 212 -36.86 -9.30 -3.79
C ARG C 212 -38.11 -10.05 -3.46
N ARG C 213 -38.09 -11.34 -3.74
CA ARG C 213 -39.18 -12.25 -3.39
C ARG C 213 -38.60 -13.48 -2.70
N PHE C 214 -39.25 -13.91 -1.61
CA PHE C 214 -38.75 -14.93 -0.75
C PHE C 214 -39.84 -15.97 -0.65
N THR C 215 -39.46 -17.24 -0.59
CA THR C 215 -40.41 -18.31 -0.30
C THR C 215 -39.85 -19.17 0.80
N PRO C 216 -40.75 -19.82 1.57
CA PRO C 216 -40.30 -20.62 2.69
C PRO C 216 -39.38 -21.77 2.25
N GLU C 217 -38.31 -21.95 3.00
CA GLU C 217 -37.42 -23.08 2.74
C GLU C 217 -37.64 -24.05 3.90
N ILE C 218 -38.55 -24.99 3.70
CA ILE C 218 -38.91 -25.94 4.74
C ILE C 218 -38.03 -27.21 4.76
N ALA C 219 -37.37 -27.43 5.88
CA ALA C 219 -36.46 -28.54 6.04
C ALA C 219 -36.07 -28.62 7.48
N ALA C 220 -35.79 -29.83 7.93
CA ALA C 220 -35.27 -30.04 9.29
C ALA C 220 -33.78 -29.66 9.27
N ARG C 221 -33.40 -28.76 10.16
CA ARG C 221 -32.00 -28.36 10.40
C ARG C 221 -31.67 -28.77 11.82
N PRO C 222 -30.38 -28.86 12.14
CA PRO C 222 -30.01 -29.05 13.54
C PRO C 222 -30.63 -27.93 14.35
N LYS C 223 -31.06 -28.25 15.56
CA LYS C 223 -31.64 -27.25 16.43
C LYS C 223 -30.58 -26.31 16.99
N VAL C 224 -30.92 -25.03 16.99
CA VAL C 224 -30.05 -23.99 17.48
C VAL C 224 -30.96 -23.20 18.39
N ARG C 225 -30.61 -23.09 19.67
CA ARG C 225 -31.47 -22.46 20.66
C ARG C 225 -32.87 -23.06 20.59
N GLY C 226 -32.91 -24.38 20.40
CA GLY C 226 -34.13 -25.16 20.41
C GLY C 226 -34.90 -25.20 19.10
N GLN C 227 -34.39 -24.50 18.09
CA GLN C 227 -35.15 -24.26 16.87
C GLN C 227 -34.56 -24.96 15.65
N ALA C 228 -35.39 -25.78 14.98
CA ALA C 228 -35.01 -26.40 13.71
C ALA C 228 -35.41 -25.51 12.53
N GLY C 229 -36.26 -24.53 12.77
CA GLY C 229 -36.53 -23.48 11.82
C GLY C 229 -35.38 -22.46 11.78
N ARG C 230 -35.46 -21.60 10.78
CA ARG C 230 -34.53 -20.48 10.64
C ARG C 230 -35.31 -19.19 10.29
N MET C 231 -34.76 -18.04 10.68
CA MET C 231 -35.27 -16.75 10.29
C MET C 231 -34.11 -16.00 9.65
N ASN C 232 -34.30 -15.53 8.43
CA ASN C 232 -33.31 -14.66 7.80
C ASN C 232 -33.72 -13.22 7.94
N TYR C 233 -32.73 -12.38 8.20
CA TYR C 233 -32.96 -10.96 8.42
C TYR C 233 -32.39 -10.12 7.27
N TYR C 234 -33.16 -9.11 6.90
CA TYR C 234 -32.91 -8.29 5.74
C TYR C 234 -33.06 -6.84 6.13
N TRP C 235 -32.45 -5.99 5.32
CA TRP C 235 -32.54 -4.54 5.54
C TRP C 235 -32.40 -3.83 4.23
N THR C 236 -32.88 -2.58 4.23
CA THR C 236 -32.64 -1.70 3.13
C THR C 236 -32.67 -0.27 3.66
N LEU C 237 -32.00 0.62 2.94
CA LEU C 237 -32.03 2.05 3.22
C LEU C 237 -32.96 2.70 2.20
N LEU C 238 -34.10 3.17 2.69
CA LEU C 238 -35.13 3.81 1.90
C LEU C 238 -34.86 5.30 1.77
N GLU C 239 -34.66 5.77 0.55
CA GLU C 239 -34.28 7.18 0.33
C GLU C 239 -35.47 8.12 0.57
N PRO C 240 -35.17 9.38 0.89
CA PRO C 240 -36.22 10.39 1.10
C PRO C 240 -37.18 10.38 -0.08
N GLY C 241 -38.48 10.36 0.19
CA GLY C 241 -39.47 10.37 -0.88
C GLY C 241 -39.83 9.02 -1.44
N ASP C 242 -39.00 7.99 -1.23
CA ASP C 242 -39.28 6.67 -1.75
C ASP C 242 -40.30 5.93 -0.86
N THR C 243 -40.88 4.87 -1.41
CA THR C 243 -41.89 4.05 -0.74
C THR C 243 -41.37 2.60 -0.70
N ILE C 244 -41.67 1.89 0.37
CA ILE C 244 -41.40 0.47 0.43
C ILE C 244 -42.74 -0.24 0.62
N THR C 245 -42.91 -1.36 -0.08
CA THR C 245 -44.17 -2.10 -0.07
C THR C 245 -43.86 -3.56 0.21
N PHE C 246 -44.49 -4.08 1.25
CA PHE C 246 -44.51 -5.49 1.61
C PHE C 246 -45.82 -6.12 1.15
N GLU C 247 -45.71 -7.30 0.55
CA GLU C 247 -46.84 -8.13 0.22
C GLU C 247 -46.47 -9.51 0.71
N ALA C 248 -47.39 -10.21 1.36
CA ALA C 248 -47.05 -11.55 1.84
C ALA C 248 -48.28 -12.43 1.98
N THR C 249 -48.09 -13.74 1.83
CA THR C 249 -49.15 -14.71 2.16
C THR C 249 -48.67 -15.66 3.29
N GLY C 250 -47.56 -15.29 3.95
CA GLY C 250 -47.05 -16.00 5.12
C GLY C 250 -45.61 -15.59 5.36
N ASN C 251 -45.07 -15.96 6.53
CA ASN C 251 -43.65 -16.01 6.75
C ASN C 251 -42.94 -14.66 6.87
N LEU C 252 -43.70 -13.58 6.86
CA LEU C 252 -43.17 -12.24 7.07
C LEU C 252 -43.00 -11.90 8.53
N ILE C 253 -41.77 -11.57 8.91
CA ILE C 253 -41.53 -10.95 10.20
C ILE C 253 -41.47 -9.46 9.84
N ALA C 254 -42.55 -8.76 10.13
CA ALA C 254 -42.75 -7.41 9.61
C ALA C 254 -41.94 -6.36 10.38
N PRO C 255 -41.53 -5.29 9.68
CA PRO C 255 -41.02 -4.13 10.41
C PRO C 255 -42.04 -3.62 11.40
N TRP C 256 -41.60 -3.27 12.60
CA TRP C 256 -42.46 -2.59 13.52
C TRP C 256 -41.88 -1.19 13.76
N TYR C 257 -40.61 -1.13 14.17
CA TYR C 257 -39.89 0.13 14.25
C TYR C 257 -38.77 0.21 13.19
N ALA C 258 -38.49 1.42 12.73
CA ALA C 258 -37.44 1.70 11.77
C ALA C 258 -36.68 2.93 12.24
N PHE C 259 -35.63 3.30 11.50
CA PHE C 259 -34.70 4.31 11.98
C PHE C 259 -34.40 5.35 10.90
N ALA C 260 -34.75 6.60 11.18
CA ALA C 260 -34.41 7.70 10.29
C ALA C 260 -32.97 8.13 10.59
N LEU C 261 -32.11 8.10 9.60
CA LEU C 261 -30.65 8.17 9.83
C LEU C 261 -30.06 9.54 9.58
N ASN C 262 -29.21 9.98 10.49
CA ASN C 262 -28.41 11.20 10.28
C ASN C 262 -26.97 10.83 10.00
N ARG C 263 -26.48 11.20 8.83
CA ARG C 263 -25.11 10.87 8.46
C ARG C 263 -24.15 11.85 9.09
N GLY C 264 -23.00 11.33 9.53
CA GLY C 264 -21.93 12.18 10.02
C GLY C 264 -20.60 11.48 9.82
N SER C 265 -19.50 12.22 9.78
CA SER C 265 -18.21 11.61 9.49
C SER C 265 -17.40 11.40 10.76
N GLY C 266 -16.29 10.69 10.61
CA GLY C 266 -15.36 10.48 11.69
C GLY C 266 -15.87 9.56 12.80
N SER C 267 -16.96 8.84 12.54
CA SER C 267 -17.47 7.89 13.52
C SER C 267 -17.00 6.48 13.15
N GLY C 268 -17.41 5.49 13.93
CA GLY C 268 -16.97 4.13 13.69
C GLY C 268 -17.40 3.18 14.77
N ILE C 269 -17.19 1.89 14.56
CA ILE C 269 -17.47 0.84 15.53
C ILE C 269 -16.13 0.28 16.01
N ILE C 270 -15.92 0.25 17.33
CA ILE C 270 -14.71 -0.33 17.86
C ILE C 270 -15.08 -1.44 18.82
N THR C 271 -14.11 -2.30 19.08
CA THR C 271 -14.27 -3.33 20.09
C THR C 271 -13.37 -3.02 21.26
N SER C 272 -13.92 -2.89 22.47
CA SER C 272 -13.10 -2.55 23.63
C SER C 272 -13.78 -2.95 24.93
N ASP C 273 -12.96 -3.35 25.90
CA ASP C 273 -13.45 -3.65 27.25
C ASP C 273 -13.11 -2.54 28.25
N ALA C 274 -12.67 -1.39 27.74
CA ALA C 274 -12.34 -0.22 28.55
C ALA C 274 -13.59 0.55 29.01
N PRO C 275 -13.57 1.07 30.25
CA PRO C 275 -14.75 1.75 30.80
C PRO C 275 -15.07 3.08 30.12
N VAL C 276 -16.35 3.39 29.97
CA VAL C 276 -16.78 4.70 29.49
C VAL C 276 -16.81 5.70 30.64
N HIS C 277 -16.31 6.90 30.36
CA HIS C 277 -16.20 7.95 31.36
C HIS C 277 -16.61 9.31 30.80
N ASP C 278 -16.82 10.27 31.69
CA ASP C 278 -17.38 11.56 31.29
C ASP C 278 -16.36 12.53 30.67
N CYS C 279 -15.11 12.08 30.53
CA CYS C 279 -14.04 12.90 29.97
C CYS C 279 -14.25 13.20 28.48
N ASN C 280 -13.46 14.13 27.94
CA ASN C 280 -13.56 14.47 26.53
C ASN C 280 -12.21 14.35 25.85
N THR C 281 -12.21 13.88 24.60
CA THR C 281 -10.96 13.72 23.85
C THR C 281 -11.07 14.13 22.38
N LYS C 282 -9.90 14.36 21.77
CA LYS C 282 -9.81 14.55 20.31
C LYS C 282 -9.47 13.22 19.61
N CYS C 283 -8.91 12.27 20.37
CA CYS C 283 -8.38 11.02 19.84
C CYS C 283 -8.66 9.83 20.75
N GLN C 284 -9.35 8.82 20.22
CA GLN C 284 -9.77 7.66 21.01
C GLN C 284 -9.26 6.36 20.38
N THR C 285 -8.72 5.47 21.21
CA THR C 285 -8.35 4.12 20.72
C THR C 285 -9.09 3.13 21.57
N PRO C 286 -9.11 1.86 21.15
CA PRO C 286 -9.77 0.85 21.98
C PRO C 286 -9.07 0.62 23.33
N HIS C 287 -7.82 1.06 23.48
CA HIS C 287 -7.13 0.95 24.77
C HIS C 287 -7.43 2.13 25.68
N GLY C 288 -7.81 3.26 25.12
CA GLY C 288 -7.91 4.49 25.89
C GLY C 288 -7.61 5.70 25.04
N ALA C 289 -7.94 6.87 25.57
CA ALA C 289 -7.79 8.13 24.83
C ALA C 289 -6.38 8.63 24.85
N ILE C 290 -6.05 9.42 23.83
CA ILE C 290 -4.74 10.04 23.70
C ILE C 290 -4.89 11.56 23.64
N ASN C 291 -4.04 12.25 24.41
CA ASN C 291 -3.96 13.71 24.39
C ASN C 291 -2.52 14.08 24.07
N SER C 292 -2.24 14.34 22.81
CA SER C 292 -0.86 14.45 22.33
C SER C 292 -0.77 15.28 21.06
N SER C 293 0.37 15.94 20.87
CA SER C 293 0.64 16.60 19.60
C SER C 293 1.82 15.92 18.91
N LEU C 294 2.21 14.76 19.41
CA LEU C 294 3.32 14.03 18.81
C LEU C 294 2.84 13.38 17.53
N PRO C 295 3.74 13.24 16.54
CA PRO C 295 3.31 12.73 15.24
C PRO C 295 3.02 11.23 15.19
N PHE C 296 3.58 10.47 16.13
CA PHE C 296 3.42 9.01 16.10
C PHE C 296 2.90 8.45 17.40
N GLN C 297 2.30 7.27 17.33
CA GLN C 297 1.86 6.57 18.53
C GLN C 297 2.00 5.07 18.32
N ASN C 298 2.27 4.32 19.39
CA ASN C 298 2.33 2.87 19.30
C ASN C 298 1.25 2.19 20.14
N ILE C 299 0.18 2.92 20.41
N ILE C 299 0.16 2.90 20.38
CA ILE C 299 -0.87 2.43 21.28
CA ILE C 299 -0.85 2.43 21.30
C ILE C 299 -1.73 1.42 20.56
C ILE C 299 -1.80 1.45 20.61
N HIS C 300 -2.29 1.83 19.44
CA HIS C 300 -3.25 1.00 18.72
C HIS C 300 -3.45 1.48 17.28
N PRO C 301 -3.61 0.55 16.33
CA PRO C 301 -3.91 0.96 14.94
C PRO C 301 -5.35 1.49 14.75
N VAL C 302 -6.26 1.16 15.65
CA VAL C 302 -7.65 1.65 15.50
C VAL C 302 -7.84 2.95 16.26
N THR C 303 -8.36 3.96 15.57
CA THR C 303 -8.51 5.32 16.10
C THR C 303 -9.78 5.98 15.62
N ILE C 304 -10.36 6.79 16.48
CA ILE C 304 -11.50 7.62 16.16
C ILE C 304 -11.07 9.07 16.44
N GLY C 305 -11.22 9.97 15.47
CA GLY C 305 -10.97 11.39 15.70
C GLY C 305 -9.73 11.86 14.96
N GLU C 306 -8.89 12.64 15.64
CA GLU C 306 -7.64 13.11 15.05
C GLU C 306 -6.45 12.61 15.87
N CYS C 307 -5.67 11.70 15.32
CA CYS C 307 -4.74 10.94 16.13
C CYS C 307 -3.36 10.97 15.53
N PRO C 308 -2.36 10.66 16.34
CA PRO C 308 -1.04 10.39 15.76
C PRO C 308 -1.09 9.11 14.95
N LYS C 309 -0.15 9.00 14.02
CA LYS C 309 -0.05 7.86 13.13
C LYS C 309 0.51 6.66 13.89
N TYR C 310 -0.14 5.52 13.78
CA TYR C 310 0.33 4.29 14.42
C TYR C 310 1.54 3.69 13.72
N VAL C 311 2.52 3.27 14.53
CA VAL C 311 3.71 2.57 14.04
C VAL C 311 4.06 1.54 15.06
N ARG C 312 4.80 0.52 14.65
CA ARG C 312 5.16 -0.56 15.56
C ARG C 312 6.37 -0.20 16.45
N SER C 313 6.93 0.99 16.28
CA SER C 313 8.16 1.36 16.98
C SER C 313 7.99 1.40 18.50
N THR C 314 9.07 1.12 19.24
CA THR C 314 9.10 1.32 20.67
C THR C 314 9.80 2.62 21.05
N LYS C 315 10.68 3.10 20.17
CA LYS C 315 11.44 4.32 20.44
C LYS C 315 11.65 5.14 19.17
N LEU C 316 11.28 6.42 19.23
CA LEU C 316 11.54 7.36 18.16
C LEU C 316 11.94 8.66 18.82
N ARG C 317 13.22 8.79 19.10
CA ARG C 317 13.73 9.97 19.75
C ARG C 317 14.75 10.62 18.83
N MET C 318 14.51 11.89 18.58
CA MET C 318 15.26 12.70 17.65
C MET C 318 16.23 13.60 18.40
N ALA C 319 17.50 13.55 18.04
CA ALA C 319 18.46 14.43 18.67
C ALA C 319 18.21 15.84 18.20
N THR C 320 18.36 16.80 19.11
CA THR C 320 18.30 18.22 18.76
C THR C 320 19.58 18.89 19.17
N GLY C 321 20.09 18.52 20.36
CA GLY C 321 21.37 18.99 20.83
C GLY C 321 22.50 18.10 20.35
N LEU C 322 23.63 18.12 21.04
CA LEU C 322 24.83 17.44 20.57
C LEU C 322 25.21 16.28 21.48
N ARG C 323 26.23 15.53 21.06
N ARG C 323 26.23 15.53 21.07
CA ARG C 323 26.81 14.47 21.86
CA ARG C 323 26.75 14.46 21.88
C ARG C 323 27.20 15.04 23.23
C ARG C 323 27.18 15.03 23.22
N ASN C 324 26.75 14.38 24.29
CA ASN C 324 26.96 14.88 25.65
C ASN C 324 28.22 14.28 26.24
N ILE C 325 29.24 15.13 26.45
CA ILE C 325 30.56 14.66 26.84
C ILE C 325 31.06 15.44 28.03
N PRO C 326 30.45 15.19 29.21
CA PRO C 326 30.79 15.95 30.43
C PRO C 326 32.13 15.61 31.08
N SER C 327 32.67 14.42 30.82
CA SER C 327 33.90 13.96 31.49
C SER C 327 34.10 14.62 32.85
N GLY D 1 31.66 13.00 14.42
CA GLY D 1 32.98 12.46 14.01
C GLY D 1 33.39 13.04 12.69
N LEU D 2 32.42 13.35 11.84
CA LEU D 2 32.71 13.80 10.50
C LEU D 2 33.64 15.00 10.40
N PHE D 3 33.48 15.95 11.32
CA PHE D 3 34.23 17.19 11.24
C PHE D 3 35.38 17.32 12.24
N GLY D 4 35.60 16.27 13.03
CA GLY D 4 36.83 16.13 13.80
C GLY D 4 36.90 16.95 15.08
N ALA D 5 35.87 17.73 15.35
CA ALA D 5 35.94 18.66 16.48
C ALA D 5 35.35 18.04 17.75
N ILE D 6 34.06 17.76 17.73
CA ILE D 6 33.40 17.19 18.89
C ILE D 6 33.91 15.76 19.10
N ALA D 7 34.33 15.46 20.34
CA ALA D 7 34.92 14.16 20.67
C ALA D 7 36.16 13.92 19.81
N GLY D 8 36.79 15.01 19.42
CA GLY D 8 37.92 14.96 18.50
C GLY D 8 39.01 15.86 19.00
N PHE D 9 39.41 16.84 18.19
CA PHE D 9 40.52 17.71 18.57
C PHE D 9 40.06 18.65 19.70
N ILE D 10 38.76 18.70 19.96
CA ILE D 10 38.27 19.27 21.21
C ILE D 10 37.65 18.11 22.00
N GLU D 11 38.42 17.55 22.93
CA GLU D 11 38.12 16.23 23.49
C GLU D 11 36.81 16.15 24.26
N GLY D 12 36.39 17.24 24.87
CA GLY D 12 35.28 17.19 25.79
C GLY D 12 34.45 18.46 25.83
N GLY D 13 33.22 18.31 26.31
CA GLY D 13 32.30 19.42 26.42
C GLY D 13 32.40 20.10 27.76
N TRP D 14 31.63 21.16 27.92
CA TRP D 14 31.75 22.06 29.06
C TRP D 14 30.45 22.13 29.81
N THR D 15 30.37 21.47 30.96
CA THR D 15 29.19 21.58 31.81
C THR D 15 29.12 22.98 32.42
N GLY D 16 30.24 23.69 32.40
CA GLY D 16 30.31 25.04 32.93
C GLY D 16 29.64 26.08 32.04
N MET D 17 29.43 25.74 30.76
CA MET D 17 28.82 26.69 29.83
C MET D 17 27.36 26.35 29.58
N ILE D 18 26.48 27.06 30.30
CA ILE D 18 25.06 26.71 30.35
C ILE D 18 24.13 27.60 29.49
N ASP D 19 24.64 28.69 28.93
CA ASP D 19 23.79 29.64 28.20
C ASP D 19 23.78 29.44 26.68
N GLY D 20 24.40 28.37 26.21
CA GLY D 20 24.44 28.12 24.78
C GLY D 20 25.16 26.84 24.42
N TRP D 21 24.99 26.44 23.16
CA TRP D 21 25.57 25.19 22.66
C TRP D 21 27.05 25.28 22.36
N TYR D 22 27.51 26.43 21.89
CA TYR D 22 28.91 26.61 21.54
C TYR D 22 29.38 27.90 22.16
N GLY D 23 30.67 27.99 22.43
CA GLY D 23 31.19 29.21 23.02
C GLY D 23 32.66 29.20 23.32
N TYR D 24 33.03 30.08 24.26
CA TYR D 24 34.41 30.39 24.54
C TYR D 24 34.68 30.27 26.02
N HIS D 25 35.88 29.80 26.33
CA HIS D 25 36.46 29.96 27.65
C HIS D 25 37.67 30.86 27.51
N HIS D 26 37.74 31.91 28.32
CA HIS D 26 38.88 32.82 28.26
C HIS D 26 39.57 32.93 29.60
N GLN D 27 40.87 33.23 29.54
CA GLN D 27 41.65 33.40 30.74
C GLN D 27 42.70 34.49 30.54
N ASN D 28 42.63 35.52 31.38
CA ASN D 28 43.62 36.59 31.39
C ASN D 28 43.85 37.15 32.81
N GLU D 29 44.62 38.22 32.92
CA GLU D 29 44.88 38.86 34.22
C GLU D 29 43.58 39.22 34.91
N GLN D 30 42.68 39.85 34.15
CA GLN D 30 41.46 40.39 34.71
C GLN D 30 40.45 39.31 35.11
N GLY D 31 40.77 38.04 34.83
CA GLY D 31 39.90 36.93 35.19
C GLY D 31 39.68 35.88 34.11
N SER D 32 38.94 34.84 34.46
CA SER D 32 38.57 33.77 33.52
C SER D 32 37.06 33.62 33.45
N GLY D 33 36.54 33.09 32.35
CA GLY D 33 35.10 32.89 32.23
C GLY D 33 34.58 32.13 31.02
N TYR D 34 33.41 31.53 31.21
CA TYR D 34 32.67 30.91 30.12
C TYR D 34 31.74 31.93 29.48
N ALA D 35 31.58 31.85 28.16
CA ALA D 35 30.71 32.76 27.44
C ALA D 35 30.17 32.08 26.17
N ALA D 36 28.88 31.75 26.15
CA ALA D 36 28.30 31.12 24.96
C ALA D 36 28.41 32.05 23.76
N ASP D 37 28.44 31.47 22.57
CA ASP D 37 28.45 32.27 21.34
C ASP D 37 27.03 32.41 20.81
N GLN D 38 26.48 33.61 20.92
CA GLN D 38 25.06 33.84 20.64
C GLN D 38 24.70 33.51 19.20
N LYS D 39 25.54 33.93 18.26
CA LYS D 39 25.23 33.83 16.85
C LYS D 39 25.22 32.38 16.36
N SER D 40 26.31 31.66 16.62
CA SER D 40 26.42 30.26 16.21
C SER D 40 25.34 29.41 16.85
N THR D 41 25.11 29.62 18.14
CA THR D 41 24.11 28.86 18.86
C THR D 41 22.73 29.10 18.28
N GLN D 42 22.41 30.36 18.01
CA GLN D 42 21.08 30.73 17.55
C GLN D 42 20.82 30.19 16.14
N ASN D 43 21.84 30.20 15.30
CA ASN D 43 21.69 29.65 13.96
C ASN D 43 21.49 28.14 14.04
N ALA D 44 22.15 27.48 14.98
CA ALA D 44 21.94 26.05 15.19
C ALA D 44 20.53 25.78 15.71
N ILE D 45 20.02 26.69 16.52
CA ILE D 45 18.71 26.52 17.09
C ILE D 45 17.64 26.67 16.01
N ASP D 46 17.79 27.65 15.13
CA ASP D 46 16.80 27.91 14.08
C ASP D 46 16.82 26.72 13.13
N GLY D 47 18.02 26.24 12.82
CA GLY D 47 18.16 25.11 11.93
C GLY D 47 17.47 23.85 12.44
N ILE D 48 17.77 23.48 13.67
CA ILE D 48 17.25 22.24 14.26
C ILE D 48 15.76 22.39 14.50
N THR D 49 15.31 23.59 14.80
CA THR D 49 13.90 23.83 15.05
C THR D 49 13.15 23.59 13.74
N ASN D 50 13.76 24.03 12.65
CA ASN D 50 13.23 23.85 11.33
C ASN D 50 13.21 22.37 10.94
N LYS D 51 14.27 21.66 11.29
CA LYS D 51 14.39 20.25 10.95
C LYS D 51 13.23 19.50 11.59
N VAL D 52 12.99 19.77 12.86
CA VAL D 52 11.96 19.06 13.62
C VAL D 52 10.57 19.38 13.10
N ASN D 53 10.28 20.65 12.88
CA ASN D 53 8.99 21.04 12.37
C ASN D 53 8.73 20.44 10.98
N SER D 54 9.79 20.28 10.19
CA SER D 54 9.68 19.73 8.84
C SER D 54 9.40 18.23 8.89
N VAL D 55 10.04 17.54 9.82
CA VAL D 55 9.79 16.12 10.00
C VAL D 55 8.33 15.92 10.37
N ILE D 56 7.92 16.59 11.44
CA ILE D 56 6.55 16.58 11.90
C ILE D 56 5.54 16.99 10.80
N GLU D 57 5.90 17.98 9.98
CA GLU D 57 4.98 18.54 8.99
C GLU D 57 4.64 17.54 7.87
N LYS D 58 5.55 16.63 7.59
CA LYS D 58 5.37 15.66 6.52
C LYS D 58 4.43 14.52 6.94
N MET D 59 4.24 14.39 8.24
CA MET D 59 3.47 13.31 8.83
C MET D 59 2.03 13.72 9.03
N ASN D 60 1.18 13.31 8.09
CA ASN D 60 -0.24 13.51 8.22
C ASN D 60 -0.74 12.87 9.52
N THR D 61 -1.53 13.60 10.29
CA THR D 61 -2.23 12.98 11.41
C THR D 61 -3.08 11.86 10.83
N GLN D 62 -3.46 10.91 11.67
CA GLN D 62 -4.36 9.85 11.27
C GLN D 62 -5.81 10.15 11.69
N PHE D 63 -6.73 10.19 10.74
CA PHE D 63 -8.15 10.35 11.02
C PHE D 63 -8.78 8.98 11.24
N THR D 64 -10.06 8.99 11.57
CA THR D 64 -10.74 7.76 11.95
C THR D 64 -10.36 6.59 11.03
N ALA D 65 -9.88 5.53 11.65
CA ALA D 65 -9.55 4.29 10.97
C ALA D 65 -10.03 3.19 11.92
N VAL D 66 -10.98 2.38 11.46
CA VAL D 66 -11.51 1.29 12.26
C VAL D 66 -11.53 0.02 11.43
N GLY D 67 -11.80 -1.10 12.07
CA GLY D 67 -11.78 -2.37 11.39
C GLY D 67 -12.97 -2.57 10.47
N LYS D 68 -12.81 -3.50 9.53
CA LYS D 68 -13.92 -4.01 8.74
C LYS D 68 -14.20 -5.47 9.13
N GLU D 69 -15.45 -5.89 9.00
CA GLU D 69 -15.78 -7.29 9.22
C GLU D 69 -16.08 -7.99 7.89
N PHE D 70 -15.87 -9.30 7.88
CA PHE D 70 -16.04 -10.11 6.68
C PHE D 70 -16.62 -11.42 7.12
N ASN D 71 -17.49 -11.99 6.30
CA ASN D 71 -18.11 -13.26 6.63
C ASN D 71 -17.18 -14.44 6.25
N ASN D 72 -17.62 -15.66 6.53
CA ASN D 72 -16.74 -16.82 6.34
C ASN D 72 -16.59 -17.24 4.88
N LEU D 73 -17.27 -16.55 3.97
CA LEU D 73 -17.06 -16.72 2.54
C LEU D 73 -16.36 -15.51 1.88
N GLU D 74 -15.73 -14.69 2.70
CA GLU D 74 -15.02 -13.52 2.23
C GLU D 74 -13.60 -13.51 2.74
N ARG D 75 -13.03 -14.70 2.85
CA ARG D 75 -11.68 -14.79 3.38
C ARG D 75 -10.64 -14.12 2.48
N ARG D 76 -10.81 -14.19 1.16
CA ARG D 76 -9.87 -13.51 0.26
C ARG D 76 -9.84 -12.00 0.46
N ILE D 77 -11.01 -11.38 0.55
N ILE D 77 -10.99 -11.35 0.57
CA ILE D 77 -11.09 -9.96 0.74
CA ILE D 77 -11.01 -9.90 0.74
C ILE D 77 -10.60 -9.58 2.13
C ILE D 77 -10.66 -9.51 2.17
N GLU D 78 -10.93 -10.39 3.12
CA GLU D 78 -10.45 -10.19 4.49
C GLU D 78 -8.91 -10.19 4.51
N ASN D 79 -8.32 -11.16 3.80
CA ASN D 79 -6.86 -11.28 3.73
C ASN D 79 -6.27 -10.14 2.93
N LEU D 80 -6.98 -9.66 1.91
CA LEU D 80 -6.51 -8.50 1.17
C LEU D 80 -6.49 -7.28 2.08
N ASN D 81 -7.55 -7.07 2.85
CA ASN D 81 -7.65 -5.91 3.70
C ASN D 81 -6.49 -5.97 4.70
N LYS D 82 -6.19 -7.18 5.17
N LYS D 82 -6.19 -7.18 5.17
CA LYS D 82 -5.12 -7.38 6.13
CA LYS D 82 -5.11 -7.36 6.13
C LYS D 82 -3.75 -7.13 5.50
C LYS D 82 -3.75 -7.11 5.50
N LYS D 83 -3.59 -7.50 4.24
CA LYS D 83 -2.35 -7.30 3.52
C LYS D 83 -2.12 -5.79 3.34
N VAL D 84 -3.20 -5.05 3.08
CA VAL D 84 -3.15 -3.62 2.94
C VAL D 84 -2.76 -2.95 4.24
N ASP D 85 -3.42 -3.31 5.35
CA ASP D 85 -3.14 -2.66 6.63
C ASP D 85 -1.72 -2.98 7.11
N ASP D 86 -1.32 -4.23 7.02
CA ASP D 86 0.00 -4.64 7.46
C ASP D 86 1.11 -4.01 6.61
N GLY D 87 0.85 -3.88 5.31
CA GLY D 87 1.81 -3.37 4.37
C GLY D 87 2.03 -1.89 4.59
N PHE D 88 0.96 -1.12 4.77
CA PHE D 88 1.09 0.32 5.02
C PHE D 88 1.78 0.53 6.35
N LEU D 89 1.49 -0.34 7.33
CA LEU D 89 2.06 -0.19 8.65
C LEU D 89 3.56 -0.52 8.63
N ASP D 90 3.95 -1.49 7.80
CA ASP D 90 5.37 -1.84 7.67
C ASP D 90 6.09 -0.66 7.08
N ILE D 91 5.52 -0.08 6.04
CA ILE D 91 6.13 1.06 5.39
C ILE D 91 6.26 2.29 6.28
N TRP D 92 5.22 2.63 7.04
CA TRP D 92 5.29 3.82 7.88
C TRP D 92 6.24 3.60 9.06
N THR D 93 6.32 2.37 9.54
CA THR D 93 7.21 2.04 10.65
C THR D 93 8.66 2.17 10.14
N TYR D 94 8.89 1.67 8.95
CA TYR D 94 10.18 1.75 8.29
C TYR D 94 10.58 3.22 8.07
N ASN D 95 9.64 4.04 7.59
CA ASN D 95 9.92 5.42 7.21
C ASN D 95 10.25 6.24 8.44
N ALA D 96 9.47 6.00 9.49
CA ALA D 96 9.62 6.74 10.73
C ALA D 96 10.98 6.44 11.35
N GLU D 97 11.30 5.15 11.45
CA GLU D 97 12.55 4.75 12.12
C GLU D 97 13.77 5.18 11.34
N LEU D 98 13.69 5.05 10.02
CA LEU D 98 14.84 5.34 9.18
C LEU D 98 15.10 6.83 9.13
N LEU D 99 14.03 7.62 9.16
CA LEU D 99 14.15 9.06 9.10
C LEU D 99 14.80 9.55 10.39
N VAL D 100 14.40 8.99 11.51
CA VAL D 100 15.03 9.34 12.78
C VAL D 100 16.51 8.97 12.81
N LEU D 101 16.88 7.75 12.40
CA LEU D 101 18.29 7.32 12.39
C LEU D 101 19.18 8.24 11.57
N LEU D 102 18.76 8.46 10.33
CA LEU D 102 19.55 9.24 9.39
C LEU D 102 19.64 10.69 9.84
N GLU D 103 18.54 11.22 10.35
CA GLU D 103 18.55 12.63 10.70
C GLU D 103 19.35 12.85 11.97
N ASN D 104 19.35 11.87 12.86
CA ASN D 104 20.14 12.00 14.08
C ASN D 104 21.63 12.04 13.72
N GLU D 105 22.05 11.21 12.77
CA GLU D 105 23.45 11.25 12.31
C GLU D 105 23.76 12.66 11.80
N ARG D 106 22.87 13.17 10.94
CA ARG D 106 23.05 14.48 10.38
C ARG D 106 23.09 15.61 11.41
N THR D 107 22.29 15.49 12.48
CA THR D 107 22.20 16.53 13.50
C THR D 107 23.50 16.59 14.31
N LEU D 108 24.00 15.43 14.69
CA LEU D 108 25.26 15.39 15.44
C LEU D 108 26.42 15.91 14.60
N ASP D 109 26.47 15.54 13.32
CA ASP D 109 27.50 16.06 12.42
C ASP D 109 27.38 17.58 12.21
N PHE D 110 26.15 18.09 12.24
CA PHE D 110 25.85 19.51 12.09
C PHE D 110 26.48 20.29 13.25
N HIS D 111 26.28 19.79 14.47
CA HIS D 111 26.88 20.41 15.64
C HIS D 111 28.40 20.36 15.56
N ASP D 112 28.93 19.22 15.11
CA ASP D 112 30.38 19.06 14.92
C ASP D 112 30.89 20.14 13.95
N SER D 113 30.15 20.35 12.88
CA SER D 113 30.51 21.31 11.86
C SER D 113 30.51 22.74 12.42
N ASN D 114 29.51 23.03 13.24
CA ASN D 114 29.36 24.37 13.82
C ASN D 114 30.54 24.70 14.75
N VAL D 115 30.92 23.74 15.59
CA VAL D 115 32.09 23.88 16.47
C VAL D 115 33.35 24.12 15.63
N ARG D 116 33.56 23.30 14.63
CA ARG D 116 34.74 23.42 13.77
C ARG D 116 34.81 24.78 13.08
N ASN D 117 33.66 25.27 12.62
CA ASN D 117 33.61 26.50 11.85
C ASN D 117 33.89 27.67 12.78
N LEU D 118 33.42 27.54 14.01
CA LEU D 118 33.65 28.57 15.01
C LEU D 118 35.15 28.63 15.33
N TYR D 119 35.78 27.47 15.43
CA TYR D 119 37.22 27.38 15.70
C TYR D 119 38.02 28.06 14.59
N GLU D 120 37.73 27.72 13.35
CA GLU D 120 38.49 28.24 12.24
C GLU D 120 38.23 29.73 12.05
N LYS D 121 37.03 30.15 12.42
CA LYS D 121 36.70 31.58 12.39
C LYS D 121 37.65 32.37 13.30
N VAL D 122 37.75 31.93 14.55
CA VAL D 122 38.67 32.55 15.50
C VAL D 122 40.12 32.51 15.01
N LYS D 123 40.52 31.37 14.44
CA LYS D 123 41.89 31.19 13.97
C LYS D 123 42.22 32.16 12.84
N SER D 124 41.22 32.49 12.02
CA SER D 124 41.45 33.44 10.94
C SER D 124 41.49 34.88 11.44
N GLN D 125 40.73 35.21 12.48
CA GLN D 125 40.86 36.52 13.12
C GLN D 125 42.26 36.76 13.70
N LEU D 126 42.73 35.78 14.45
CA LEU D 126 43.95 35.95 15.24
C LEU D 126 45.19 35.83 14.35
N LYS D 127 45.23 34.82 13.50
CA LYS D 127 46.39 34.57 12.66
C LYS D 127 47.64 34.31 13.51
N ASN D 128 48.67 35.13 13.34
CA ASN D 128 49.94 34.94 14.06
C ASN D 128 50.00 35.66 15.41
N ASN D 129 48.93 36.35 15.79
CA ASN D 129 48.88 37.00 17.10
C ASN D 129 48.66 36.00 18.24
N ALA D 130 48.52 34.71 17.89
CA ALA D 130 48.40 33.65 18.86
C ALA D 130 48.91 32.32 18.27
N LYS D 131 49.17 31.34 19.12
CA LYS D 131 49.52 30.00 18.67
C LYS D 131 48.45 28.98 19.02
N GLU D 132 48.28 27.99 18.14
CA GLU D 132 47.31 26.90 18.35
C GLU D 132 47.91 25.82 19.25
N ILE D 133 47.13 25.33 20.21
CA ILE D 133 47.61 24.24 21.07
C ILE D 133 47.32 22.86 20.47
N GLY D 134 46.10 22.66 19.98
CA GLY D 134 45.70 21.38 19.40
C GLY D 134 44.43 20.82 20.01
N ASN D 135 43.86 21.57 20.96
CA ASN D 135 42.71 21.15 21.75
C ASN D 135 41.63 22.23 21.78
N GLY D 136 41.61 23.09 20.78
CA GLY D 136 40.65 24.18 20.73
C GLY D 136 41.06 25.44 21.47
N CYS D 137 42.33 25.52 21.87
CA CYS D 137 42.80 26.68 22.61
C CYS D 137 43.84 27.48 21.85
N PHE D 138 43.84 28.79 22.07
CA PHE D 138 44.82 29.68 21.49
C PHE D 138 45.54 30.43 22.62
N GLU D 139 46.85 30.56 22.53
CA GLU D 139 47.60 31.41 23.46
C GLU D 139 48.01 32.68 22.73
N PHE D 140 47.61 33.83 23.29
CA PHE D 140 47.85 35.11 22.64
C PHE D 140 49.31 35.52 22.83
N TYR D 141 49.82 36.31 21.88
CA TYR D 141 51.17 36.88 22.00
C TYR D 141 51.08 38.32 22.47
N HIS D 142 50.04 38.62 23.24
CA HIS D 142 49.86 39.95 23.80
C HIS D 142 48.80 39.95 24.90
N LYS D 143 48.73 41.06 25.62
CA LYS D 143 47.73 41.22 26.67
C LYS D 143 46.35 41.49 26.04
N CYS D 144 45.42 40.58 26.29
CA CYS D 144 44.07 40.73 25.76
C CYS D 144 43.07 40.89 26.91
N ASP D 145 42.81 42.13 27.28
CA ASP D 145 41.86 42.40 28.36
C ASP D 145 40.46 42.01 27.91
N ASP D 146 39.52 42.03 28.85
CA ASP D 146 38.15 41.60 28.61
C ASP D 146 37.51 42.35 27.44
N ALA D 147 38.03 43.54 27.14
CA ALA D 147 37.56 44.30 25.98
C ALA D 147 38.00 43.60 24.69
N CYS D 148 39.27 43.21 24.66
CA CYS D 148 39.85 42.46 23.55
C CYS D 148 39.16 41.10 23.37
N MET D 149 39.09 40.32 24.44
CA MET D 149 38.35 39.06 24.42
C MET D 149 37.00 39.28 23.77
N GLU D 150 36.23 40.18 24.34
CA GLU D 150 34.91 40.47 23.81
C GLU D 150 34.98 40.69 22.30
N SER D 151 35.99 41.45 21.85
CA SER D 151 36.16 41.69 20.41
C SER D 151 36.33 40.37 19.64
N VAL D 152 37.07 39.43 20.23
CA VAL D 152 37.33 38.15 19.61
C VAL D 152 36.05 37.34 19.48
N ARG D 153 35.21 37.37 20.51
CA ARG D 153 33.96 36.65 20.50
C ARG D 153 33.02 37.18 19.43
N ASN D 154 32.84 38.51 19.37
CA ASN D 154 31.86 39.08 18.43
C ASN D 154 32.42 39.41 17.04
N GLY D 155 33.63 38.93 16.76
CA GLY D 155 34.18 38.99 15.41
C GLY D 155 34.67 40.36 14.98
N THR D 156 35.07 41.20 15.93
CA THR D 156 35.55 42.54 15.61
C THR D 156 36.99 42.72 16.08
N TYR D 157 37.70 41.63 16.32
CA TYR D 157 39.08 41.71 16.78
C TYR D 157 39.95 42.46 15.78
N ASP D 158 40.68 43.45 16.27
CA ASP D 158 41.53 44.27 15.42
C ASP D 158 42.94 43.69 15.42
N TYR D 159 43.32 43.02 14.32
CA TYR D 159 44.64 42.38 14.24
C TYR D 159 45.81 43.39 14.16
N PRO D 160 45.75 44.31 13.18
CA PRO D 160 46.85 45.27 13.03
C PRO D 160 47.20 45.94 14.36
N LYS D 161 46.18 46.32 15.13
CA LYS D 161 46.36 47.01 16.40
C LYS D 161 47.40 46.35 17.32
N TYR D 162 47.33 45.03 17.44
CA TYR D 162 48.22 44.27 18.30
C TYR D 162 49.31 43.55 17.50
N SER D 163 49.27 43.65 16.18
CA SER D 163 50.25 42.97 15.33
C SER D 163 51.71 43.22 15.70
N GLU D 164 52.05 44.46 16.08
CA GLU D 164 53.43 44.79 16.42
C GLU D 164 53.83 44.21 17.78
N GLU D 165 52.98 44.46 18.78
CA GLU D 165 53.25 43.94 20.13
C GLU D 165 53.48 42.44 20.07
N SER D 166 52.63 41.75 19.30
CA SER D 166 52.65 40.29 19.17
C SER D 166 53.89 39.81 18.42
N LYS D 167 54.19 40.51 17.33
CA LYS D 167 55.40 40.25 16.57
C LYS D 167 56.62 40.29 17.51
N LEU D 168 56.60 41.26 18.43
CA LEU D 168 57.73 41.46 19.34
C LEU D 168 57.84 40.28 20.30
N ASN D 169 56.78 40.05 21.07
CA ASN D 169 56.74 38.97 22.04
C ASN D 169 57.00 37.65 21.33
N ARG D 170 56.60 37.59 20.06
CA ARG D 170 56.69 36.38 19.27
C ARG D 170 58.11 36.19 18.75
N PRO E 3 66.57 15.62 3.75
CA PRO E 3 66.78 14.17 3.61
C PRO E 3 66.34 13.44 4.88
N GLY E 4 65.35 13.99 5.57
CA GLY E 4 64.98 13.51 6.88
C GLY E 4 64.05 12.30 6.86
N ASP E 5 63.88 11.73 8.04
CA ASP E 5 62.93 10.65 8.26
C ASP E 5 61.54 11.13 7.89
N THR E 6 60.62 10.21 7.52
CA THR E 6 59.32 10.63 7.06
C THR E 6 58.25 9.68 7.56
N ILE E 7 57.07 10.24 7.78
CA ILE E 7 55.88 9.42 7.99
C ILE E 7 54.76 9.95 7.09
N CYS E 8 54.04 9.06 6.43
CA CYS E 8 52.92 9.43 5.57
C CYS E 8 51.64 8.81 6.07
N ILE E 9 50.56 9.53 5.86
CA ILE E 9 49.24 9.03 6.18
C ILE E 9 48.59 8.54 4.92
N GLY E 10 47.90 7.41 4.97
CA GLY E 10 47.37 6.84 3.74
C GLY E 10 46.25 5.86 4.03
N TYR E 11 45.72 5.29 2.95
CA TYR E 11 44.59 4.38 3.06
C TYR E 11 44.76 3.14 2.17
N HIS E 12 43.98 2.12 2.51
CA HIS E 12 44.03 0.81 1.87
C HIS E 12 43.57 0.84 0.40
N ALA E 13 44.29 0.08 -0.42
CA ALA E 13 43.84 -0.32 -1.73
C ALA E 13 44.04 -1.84 -1.86
N ASN E 14 43.29 -2.47 -2.76
CA ASN E 14 43.50 -3.89 -3.02
C ASN E 14 43.10 -4.23 -4.44
N ASN E 15 42.97 -5.51 -4.76
CA ASN E 15 42.63 -5.89 -6.13
C ASN E 15 41.13 -6.07 -6.34
N SER E 16 40.31 -5.58 -5.41
CA SER E 16 38.87 -5.74 -5.54
C SER E 16 38.40 -5.09 -6.82
N THR E 17 37.40 -5.71 -7.46
CA THR E 17 36.79 -5.15 -8.66
C THR E 17 35.33 -4.81 -8.40
N ASP E 18 34.86 -5.03 -7.17
CA ASP E 18 33.47 -4.72 -6.80
C ASP E 18 33.14 -3.25 -7.09
N THR E 19 31.97 -3.01 -7.71
CA THR E 19 31.49 -1.65 -7.93
C THR E 19 30.18 -1.37 -7.23
N VAL E 20 30.00 -0.13 -6.80
CA VAL E 20 28.73 0.31 -6.22
C VAL E 20 28.25 1.56 -6.93
N ASP E 21 26.95 1.84 -6.87
CA ASP E 21 26.46 3.11 -7.35
C ASP E 21 26.27 4.04 -6.17
N THR E 22 26.44 5.34 -6.42
CA THR E 22 26.16 6.36 -5.44
C THR E 22 25.28 7.42 -6.08
N VAL E 23 24.87 8.39 -5.27
CA VAL E 23 24.04 9.47 -5.76
C VAL E 23 24.76 10.27 -6.85
N LEU E 24 26.03 10.63 -6.60
CA LEU E 24 26.76 11.52 -7.51
C LEU E 24 27.46 10.77 -8.64
N GLU E 25 27.68 9.47 -8.46
CA GLU E 25 28.56 8.75 -9.37
C GLU E 25 28.19 7.28 -9.44
N LYS E 26 28.11 6.76 -10.67
CA LYS E 26 27.85 5.35 -10.86
C LYS E 26 29.14 4.52 -10.96
N ASN E 27 29.00 3.22 -10.65
CA ASN E 27 30.06 2.27 -10.91
C ASN E 27 31.37 2.60 -10.18
N VAL E 28 31.31 3.04 -8.94
CA VAL E 28 32.52 3.32 -8.18
C VAL E 28 33.12 2.02 -7.65
N THR E 29 34.38 1.78 -7.96
CA THR E 29 35.08 0.60 -7.44
C THR E 29 35.51 0.81 -5.98
N VAL E 30 35.18 -0.16 -5.15
CA VAL E 30 35.42 -0.06 -3.72
C VAL E 30 36.23 -1.27 -3.26
N THR E 31 36.91 -1.13 -2.13
CA THR E 31 37.81 -2.16 -1.66
C THR E 31 37.05 -3.32 -1.06
N HIS E 32 35.91 -3.03 -0.45
CA HIS E 32 35.06 -4.05 0.18
C HIS E 32 33.59 -3.64 -0.01
N SER E 33 32.72 -4.63 -0.08
CA SER E 33 31.30 -4.38 -0.24
C SER E 33 30.52 -5.64 0.09
N VAL E 34 29.23 -5.49 0.34
CA VAL E 34 28.37 -6.64 0.64
C VAL E 34 27.14 -6.58 -0.25
N ASN E 35 26.84 -7.72 -0.87
CA ASN E 35 25.63 -7.88 -1.66
C ASN E 35 24.40 -8.13 -0.76
N LEU E 36 23.32 -7.38 -0.97
CA LEU E 36 22.10 -7.52 -0.18
C LEU E 36 20.99 -8.18 -0.99
N LEU E 37 21.28 -8.55 -2.22
CA LEU E 37 20.25 -9.08 -3.15
C LEU E 37 20.53 -10.53 -3.53
N GLU E 38 19.67 -11.44 -3.08
CA GLU E 38 19.80 -12.85 -3.43
C GLU E 38 19.19 -13.07 -4.81
N ASP E 39 19.98 -13.65 -5.71
CA ASP E 39 19.49 -13.98 -7.04
C ASP E 39 19.73 -15.43 -7.40
N SER E 40 20.14 -16.23 -6.42
CA SER E 40 20.37 -17.65 -6.70
C SER E 40 19.37 -18.59 -6.02
N HIS E 41 18.94 -19.58 -6.78
CA HIS E 41 18.06 -20.65 -6.30
C HIS E 41 18.48 -21.98 -6.92
N ASN E 42 17.93 -23.08 -6.42
CA ASN E 42 18.41 -24.40 -6.82
C ASN E 42 17.52 -25.08 -7.86
N GLY E 43 16.47 -24.41 -8.30
CA GLY E 43 15.70 -24.89 -9.42
C GLY E 43 14.78 -26.06 -9.08
N LYS E 44 14.67 -26.36 -7.80
CA LYS E 44 13.89 -27.50 -7.35
C LYS E 44 12.78 -27.10 -6.34
N LEU E 45 11.76 -27.96 -6.24
CA LEU E 45 10.77 -27.85 -5.18
C LEU E 45 11.20 -28.79 -4.05
N CYS E 46 11.38 -28.24 -2.86
CA CYS E 46 11.94 -28.96 -1.73
C CYS E 46 10.97 -29.14 -0.60
N LYS E 47 11.38 -29.91 0.40
CA LYS E 47 10.62 -30.05 1.61
C LYS E 47 10.76 -28.80 2.47
N LEU E 48 9.75 -28.58 3.32
N LEU E 48 9.72 -28.53 3.27
CA LEU E 48 9.75 -27.51 4.29
CA LEU E 48 9.79 -27.50 4.30
C LEU E 48 9.45 -28.17 5.63
C LEU E 48 9.50 -28.21 5.62
N LYS E 49 10.31 -27.93 6.63
CA LYS E 49 10.18 -28.60 7.92
C LYS E 49 10.29 -30.11 7.71
N GLY E 50 11.06 -30.50 6.70
CA GLY E 50 11.23 -31.91 6.37
C GLY E 50 9.98 -32.59 5.84
N ILE E 51 8.96 -31.82 5.45
CA ILE E 51 7.74 -32.39 4.92
C ILE E 51 7.64 -32.06 3.42
N ALA E 52 7.32 -33.07 2.63
CA ALA E 52 7.23 -32.93 1.17
C ALA E 52 5.98 -32.16 0.72
N PRO E 53 6.06 -31.47 -0.42
CA PRO E 53 4.88 -30.84 -0.98
C PRO E 53 3.96 -31.88 -1.62
N LEU E 54 2.72 -31.52 -1.81
CA LEU E 54 1.77 -32.40 -2.51
C LEU E 54 1.76 -31.99 -3.98
N GLN E 55 2.08 -32.94 -4.84
CA GLN E 55 2.16 -32.71 -6.27
C GLN E 55 0.87 -33.12 -6.90
N LEU E 56 0.08 -32.15 -7.34
CA LEU E 56 -1.19 -32.47 -7.97
C LEU E 56 -1.02 -33.00 -9.41
N GLY E 57 0.11 -32.70 -10.04
CA GLY E 57 0.42 -33.23 -11.36
C GLY E 57 -0.61 -32.79 -12.38
N LYS E 58 -1.29 -33.74 -12.99
CA LYS E 58 -2.27 -33.42 -14.03
C LYS E 58 -3.63 -33.03 -13.44
N CYS E 59 -3.75 -33.08 -12.12
CA CYS E 59 -4.97 -32.65 -11.47
C CYS E 59 -4.87 -31.27 -10.91
N ASN E 60 -6.02 -30.66 -10.66
CA ASN E 60 -6.08 -29.45 -9.89
C ASN E 60 -6.81 -29.72 -8.57
N ILE E 61 -6.96 -28.66 -7.77
N ILE E 61 -7.01 -28.67 -7.76
CA ILE E 61 -7.57 -28.75 -6.44
CA ILE E 61 -7.57 -28.84 -6.43
C ILE E 61 -8.93 -29.44 -6.56
C ILE E 61 -9.00 -29.36 -6.46
N ALA E 62 -9.77 -28.93 -7.45
CA ALA E 62 -11.13 -29.46 -7.62
C ALA E 62 -11.08 -30.96 -7.91
N GLY E 63 -10.22 -31.38 -8.83
CA GLY E 63 -10.08 -32.79 -9.18
C GLY E 63 -9.63 -33.66 -8.02
N TRP E 64 -8.71 -33.12 -7.22
CA TRP E 64 -8.28 -33.80 -6.00
C TRP E 64 -9.43 -33.98 -4.98
N LEU E 65 -10.06 -32.90 -4.57
CA LEU E 65 -11.07 -32.95 -3.52
C LEU E 65 -12.35 -33.71 -3.91
N LEU E 66 -12.84 -33.49 -5.12
CA LEU E 66 -14.01 -34.23 -5.63
C LEU E 66 -13.65 -35.68 -5.96
N GLY E 67 -12.38 -35.94 -6.23
CA GLY E 67 -11.91 -37.27 -6.60
C GLY E 67 -12.21 -37.64 -8.07
N ASN E 68 -11.91 -36.70 -8.98
CA ASN E 68 -11.84 -37.01 -10.39
C ASN E 68 -11.07 -38.34 -10.54
N PRO E 69 -11.65 -39.27 -11.30
CA PRO E 69 -11.08 -40.61 -11.40
C PRO E 69 -9.69 -40.61 -12.02
N GLU E 70 -9.32 -39.56 -12.77
CA GLU E 70 -7.98 -39.45 -13.27
C GLU E 70 -6.98 -39.08 -12.18
N CYS E 71 -7.49 -38.72 -11.01
CA CYS E 71 -6.61 -38.22 -9.96
C CYS E 71 -6.40 -39.28 -8.89
N ASP E 72 -6.56 -40.56 -9.23
CA ASP E 72 -6.49 -41.64 -8.23
C ASP E 72 -5.18 -41.73 -7.46
N LEU E 73 -4.06 -41.28 -8.05
CA LEU E 73 -2.79 -41.37 -7.34
C LEU E 73 -2.77 -40.46 -6.12
N LEU E 74 -3.71 -39.53 -6.04
CA LEU E 74 -3.80 -38.61 -4.92
C LEU E 74 -4.70 -39.09 -3.79
N LEU E 75 -5.39 -40.20 -3.98
CA LEU E 75 -6.33 -40.70 -2.97
C LEU E 75 -5.65 -41.00 -1.64
N THR E 76 -4.35 -41.31 -1.69
CA THR E 76 -3.58 -41.57 -0.48
C THR E 76 -2.92 -40.36 0.20
N ALA E 77 -2.98 -39.19 -0.43
CA ALA E 77 -2.31 -38.01 0.12
C ALA E 77 -3.00 -37.62 1.43
N SER E 78 -2.22 -37.32 2.46
CA SER E 78 -2.77 -36.98 3.76
C SER E 78 -2.05 -35.82 4.45
N SER E 79 -0.79 -35.57 4.14
CA SER E 79 -0.10 -34.41 4.71
C SER E 79 0.94 -33.78 3.77
N TRP E 80 1.14 -32.48 3.87
CA TRP E 80 2.00 -31.77 2.93
C TRP E 80 2.49 -30.44 3.50
N SER E 81 3.57 -29.91 2.95
CA SER E 81 4.06 -28.61 3.40
C SER E 81 3.49 -27.44 2.57
N TYR E 82 3.14 -27.73 1.32
CA TYR E 82 2.49 -26.79 0.40
C TYR E 82 1.97 -27.65 -0.74
N ILE E 83 1.12 -27.08 -1.57
CA ILE E 83 0.44 -27.79 -2.64
C ILE E 83 0.91 -27.24 -3.97
N VAL E 84 1.25 -28.15 -4.88
CA VAL E 84 1.81 -27.76 -6.19
C VAL E 84 0.86 -28.13 -7.32
N GLU E 85 0.42 -27.11 -8.04
CA GLU E 85 -0.28 -27.29 -9.30
C GLU E 85 0.74 -27.00 -10.41
N THR E 86 0.55 -27.58 -11.58
CA THR E 86 1.48 -27.42 -12.68
C THR E 86 0.72 -26.81 -13.86
N SER E 87 1.42 -26.55 -14.95
CA SER E 87 0.78 -26.00 -16.13
C SER E 87 -0.14 -27.02 -16.82
N ASN E 88 -0.02 -28.29 -16.48
N ASN E 88 -0.02 -28.29 -16.46
CA ASN E 88 -0.94 -29.30 -17.02
CA ASN E 88 -0.91 -29.32 -17.00
C ASN E 88 -1.96 -29.80 -15.99
C ASN E 88 -1.98 -29.78 -16.01
N SER E 89 -2.24 -28.98 -14.98
CA SER E 89 -3.28 -29.31 -13.99
C SER E 89 -4.68 -29.05 -14.55
N GLU E 90 -5.15 -29.97 -15.40
CA GLU E 90 -6.42 -29.79 -16.09
C GLU E 90 -7.54 -30.74 -15.63
N ASN E 91 -7.21 -31.84 -14.96
CA ASN E 91 -8.28 -32.67 -14.43
C ASN E 91 -8.87 -32.12 -13.15
N GLY E 92 -10.11 -31.64 -13.27
CA GLY E 92 -10.87 -31.10 -12.18
C GLY E 92 -12.29 -31.57 -12.26
N THR E 93 -13.20 -30.68 -12.63
CA THR E 93 -14.62 -31.02 -12.78
C THR E 93 -14.89 -31.69 -14.14
N CYS E 94 -14.87 -33.04 -14.16
CA CYS E 94 -15.10 -33.77 -15.41
C CYS E 94 -16.58 -33.68 -15.84
N TYR E 95 -17.51 -33.57 -14.90
CA TYR E 95 -18.89 -33.26 -15.28
C TYR E 95 -19.05 -31.73 -15.22
N PRO E 96 -19.46 -31.10 -16.33
CA PRO E 96 -19.46 -29.63 -16.48
C PRO E 96 -20.43 -28.93 -15.52
N GLY E 97 -20.03 -27.76 -15.05
CA GLY E 97 -20.85 -26.94 -14.17
C GLY E 97 -19.93 -26.04 -13.35
N ASP E 98 -20.48 -25.45 -12.31
CA ASP E 98 -19.76 -24.43 -11.54
C ASP E 98 -19.40 -24.96 -10.17
N PHE E 99 -18.15 -24.74 -9.76
CA PHE E 99 -17.68 -25.08 -8.43
C PHE E 99 -17.82 -23.81 -7.67
N ILE E 100 -18.87 -23.75 -6.84
N ILE E 100 -18.85 -23.74 -6.81
CA ILE E 100 -19.23 -22.54 -6.15
CA ILE E 100 -19.24 -22.51 -6.18
C ILE E 100 -18.24 -22.21 -5.05
C ILE E 100 -18.29 -22.20 -5.03
N ASP E 101 -17.87 -20.95 -5.01
CA ASP E 101 -16.92 -20.45 -4.04
C ASP E 101 -15.61 -21.27 -4.06
N TYR E 102 -15.18 -21.65 -5.23
CA TYR E 102 -13.98 -22.46 -5.42
C TYR E 102 -12.72 -21.67 -4.96
N GLU E 103 -12.69 -20.38 -5.28
CA GLU E 103 -11.53 -19.55 -4.94
C GLU E 103 -11.45 -19.40 -3.41
N GLU E 104 -12.61 -19.31 -2.75
CA GLU E 104 -12.63 -19.28 -1.29
C GLU E 104 -12.09 -20.62 -0.73
N LEU E 105 -12.44 -21.74 -1.34
CA LEU E 105 -12.00 -23.04 -0.86
C LEU E 105 -10.49 -23.14 -0.99
N ARG E 106 -9.97 -22.69 -2.12
CA ARG E 106 -8.53 -22.63 -2.34
C ARG E 106 -7.85 -21.77 -1.28
N GLU E 107 -8.43 -20.63 -0.90
CA GLU E 107 -7.89 -19.78 0.13
C GLU E 107 -7.86 -20.51 1.50
N GLN E 108 -8.93 -21.24 1.82
CA GLN E 108 -8.98 -22.00 3.05
C GLN E 108 -7.87 -23.05 3.08
N LEU E 109 -7.67 -23.70 1.96
CA LEU E 109 -6.74 -24.83 1.90
C LEU E 109 -5.34 -24.38 2.12
N SER E 110 -5.12 -23.07 1.99
CA SER E 110 -3.78 -22.52 2.16
C SER E 110 -3.35 -22.51 3.60
N SER E 111 -4.29 -22.73 4.52
CA SER E 111 -3.92 -22.87 5.93
C SER E 111 -4.24 -24.29 6.45
N VAL E 112 -4.36 -25.24 5.54
CA VAL E 112 -4.50 -26.65 5.88
C VAL E 112 -3.18 -27.42 5.58
N SER E 113 -2.68 -28.17 6.54
CA SER E 113 -1.39 -28.86 6.38
C SER E 113 -1.57 -30.38 6.25
N SER E 114 -2.75 -30.87 6.59
CA SER E 114 -3.02 -32.30 6.53
C SER E 114 -4.50 -32.56 6.71
N PHE E 115 -4.94 -33.73 6.30
CA PHE E 115 -6.28 -34.16 6.65
C PHE E 115 -6.38 -35.68 6.79
N GLU E 116 -7.53 -36.12 7.30
CA GLU E 116 -7.89 -37.53 7.33
C GLU E 116 -9.18 -37.71 6.57
N LYS E 117 -9.11 -38.41 5.44
CA LYS E 117 -10.30 -38.64 4.63
C LYS E 117 -11.09 -39.75 5.33
N PHE E 118 -12.40 -39.64 5.30
CA PHE E 118 -13.24 -40.68 5.89
C PHE E 118 -14.57 -40.80 5.15
N GLU E 119 -15.23 -41.94 5.32
CA GLU E 119 -16.44 -42.22 4.60
C GLU E 119 -17.59 -41.59 5.37
N ILE E 120 -18.02 -40.42 4.96
CA ILE E 120 -19.04 -39.69 5.72
C ILE E 120 -20.40 -40.39 5.62
N PHE E 121 -20.77 -40.80 4.42
CA PHE E 121 -22.03 -41.51 4.20
C PHE E 121 -21.66 -42.73 3.39
N PRO E 122 -21.39 -43.87 4.06
CA PRO E 122 -21.04 -45.06 3.28
C PRO E 122 -22.08 -45.45 2.23
N LYS E 123 -21.56 -45.71 1.04
CA LYS E 123 -22.37 -45.95 -0.13
C LYS E 123 -23.30 -47.12 0.07
N THR E 124 -22.81 -48.18 0.67
CA THR E 124 -23.55 -49.42 0.69
C THR E 124 -24.67 -49.43 1.71
N SER E 125 -24.61 -48.56 2.71
CA SER E 125 -25.63 -48.60 3.78
C SER E 125 -26.45 -47.30 3.97
N SER E 126 -26.07 -46.21 3.33
CA SER E 126 -26.68 -44.93 3.67
C SER E 126 -28.02 -44.65 2.95
N TRP E 127 -28.28 -45.35 1.86
CA TRP E 127 -29.31 -44.92 0.91
C TRP E 127 -30.20 -46.08 0.48
N PRO E 128 -30.84 -46.73 1.44
CA PRO E 128 -31.63 -47.92 1.17
C PRO E 128 -32.80 -47.63 0.23
N ASN E 129 -33.26 -46.39 0.11
CA ASN E 129 -34.45 -46.15 -0.70
C ASN E 129 -34.16 -45.49 -2.04
N HIS E 130 -32.87 -45.35 -2.37
CA HIS E 130 -32.49 -44.72 -3.62
C HIS E 130 -31.48 -45.57 -4.39
N GLU E 131 -31.35 -45.31 -5.68
CA GLU E 131 -30.45 -46.07 -6.52
C GLU E 131 -29.02 -45.52 -6.36
N THR E 132 -28.06 -46.37 -6.01
CA THR E 132 -26.69 -45.90 -5.81
C THR E 132 -25.66 -46.38 -6.86
N THR E 133 -26.09 -47.14 -7.86
CA THR E 133 -25.14 -47.82 -8.76
C THR E 133 -25.16 -47.34 -10.21
N LYS E 134 -25.98 -46.35 -10.56
CA LYS E 134 -26.17 -46.01 -11.96
C LYS E 134 -25.61 -44.63 -12.29
N GLY E 135 -25.06 -44.02 -11.27
CA GLY E 135 -24.57 -42.67 -11.39
C GLY E 135 -23.14 -42.63 -11.92
N VAL E 136 -22.99 -43.02 -13.18
CA VAL E 136 -21.73 -42.88 -13.89
C VAL E 136 -21.96 -42.14 -15.22
N THR E 137 -20.91 -41.57 -15.78
CA THR E 137 -21.02 -40.75 -16.98
C THR E 137 -19.76 -40.89 -17.81
N ALA E 138 -19.93 -40.81 -19.13
CA ALA E 138 -18.84 -40.77 -20.06
C ALA E 138 -18.00 -39.49 -19.92
N ALA E 139 -18.54 -38.47 -19.25
CA ALA E 139 -17.80 -37.24 -19.05
C ALA E 139 -16.69 -37.46 -18.01
N CYS E 140 -16.83 -38.51 -17.20
CA CYS E 140 -15.87 -38.84 -16.14
C CYS E 140 -15.40 -40.27 -16.36
N SER E 141 -14.93 -40.54 -17.56
N SER E 141 -14.97 -40.56 -17.57
CA SER E 141 -14.45 -41.86 -17.88
CA SER E 141 -14.49 -41.90 -17.95
C SER E 141 -13.19 -42.18 -17.10
C SER E 141 -13.10 -42.20 -17.43
N TYR E 142 -12.90 -43.45 -17.06
CA TYR E 142 -11.63 -43.91 -16.55
C TYR E 142 -11.41 -45.34 -16.97
N ALA E 143 -10.24 -45.57 -17.53
CA ALA E 143 -9.85 -46.91 -17.88
C ALA E 143 -10.86 -47.58 -18.81
N GLY E 144 -11.42 -46.81 -19.73
CA GLY E 144 -12.27 -47.40 -20.76
C GLY E 144 -13.75 -47.48 -20.42
N ALA E 145 -14.14 -46.98 -19.26
CA ALA E 145 -15.52 -47.06 -18.82
C ALA E 145 -16.05 -45.78 -18.20
N SER E 146 -17.36 -45.63 -18.29
CA SER E 146 -18.00 -44.52 -17.62
C SER E 146 -17.79 -44.67 -16.13
N SER E 147 -17.55 -43.55 -15.47
CA SER E 147 -17.26 -43.55 -14.04
C SER E 147 -17.79 -42.28 -13.41
N PHE E 148 -17.26 -41.93 -12.25
CA PHE E 148 -17.70 -40.74 -11.57
C PHE E 148 -16.67 -40.40 -10.48
N TYR E 149 -16.79 -39.22 -9.93
CA TYR E 149 -16.00 -38.76 -8.79
C TYR E 149 -15.95 -39.83 -7.69
N ARG E 150 -14.79 -40.03 -7.06
CA ARG E 150 -14.66 -41.04 -6.00
C ARG E 150 -15.25 -40.59 -4.69
N ASN E 151 -15.36 -39.28 -4.49
CA ASN E 151 -15.74 -38.77 -3.19
C ASN E 151 -17.19 -38.34 -3.10
N LEU E 152 -17.93 -38.47 -4.20
CA LEU E 152 -19.36 -38.15 -4.22
C LEU E 152 -20.12 -39.31 -4.80
N LEU E 153 -21.43 -39.30 -4.62
CA LEU E 153 -22.29 -40.42 -5.04
C LEU E 153 -23.55 -39.87 -5.70
N TRP E 154 -23.72 -40.18 -6.97
CA TRP E 154 -24.84 -39.70 -7.73
C TRP E 154 -26.05 -40.61 -7.49
N LEU E 155 -26.97 -40.13 -6.68
CA LEU E 155 -28.17 -40.91 -6.37
C LEU E 155 -29.25 -40.71 -7.41
N THR E 156 -29.96 -41.77 -7.77
CA THR E 156 -31.08 -41.62 -8.68
C THR E 156 -32.25 -42.44 -8.17
N LYS E 157 -33.37 -42.39 -8.89
CA LYS E 157 -34.59 -42.96 -8.38
C LYS E 157 -34.51 -44.48 -8.43
N LYS E 158 -35.20 -45.11 -7.50
CA LYS E 158 -35.26 -46.57 -7.44
C LYS E 158 -36.68 -46.90 -7.85
N GLY E 159 -36.83 -47.69 -8.92
CA GLY E 159 -38.14 -47.95 -9.49
C GLY E 159 -38.71 -46.67 -10.06
N SER E 160 -39.91 -46.30 -9.65
CA SER E 160 -40.55 -45.11 -10.21
C SER E 160 -40.78 -44.06 -9.13
N SER E 161 -39.89 -44.02 -8.15
CA SER E 161 -40.07 -43.08 -7.05
C SER E 161 -38.73 -42.67 -6.46
N TYR E 162 -38.68 -41.41 -6.09
CA TYR E 162 -37.56 -40.84 -5.37
C TYR E 162 -38.20 -40.23 -4.13
N PRO E 163 -38.19 -40.96 -3.01
CA PRO E 163 -38.81 -40.37 -1.81
C PRO E 163 -37.93 -39.32 -1.16
N LYS E 164 -38.52 -38.43 -0.38
CA LYS E 164 -37.70 -37.43 0.28
C LYS E 164 -36.63 -38.13 1.10
N LEU E 165 -35.36 -37.85 0.85
CA LEU E 165 -34.32 -38.29 1.76
C LEU E 165 -33.97 -37.24 2.78
N SER E 166 -33.54 -37.73 3.94
CA SER E 166 -33.05 -36.93 5.03
C SER E 166 -31.89 -37.71 5.64
N LYS E 167 -30.70 -37.11 5.70
CA LYS E 167 -29.53 -37.84 6.16
C LYS E 167 -28.64 -36.84 6.88
N SER E 168 -28.19 -37.19 8.07
CA SER E 168 -27.40 -36.27 8.87
C SER E 168 -26.12 -36.92 9.27
N TYR E 169 -25.11 -36.08 9.49
CA TYR E 169 -23.80 -36.49 9.99
C TYR E 169 -23.43 -35.57 11.15
N VAL E 170 -23.07 -36.14 12.29
CA VAL E 170 -22.54 -35.38 13.42
C VAL E 170 -21.01 -35.39 13.43
N ASN E 171 -20.41 -34.20 13.50
CA ASN E 171 -18.96 -34.11 13.51
C ASN E 171 -18.31 -34.39 14.86
N ASN E 172 -17.92 -35.64 15.08
N ASN E 172 -17.89 -35.64 15.03
CA ASN E 172 -17.19 -36.00 16.29
CA ASN E 172 -17.20 -36.11 16.22
C ASN E 172 -15.72 -36.26 16.00
C ASN E 172 -15.71 -36.26 16.00
N LYS E 173 -15.20 -35.57 14.99
CA LYS E 173 -13.81 -35.69 14.63
C LYS E 173 -12.88 -34.80 15.44
N GLY E 174 -13.43 -33.88 16.23
CA GLY E 174 -12.57 -33.03 17.04
C GLY E 174 -11.90 -31.93 16.22
N LYS E 175 -12.31 -31.77 14.98
CA LYS E 175 -11.77 -30.71 14.14
C LYS E 175 -12.74 -30.43 13.00
N GLU E 176 -12.47 -29.40 12.20
CA GLU E 176 -13.34 -29.05 11.07
C GLU E 176 -13.40 -30.17 10.05
N VAL E 177 -14.59 -30.41 9.51
CA VAL E 177 -14.74 -31.40 8.46
C VAL E 177 -15.19 -30.65 7.20
N LEU E 178 -14.46 -30.85 6.14
CA LEU E 178 -14.84 -30.28 4.86
C LEU E 178 -15.79 -31.28 4.16
N VAL E 179 -17.00 -30.81 3.87
CA VAL E 179 -18.01 -31.63 3.23
C VAL E 179 -18.28 -31.04 1.87
N LEU E 180 -18.20 -31.87 0.84
CA LEU E 180 -18.54 -31.49 -0.52
C LEU E 180 -19.74 -32.27 -1.02
N TRP E 181 -20.52 -31.64 -1.85
CA TRP E 181 -21.69 -32.28 -2.48
C TRP E 181 -21.94 -31.61 -3.81
N GLY E 182 -22.89 -32.11 -4.56
CA GLY E 182 -23.26 -31.47 -5.82
C GLY E 182 -24.76 -31.41 -6.06
N VAL E 183 -25.18 -30.62 -7.06
CA VAL E 183 -26.56 -30.53 -7.42
C VAL E 183 -26.59 -30.63 -8.94
N HIS E 184 -27.33 -31.62 -9.41
CA HIS E 184 -27.44 -31.85 -10.85
C HIS E 184 -28.58 -31.02 -11.46
N HIS E 185 -28.29 -30.47 -12.63
CA HIS E 185 -29.22 -29.61 -13.37
C HIS E 185 -29.42 -30.19 -14.74
N PRO E 186 -30.47 -31.02 -14.88
CA PRO E 186 -30.74 -31.61 -16.19
C PRO E 186 -31.09 -30.51 -17.19
N PRO E 187 -30.97 -30.81 -18.47
CA PRO E 187 -31.28 -29.89 -19.56
C PRO E 187 -32.78 -29.79 -19.91
N THR E 188 -33.58 -30.78 -19.51
CA THR E 188 -34.99 -30.82 -19.83
C THR E 188 -35.77 -31.35 -18.63
N GLY E 189 -37.06 -31.03 -18.62
CA GLY E 189 -38.01 -31.49 -17.62
C GLY E 189 -38.19 -32.98 -17.74
N THR E 190 -38.07 -33.47 -18.97
CA THR E 190 -38.15 -34.90 -19.23
C THR E 190 -37.02 -35.67 -18.57
N GLU E 191 -35.78 -35.20 -18.67
CA GLU E 191 -34.67 -35.90 -18.02
C GLU E 191 -34.77 -35.77 -16.49
N GLN E 192 -35.24 -34.62 -16.01
CA GLN E 192 -35.55 -34.45 -14.59
C GLN E 192 -36.46 -35.58 -14.09
N GLN E 193 -37.57 -35.79 -14.76
CA GLN E 193 -38.48 -36.90 -14.41
C GLN E 193 -37.82 -38.31 -14.52
N SER E 194 -37.08 -38.54 -15.59
N SER E 194 -37.09 -38.57 -15.59
CA SER E 194 -36.43 -39.83 -15.80
CA SER E 194 -36.48 -39.88 -15.77
C SER E 194 -35.55 -40.18 -14.63
C SER E 194 -35.46 -40.22 -14.69
N LEU E 195 -34.72 -39.22 -14.20
CA LEU E 195 -33.71 -39.46 -13.19
C LEU E 195 -34.28 -39.44 -11.78
N TYR E 196 -35.19 -38.51 -11.51
CA TYR E 196 -35.52 -38.14 -10.13
C TYR E 196 -37.02 -38.21 -9.82
N GLN E 197 -37.82 -38.44 -10.85
CA GLN E 197 -39.27 -38.55 -10.76
C GLN E 197 -40.00 -37.23 -10.46
N ASN E 198 -39.50 -36.48 -9.49
CA ASN E 198 -40.19 -35.28 -9.01
C ASN E 198 -39.84 -34.04 -9.82
N ALA E 199 -40.83 -33.45 -10.48
CA ALA E 199 -40.59 -32.28 -11.32
C ALA E 199 -40.15 -31.09 -10.48
N ASP E 200 -40.61 -31.07 -9.24
CA ASP E 200 -40.45 -29.94 -8.33
C ASP E 200 -39.42 -30.27 -7.25
N ALA E 201 -38.25 -30.74 -7.64
CA ALA E 201 -37.33 -31.26 -6.67
C ALA E 201 -36.58 -30.14 -6.00
N TYR E 202 -36.08 -30.41 -4.80
CA TYR E 202 -35.11 -29.53 -4.18
C TYR E 202 -34.10 -30.30 -3.40
N VAL E 203 -33.05 -29.60 -3.01
CA VAL E 203 -32.02 -30.06 -2.10
C VAL E 203 -31.90 -28.97 -1.04
N SER E 204 -31.92 -29.34 0.22
CA SER E 204 -31.66 -28.45 1.33
C SER E 204 -30.49 -28.98 2.12
N VAL E 205 -29.63 -28.09 2.55
CA VAL E 205 -28.45 -28.48 3.33
C VAL E 205 -28.42 -27.49 4.49
N GLY E 206 -28.33 -28.00 5.71
CA GLY E 206 -28.29 -27.14 6.86
C GLY E 206 -27.39 -27.69 7.95
N SER E 207 -26.67 -26.80 8.60
CA SER E 207 -25.97 -27.08 9.83
C SER E 207 -26.41 -26.01 10.81
N SER E 208 -25.68 -25.86 11.91
CA SER E 208 -26.03 -24.81 12.84
C SER E 208 -25.82 -23.42 12.23
N LYS E 209 -24.91 -23.32 11.26
CA LYS E 209 -24.52 -22.02 10.69
C LYS E 209 -24.79 -21.92 9.19
N TYR E 210 -24.87 -23.06 8.53
CA TYR E 210 -25.02 -23.10 7.09
C TYR E 210 -26.48 -23.44 6.79
N ASN E 211 -27.04 -22.87 5.73
CA ASN E 211 -28.42 -23.15 5.40
C ASN E 211 -28.63 -22.66 3.99
N ARG E 212 -28.92 -23.57 3.08
CA ARG E 212 -29.07 -23.21 1.70
C ARG E 212 -29.99 -24.21 1.03
N ARG E 213 -30.83 -23.69 0.17
CA ARG E 213 -31.75 -24.49 -0.64
C ARG E 213 -31.36 -24.36 -2.10
N PHE E 214 -31.36 -25.48 -2.81
CA PHE E 214 -30.91 -25.54 -4.20
C PHE E 214 -32.07 -26.11 -4.96
N THR E 215 -32.38 -25.48 -6.09
N THR E 215 -32.39 -25.53 -6.10
CA THR E 215 -33.43 -25.96 -6.97
CA THR E 215 -33.45 -26.07 -6.91
C THR E 215 -32.74 -26.34 -8.27
C THR E 215 -32.96 -26.18 -8.35
N PRO E 216 -33.30 -27.29 -9.01
CA PRO E 216 -32.72 -27.49 -10.33
C PRO E 216 -33.05 -26.30 -11.23
N GLU E 217 -32.07 -25.87 -12.02
CA GLU E 217 -32.28 -24.81 -12.98
C GLU E 217 -32.17 -25.51 -14.30
N ILE E 218 -33.34 -25.79 -14.85
CA ILE E 218 -33.45 -26.58 -16.05
C ILE E 218 -33.57 -25.62 -17.25
N ALA E 219 -32.55 -25.72 -18.12
CA ALA E 219 -32.40 -24.87 -19.28
C ALA E 219 -31.77 -25.66 -20.42
N ALA E 220 -32.28 -25.48 -21.61
CA ALA E 220 -31.62 -26.02 -22.79
C ALA E 220 -30.28 -25.33 -22.92
N ARG E 221 -29.25 -26.13 -23.19
CA ARG E 221 -27.89 -25.62 -23.25
C ARG E 221 -26.96 -26.60 -23.98
N PRO E 222 -25.79 -26.12 -24.42
CA PRO E 222 -24.93 -26.97 -25.25
C PRO E 222 -24.22 -28.03 -24.45
N LYS E 223 -23.73 -29.01 -25.19
CA LYS E 223 -22.98 -30.09 -24.59
C LYS E 223 -21.57 -29.62 -24.27
N VAL E 224 -21.10 -29.94 -23.07
CA VAL E 224 -19.72 -29.75 -22.67
C VAL E 224 -19.26 -31.15 -22.24
N ARG E 225 -18.14 -31.60 -22.76
CA ARG E 225 -17.70 -32.98 -22.52
C ARG E 225 -18.87 -33.98 -22.78
N GLY E 226 -19.64 -33.72 -23.83
CA GLY E 226 -20.73 -34.59 -24.23
C GLY E 226 -22.03 -34.43 -23.44
N GLN E 227 -22.09 -33.55 -22.44
CA GLN E 227 -23.23 -33.47 -21.55
C GLN E 227 -23.94 -32.13 -21.64
N ALA E 228 -25.25 -32.15 -21.89
CA ALA E 228 -26.03 -30.92 -21.84
C ALA E 228 -26.43 -30.59 -20.41
N GLY E 229 -26.34 -31.57 -19.52
CA GLY E 229 -26.54 -31.34 -18.11
C GLY E 229 -25.37 -30.55 -17.50
N ARG E 230 -25.61 -30.05 -16.29
CA ARG E 230 -24.60 -29.39 -15.49
C ARG E 230 -24.70 -29.90 -14.10
N MET E 231 -23.58 -29.86 -13.41
CA MET E 231 -23.57 -30.12 -11.98
C MET E 231 -22.87 -28.97 -11.30
N ASN E 232 -23.48 -28.42 -10.26
CA ASN E 232 -22.79 -27.47 -9.44
C ASN E 232 -22.27 -28.16 -8.21
N TYR E 233 -21.09 -27.74 -7.78
CA TYR E 233 -20.41 -28.36 -6.66
C TYR E 233 -20.35 -27.36 -5.56
N TYR E 234 -20.56 -27.82 -4.34
CA TYR E 234 -20.68 -26.97 -3.16
C TYR E 234 -19.86 -27.58 -2.06
N TRP E 235 -19.56 -26.74 -1.09
CA TRP E 235 -18.81 -27.19 0.07
C TRP E 235 -19.17 -26.35 1.26
N THR E 236 -18.91 -26.93 2.41
CA THR E 236 -18.98 -26.18 3.64
C THR E 236 -18.03 -26.78 4.64
N LEU E 237 -17.64 -25.97 5.62
CA LEU E 237 -16.83 -26.44 6.75
C LEU E 237 -17.72 -26.65 7.97
N LEU E 238 -17.87 -27.90 8.35
CA LEU E 238 -18.62 -28.29 9.53
C LEU E 238 -17.76 -28.28 10.80
N GLU E 239 -18.12 -27.41 11.75
CA GLU E 239 -17.31 -27.24 12.97
C GLU E 239 -17.42 -28.43 13.89
N PRO E 240 -16.42 -28.61 14.78
CA PRO E 240 -16.50 -29.71 15.75
C PRO E 240 -17.80 -29.66 16.52
N GLY E 241 -18.42 -30.81 16.74
CA GLY E 241 -19.66 -30.91 17.51
C GLY E 241 -20.93 -30.57 16.72
N ASP E 242 -20.80 -30.01 15.51
CA ASP E 242 -21.98 -29.61 14.75
C ASP E 242 -22.46 -30.74 13.82
N THR E 243 -23.68 -30.57 13.33
CA THR E 243 -24.35 -31.59 12.53
C THR E 243 -24.71 -30.98 11.19
N ILE E 244 -24.60 -31.77 10.13
CA ILE E 244 -25.04 -31.34 8.83
C ILE E 244 -26.16 -32.28 8.35
N THR E 245 -27.20 -31.71 7.78
CA THR E 245 -28.39 -32.47 7.39
C THR E 245 -28.67 -32.14 5.93
N PHE E 246 -28.82 -33.19 5.13
CA PHE E 246 -29.16 -33.13 3.71
C PHE E 246 -30.58 -33.63 3.60
N GLU E 247 -31.44 -32.86 2.90
CA GLU E 247 -32.80 -33.30 2.64
C GLU E 247 -32.96 -33.09 1.15
N ALA E 248 -33.57 -34.04 0.44
CA ALA E 248 -33.70 -33.83 -0.99
C ALA E 248 -34.82 -34.62 -1.57
N THR E 249 -35.43 -34.10 -2.63
CA THR E 249 -36.42 -34.86 -3.35
C THR E 249 -35.96 -35.05 -4.81
N GLY E 250 -34.70 -34.77 -5.06
CA GLY E 250 -34.03 -35.13 -6.31
C GLY E 250 -32.71 -34.38 -6.44
N ASN E 251 -31.94 -34.70 -7.47
CA ASN E 251 -30.82 -33.87 -7.92
C ASN E 251 -29.60 -33.81 -6.99
N LEU E 252 -29.61 -34.51 -5.88
CA LEU E 252 -28.48 -34.49 -4.98
C LEU E 252 -27.35 -35.41 -5.41
N ILE E 253 -26.18 -34.84 -5.58
CA ILE E 253 -24.95 -35.63 -5.67
C ILE E 253 -24.37 -35.65 -4.27
N ALA E 254 -24.58 -36.77 -3.58
CA ALA E 254 -24.32 -36.86 -2.14
C ALA E 254 -22.86 -36.95 -1.80
N PRO E 255 -22.51 -36.40 -0.65
CA PRO E 255 -21.20 -36.72 -0.08
C PRO E 255 -21.06 -38.19 0.09
N TRP E 256 -19.87 -38.68 -0.19
CA TRP E 256 -19.54 -40.04 0.08
C TRP E 256 -18.31 -40.06 1.02
N TYR E 257 -17.23 -39.40 0.64
CA TYR E 257 -16.08 -39.19 1.53
C TYR E 257 -15.95 -37.71 1.84
N ALA E 258 -15.48 -37.39 3.05
CA ALA E 258 -15.25 -36.02 3.43
C ALA E 258 -13.87 -35.95 4.11
N PHE E 259 -13.46 -34.76 4.57
CA PHE E 259 -12.09 -34.59 5.06
C PHE E 259 -12.03 -33.89 6.40
N ALA E 260 -11.50 -34.55 7.41
CA ALA E 260 -11.25 -33.89 8.69
C ALA E 260 -9.91 -33.13 8.55
N LEU E 261 -9.94 -31.81 8.75
CA LEU E 261 -8.79 -30.96 8.40
C LEU E 261 -7.95 -30.57 9.60
N ASN E 262 -6.64 -30.56 9.41
CA ASN E 262 -5.72 -29.98 10.40
C ASN E 262 -5.16 -28.67 9.90
N ARG E 263 -5.37 -27.62 10.68
CA ARG E 263 -4.93 -26.28 10.31
C ARG E 263 -3.48 -26.12 10.62
N GLY E 264 -2.76 -25.46 9.73
CA GLY E 264 -1.37 -25.12 9.95
C GLY E 264 -0.96 -23.88 9.17
N SER E 265 -0.12 -23.06 9.77
CA SER E 265 0.22 -21.78 9.18
C SER E 265 1.34 -21.89 8.17
N GLY E 266 1.39 -20.89 7.28
CA GLY E 266 2.52 -20.73 6.38
C GLY E 266 2.54 -21.73 5.24
N SER E 267 1.39 -22.35 4.95
CA SER E 267 1.29 -23.23 3.80
C SER E 267 0.63 -22.43 2.69
N GLY E 268 0.45 -23.07 1.54
CA GLY E 268 -0.25 -22.41 0.46
C GLY E 268 -0.16 -23.24 -0.79
N ILE E 269 -0.73 -22.71 -1.87
CA ILE E 269 -0.77 -23.37 -3.13
C ILE E 269 0.09 -22.56 -4.09
N ILE E 270 1.02 -23.24 -4.75
CA ILE E 270 1.80 -22.59 -5.80
C ILE E 270 1.65 -23.31 -7.12
N THR E 271 1.91 -22.59 -8.20
CA THR E 271 1.93 -23.14 -9.55
C THR E 271 3.37 -23.16 -10.04
N SER E 272 3.89 -24.34 -10.27
CA SER E 272 5.28 -24.50 -10.69
C SER E 272 5.46 -25.78 -11.47
N ASP E 273 6.33 -25.73 -12.48
CA ASP E 273 6.69 -26.92 -13.25
C ASP E 273 8.06 -27.44 -12.85
N ALA E 274 8.63 -26.86 -11.81
CA ALA E 274 9.97 -27.28 -11.39
C ALA E 274 9.83 -28.65 -10.73
N PRO E 275 10.89 -29.48 -10.81
CA PRO E 275 10.82 -30.84 -10.26
C PRO E 275 10.92 -30.84 -8.74
N VAL E 276 10.19 -31.74 -8.11
CA VAL E 276 10.27 -31.97 -6.68
C VAL E 276 11.48 -32.86 -6.39
N HIS E 277 12.25 -32.48 -5.39
CA HIS E 277 13.41 -33.25 -4.97
C HIS E 277 13.44 -33.48 -3.47
N ASP E 278 14.36 -34.32 -3.02
CA ASP E 278 14.40 -34.74 -1.64
C ASP E 278 15.42 -33.90 -0.86
N CYS E 279 15.25 -32.59 -0.94
CA CYS E 279 16.11 -31.63 -0.26
C CYS E 279 15.25 -30.90 0.75
N ASN E 280 15.86 -30.14 1.66
CA ASN E 280 15.06 -29.37 2.59
C ASN E 280 15.40 -27.90 2.49
N THR E 281 14.39 -27.04 2.68
CA THR E 281 14.63 -25.61 2.60
C THR E 281 13.84 -24.85 3.64
N LYS E 282 14.23 -23.60 3.84
CA LYS E 282 13.51 -22.68 4.71
C LYS E 282 12.60 -21.79 3.89
N CYS E 283 12.92 -21.67 2.59
CA CYS E 283 12.26 -20.73 1.70
C CYS E 283 12.07 -21.37 0.32
N GLN E 284 10.82 -21.48 -0.14
CA GLN E 284 10.52 -22.04 -1.46
C GLN E 284 9.86 -21.00 -2.35
N THR E 285 10.32 -20.85 -3.59
CA THR E 285 9.57 -20.12 -4.62
C THR E 285 9.19 -21.07 -5.75
N PRO E 286 8.29 -20.63 -6.66
CA PRO E 286 7.94 -21.53 -7.78
C PRO E 286 9.12 -21.87 -8.70
N HIS E 287 10.20 -21.07 -8.69
CA HIS E 287 11.37 -21.35 -9.54
C HIS E 287 12.36 -22.30 -8.90
N GLY E 288 12.35 -22.33 -7.57
CA GLY E 288 13.32 -23.12 -6.85
C GLY E 288 13.45 -22.59 -5.44
N ALA E 289 14.20 -23.30 -4.62
CA ALA E 289 14.33 -22.95 -3.21
C ALA E 289 15.47 -21.95 -3.04
N ILE E 290 15.37 -21.12 -2.00
CA ILE E 290 16.42 -20.16 -1.59
C ILE E 290 17.05 -20.55 -0.24
N ASN E 291 18.37 -20.47 -0.19
CA ASN E 291 19.13 -20.67 1.05
C ASN E 291 20.01 -19.44 1.24
N SER E 292 19.56 -18.51 2.07
CA SER E 292 20.18 -17.19 2.12
C SER E 292 19.77 -16.36 3.33
N SER E 293 20.72 -15.58 3.83
CA SER E 293 20.45 -14.70 4.95
C SER E 293 20.30 -13.26 4.46
N LEU E 294 20.30 -13.05 3.16
CA LEU E 294 20.10 -11.71 2.58
C LEU E 294 18.68 -11.14 2.75
N PRO E 295 18.56 -9.82 2.92
CA PRO E 295 17.27 -9.14 3.11
C PRO E 295 16.35 -9.11 1.87
N PHE E 296 16.93 -9.13 0.67
CA PHE E 296 16.17 -8.99 -0.55
C PHE E 296 16.45 -10.13 -1.53
N GLN E 297 15.46 -10.40 -2.38
CA GLN E 297 15.62 -11.33 -3.50
C GLN E 297 14.80 -10.86 -4.69
N ASN E 298 15.25 -11.22 -5.89
CA ASN E 298 14.57 -10.85 -7.11
C ASN E 298 14.20 -12.11 -7.90
N ILE E 299 14.09 -13.24 -7.20
CA ILE E 299 13.72 -14.49 -7.85
C ILE E 299 12.21 -14.62 -8.11
N HIS E 300 11.38 -14.32 -7.11
CA HIS E 300 9.94 -14.47 -7.30
C HIS E 300 9.13 -13.81 -6.20
N PRO E 301 8.02 -13.14 -6.56
CA PRO E 301 7.16 -12.56 -5.52
C PRO E 301 6.40 -13.62 -4.67
N VAL E 302 6.20 -14.81 -5.21
CA VAL E 302 5.54 -15.89 -4.49
C VAL E 302 6.55 -16.68 -3.68
N THR E 303 6.31 -16.77 -2.38
CA THR E 303 7.23 -17.51 -1.52
C THR E 303 6.50 -18.23 -0.44
N ILE E 304 7.06 -19.36 -0.05
CA ILE E 304 6.58 -20.11 1.07
C ILE E 304 7.70 -20.31 2.08
N GLY E 305 7.41 -20.00 3.32
CA GLY E 305 8.36 -20.15 4.41
C GLY E 305 8.83 -18.79 4.85
N GLU E 306 10.12 -18.69 5.14
CA GLU E 306 10.69 -17.49 5.71
C GLU E 306 11.74 -17.01 4.72
N CYS E 307 11.42 -15.96 3.96
CA CYS E 307 12.20 -15.61 2.79
C CYS E 307 12.63 -14.15 2.79
N PRO E 308 13.59 -13.82 1.93
CA PRO E 308 13.96 -12.42 1.75
C PRO E 308 12.81 -11.74 1.06
N LYS E 309 12.77 -10.41 1.17
CA LYS E 309 11.75 -9.60 0.53
C LYS E 309 11.96 -9.48 -0.98
N TYR E 310 10.91 -9.70 -1.76
CA TYR E 310 11.01 -9.57 -3.22
C TYR E 310 11.05 -8.10 -3.68
N VAL E 311 12.01 -7.78 -4.54
CA VAL E 311 12.10 -6.45 -5.17
C VAL E 311 12.44 -6.68 -6.63
N ARG E 312 12.21 -5.67 -7.49
CA ARG E 312 12.52 -5.78 -8.92
C ARG E 312 13.98 -5.48 -9.22
N SER E 313 14.73 -5.07 -8.22
CA SER E 313 16.13 -4.67 -8.44
C SER E 313 16.96 -5.77 -9.07
N THR E 314 17.94 -5.39 -9.88
CA THR E 314 18.91 -6.34 -10.41
C THR E 314 20.23 -6.24 -9.64
N LYS E 315 20.41 -5.21 -8.83
CA LYS E 315 21.56 -5.18 -7.94
C LYS E 315 21.40 -4.22 -6.76
N LEU E 316 21.86 -4.70 -5.61
CA LEU E 316 21.82 -3.95 -4.36
C LEU E 316 23.09 -4.33 -3.62
N ARG E 317 24.10 -3.50 -3.79
CA ARG E 317 25.40 -3.74 -3.22
C ARG E 317 25.78 -2.53 -2.41
N MET E 318 25.97 -2.73 -1.10
CA MET E 318 26.37 -1.63 -0.21
C MET E 318 27.90 -1.59 -0.12
N ALA E 319 28.46 -0.40 -0.26
CA ALA E 319 29.86 -0.22 0.05
C ALA E 319 30.08 -0.44 1.54
N THR E 320 31.17 -1.09 1.91
CA THR E 320 31.58 -1.17 3.30
C THR E 320 32.99 -0.55 3.44
N GLY E 321 33.83 -0.82 2.46
CA GLY E 321 35.17 -0.24 2.41
C GLY E 321 35.19 1.05 1.62
N LEU E 322 36.38 1.43 1.17
CA LEU E 322 36.53 2.75 0.58
C LEU E 322 36.75 2.68 -0.92
N ARG E 323 36.80 3.84 -1.55
CA ARG E 323 37.10 3.92 -2.96
C ARG E 323 38.45 3.24 -3.23
N ASN E 324 38.49 2.33 -4.20
CA ASN E 324 39.70 1.54 -4.43
C ASN E 324 40.59 2.18 -5.49
N ILE E 325 41.73 2.71 -5.04
CA ILE E 325 42.65 3.42 -5.90
C ILE E 325 44.06 2.85 -5.78
N PRO E 326 44.29 1.67 -6.36
CA PRO E 326 45.63 1.05 -6.30
C PRO E 326 46.68 1.74 -7.18
N SER E 327 46.24 2.28 -8.31
CA SER E 327 47.14 2.94 -9.27
C SER E 327 48.61 2.57 -9.02
N GLY F 1 36.15 13.77 -3.38
CA GLY F 1 35.20 13.48 -2.26
C GLY F 1 34.99 14.71 -1.39
N LEU F 2 34.02 14.60 -0.49
CA LEU F 2 33.60 15.73 0.33
C LEU F 2 34.69 16.28 1.25
N PHE F 3 35.58 15.43 1.73
CA PHE F 3 36.53 15.83 2.74
C PHE F 3 37.92 16.02 2.15
N GLY F 4 38.06 15.81 0.84
CA GLY F 4 39.24 16.25 0.11
C GLY F 4 40.49 15.41 0.24
N ALA F 5 40.42 14.29 0.95
CA ALA F 5 41.60 13.48 1.20
C ALA F 5 41.74 12.29 0.24
N ILE F 6 40.79 11.35 0.27
CA ILE F 6 40.85 10.20 -0.62
C ILE F 6 40.64 10.66 -2.06
N ALA F 7 41.56 10.27 -2.94
CA ALA F 7 41.53 10.77 -4.31
C ALA F 7 41.65 12.28 -4.31
N GLY F 8 42.26 12.81 -3.26
CA GLY F 8 42.32 14.24 -3.04
C GLY F 8 43.76 14.60 -2.79
N PHE F 9 44.06 15.24 -1.67
CA PHE F 9 45.45 15.61 -1.44
C PHE F 9 46.29 14.38 -1.15
N ILE F 10 45.64 13.28 -0.86
CA ILE F 10 46.33 11.99 -0.80
C ILE F 10 45.85 11.21 -2.02
N GLU F 11 46.69 11.22 -3.05
CA GLU F 11 46.24 10.92 -4.40
C GLU F 11 45.77 9.48 -4.60
N GLY F 12 46.44 8.53 -3.96
CA GLY F 12 46.09 7.13 -4.17
C GLY F 12 46.19 6.27 -2.92
N GLY F 13 45.75 5.03 -3.05
CA GLY F 13 45.70 4.11 -1.93
C GLY F 13 46.92 3.21 -1.91
N TRP F 14 47.03 2.39 -0.86
CA TRP F 14 48.22 1.57 -0.67
C TRP F 14 47.88 0.10 -0.64
N THR F 15 48.21 -0.61 -1.70
CA THR F 15 48.04 -2.05 -1.71
C THR F 15 48.99 -2.76 -0.76
N GLY F 16 50.04 -2.06 -0.34
CA GLY F 16 50.99 -2.61 0.62
C GLY F 16 50.56 -2.55 2.08
N MET F 17 49.50 -1.79 2.38
CA MET F 17 48.94 -1.80 3.74
C MET F 17 47.74 -2.74 3.83
N ILE F 18 48.01 -3.99 4.16
CA ILE F 18 47.00 -5.04 4.00
C ILE F 18 46.16 -5.29 5.25
N ASP F 19 46.58 -4.76 6.40
CA ASP F 19 45.94 -5.13 7.65
C ASP F 19 45.06 -4.03 8.24
N GLY F 20 44.72 -3.03 7.43
CA GLY F 20 43.79 -2.02 7.89
C GLY F 20 43.39 -1.08 6.78
N TRP F 21 42.34 -0.31 7.05
CA TRP F 21 41.82 0.68 6.11
C TRP F 21 42.61 2.00 6.03
N TYR F 22 43.14 2.47 7.16
CA TYR F 22 43.89 3.72 7.23
C TYR F 22 45.16 3.42 7.98
N GLY F 23 46.19 4.22 7.78
CA GLY F 23 47.42 3.98 8.49
C GLY F 23 48.58 4.79 7.95
N TYR F 24 49.78 4.26 8.15
CA TYR F 24 51.02 5.02 8.09
C TYR F 24 52.07 4.31 7.29
N HIS F 25 52.85 5.08 6.56
CA HIS F 25 54.06 4.55 5.99
C HIS F 25 55.20 5.39 6.53
N HIS F 26 56.24 4.75 7.02
CA HIS F 26 57.36 5.48 7.56
C HIS F 26 58.66 5.07 6.90
N GLN F 27 59.61 5.99 6.95
CA GLN F 27 60.97 5.76 6.54
C GLN F 27 61.94 6.44 7.49
N ASN F 28 62.88 5.67 8.03
CA ASN F 28 63.94 6.20 8.91
C ASN F 28 65.21 5.39 8.72
N GLU F 29 66.26 5.68 9.50
CA GLU F 29 67.54 5.01 9.29
C GLU F 29 67.41 3.50 9.44
N GLN F 30 66.50 3.06 10.31
CA GLN F 30 66.31 1.64 10.59
C GLN F 30 65.56 0.89 9.49
N GLY F 31 64.81 1.60 8.66
CA GLY F 31 64.03 0.94 7.63
C GLY F 31 62.73 1.63 7.23
N SER F 32 61.89 0.86 6.55
CA SER F 32 60.67 1.36 5.92
C SER F 32 59.57 0.36 6.16
N GLY F 33 58.34 0.85 6.24
CA GLY F 33 57.19 -0.03 6.33
C GLY F 33 55.83 0.61 6.52
N TYR F 34 54.78 -0.19 6.34
CA TYR F 34 53.39 0.22 6.53
C TYR F 34 52.89 -0.27 7.89
N ALA F 35 51.94 0.46 8.46
CA ALA F 35 51.30 0.01 9.69
C ALA F 35 49.92 0.62 9.73
N ALA F 36 48.91 -0.22 9.92
CA ALA F 36 47.55 0.26 10.03
C ALA F 36 47.36 1.01 11.33
N ASP F 37 46.53 2.06 11.30
CA ASP F 37 46.08 2.72 12.52
C ASP F 37 44.92 1.91 13.10
N GLN F 38 45.15 1.24 14.23
CA GLN F 38 44.13 0.36 14.78
C GLN F 38 42.90 1.11 15.30
N LYS F 39 43.11 2.24 15.94
CA LYS F 39 42.01 2.97 16.55
C LYS F 39 41.04 3.48 15.49
N SER F 40 41.56 4.16 14.48
N SER F 40 41.55 4.16 14.47
CA SER F 40 40.74 4.71 13.42
CA SER F 40 40.67 4.72 13.46
C SER F 40 40.03 3.59 12.65
C SER F 40 40.03 3.60 12.62
N THR F 41 40.80 2.58 12.28
CA THR F 41 40.27 1.44 11.52
C THR F 41 39.13 0.71 12.25
N GLN F 42 39.31 0.46 13.55
CA GLN F 42 38.34 -0.28 14.33
C GLN F 42 37.11 0.58 14.56
N ASN F 43 37.29 1.88 14.74
CA ASN F 43 36.12 2.74 14.86
C ASN F 43 35.29 2.71 13.59
N ALA F 44 35.95 2.70 12.43
CA ALA F 44 35.26 2.65 11.14
C ALA F 44 34.57 1.31 10.90
N ILE F 45 35.22 0.23 11.31
CA ILE F 45 34.66 -1.10 11.13
C ILE F 45 33.39 -1.21 11.95
N ASP F 46 33.43 -0.68 13.17
CA ASP F 46 32.31 -0.77 14.08
C ASP F 46 31.13 0.03 13.54
N GLY F 47 31.43 1.26 13.09
CA GLY F 47 30.42 2.10 12.49
C GLY F 47 29.74 1.44 11.30
N ILE F 48 30.54 0.90 10.39
CA ILE F 48 30.03 0.35 9.15
C ILE F 48 29.28 -0.95 9.42
N THR F 49 29.71 -1.68 10.43
CA THR F 49 29.05 -2.94 10.74
C THR F 49 27.69 -2.58 11.30
N ASN F 50 27.65 -1.51 12.08
CA ASN F 50 26.42 -1.10 12.67
C ASN F 50 25.45 -0.59 11.61
N LYS F 51 26.01 0.07 10.59
CA LYS F 51 25.20 0.62 9.50
C LYS F 51 24.54 -0.51 8.72
N VAL F 52 25.31 -1.53 8.39
CA VAL F 52 24.79 -2.65 7.59
C VAL F 52 23.72 -3.37 8.39
N ASN F 53 24.03 -3.67 9.65
CA ASN F 53 23.09 -4.36 10.52
C ASN F 53 21.81 -3.55 10.70
N SER F 54 21.91 -2.23 10.75
CA SER F 54 20.74 -1.38 10.98
C SER F 54 19.89 -1.39 9.74
N VAL F 55 20.54 -1.45 8.59
CA VAL F 55 19.82 -1.57 7.33
C VAL F 55 19.04 -2.87 7.27
N ILE F 56 19.68 -3.97 7.66
CA ILE F 56 19.05 -5.27 7.57
C ILE F 56 17.90 -5.39 8.56
N GLU F 57 18.12 -4.83 9.75
CA GLU F 57 17.20 -4.93 10.86
C GLU F 57 15.85 -4.28 10.54
N LYS F 58 15.86 -3.26 9.68
CA LYS F 58 14.63 -2.55 9.34
C LYS F 58 13.85 -3.31 8.27
N MET F 59 14.43 -4.41 7.79
CA MET F 59 13.80 -5.24 6.76
C MET F 59 13.30 -6.54 7.36
N ASN F 60 12.16 -6.48 8.03
CA ASN F 60 11.52 -7.71 8.52
C ASN F 60 11.32 -8.69 7.38
N THR F 61 11.52 -9.97 7.65
CA THR F 61 11.45 -11.00 6.61
C THR F 61 10.03 -11.16 6.03
N GLN F 62 9.98 -11.73 4.82
CA GLN F 62 8.73 -12.05 4.13
C GLN F 62 8.31 -13.48 4.52
N PHE F 63 7.13 -13.62 5.13
CA PHE F 63 6.60 -14.94 5.43
C PHE F 63 5.76 -15.39 4.23
N THR F 64 5.16 -16.56 4.34
CA THR F 64 4.41 -17.13 3.24
C THR F 64 3.48 -16.12 2.59
N ALA F 65 3.64 -16.00 1.27
CA ALA F 65 2.84 -15.10 0.46
C ALA F 65 2.54 -15.81 -0.85
N VAL F 66 1.29 -16.22 -1.01
CA VAL F 66 0.91 -16.95 -2.21
C VAL F 66 -0.23 -16.19 -2.90
N GLY F 67 -0.41 -16.46 -4.19
CA GLY F 67 -1.35 -15.71 -4.97
C GLY F 67 -2.79 -16.04 -4.61
N LYS F 68 -3.65 -15.01 -4.70
CA LYS F 68 -5.10 -15.18 -4.61
C LYS F 68 -5.71 -15.38 -5.99
N GLU F 69 -6.78 -16.15 -6.06
CA GLU F 69 -7.48 -16.35 -7.31
C GLU F 69 -8.83 -15.68 -7.26
N PHE F 70 -9.33 -15.32 -8.43
CA PHE F 70 -10.58 -14.60 -8.57
C PHE F 70 -11.32 -15.19 -9.74
N ASN F 71 -12.63 -15.29 -9.62
CA ASN F 71 -13.43 -15.76 -10.73
C ASN F 71 -13.70 -14.63 -11.77
N ASN F 72 -14.39 -15.00 -12.84
N ASN F 72 -14.40 -14.99 -12.82
CA ASN F 72 -14.57 -14.10 -13.98
CA ASN F 72 -14.55 -14.12 -13.98
C ASN F 72 -15.55 -12.96 -13.74
C ASN F 72 -15.50 -12.93 -13.72
N LEU F 73 -16.20 -12.96 -12.58
CA LEU F 73 -17.08 -11.88 -12.16
C LEU F 73 -16.49 -11.15 -10.97
N GLU F 74 -15.17 -11.28 -10.75
CA GLU F 74 -14.49 -10.59 -9.67
C GLU F 74 -13.30 -9.78 -10.21
N ARG F 75 -13.42 -9.30 -11.44
CA ARG F 75 -12.37 -8.51 -12.08
C ARG F 75 -12.00 -7.25 -11.28
N ARG F 76 -12.97 -6.60 -10.63
CA ARG F 76 -12.64 -5.38 -9.91
C ARG F 76 -11.74 -5.70 -8.70
N ILE F 77 -12.09 -6.75 -7.98
N ILE F 77 -12.07 -6.73 -7.96
CA ILE F 77 -11.34 -7.14 -6.79
CA ILE F 77 -11.29 -7.06 -6.78
C ILE F 77 -9.98 -7.72 -7.17
C ILE F 77 -9.96 -7.71 -7.19
N GLU F 78 -9.95 -8.43 -8.29
CA GLU F 78 -8.71 -8.97 -8.81
C GLU F 78 -7.78 -7.82 -9.14
N ASN F 79 -8.33 -6.77 -9.76
CA ASN F 79 -7.52 -5.61 -10.15
C ASN F 79 -7.08 -4.80 -8.94
N LEU F 80 -7.92 -4.74 -7.91
CA LEU F 80 -7.57 -4.09 -6.66
C LEU F 80 -6.40 -4.82 -6.01
N ASN F 81 -6.47 -6.14 -6.05
CA ASN F 81 -5.41 -6.97 -5.49
C ASN F 81 -4.13 -6.70 -6.24
N LYS F 82 -4.19 -6.61 -7.57
CA LYS F 82 -2.99 -6.35 -8.35
C LYS F 82 -2.44 -4.93 -8.09
N LYS F 83 -3.30 -3.94 -7.92
CA LYS F 83 -2.88 -2.58 -7.62
C LYS F 83 -2.15 -2.56 -6.28
N VAL F 84 -2.65 -3.32 -5.31
CA VAL F 84 -2.03 -3.37 -3.98
C VAL F 84 -0.64 -4.01 -4.07
N ASP F 85 -0.56 -5.15 -4.75
CA ASP F 85 0.70 -5.91 -4.83
C ASP F 85 1.78 -5.14 -5.59
N ASP F 86 1.40 -4.59 -6.74
CA ASP F 86 2.25 -3.71 -7.54
C ASP F 86 2.68 -2.44 -6.81
N GLY F 87 1.78 -1.83 -6.06
CA GLY F 87 2.06 -0.58 -5.35
C GLY F 87 3.08 -0.81 -4.26
N PHE F 88 2.91 -1.87 -3.50
CA PHE F 88 3.84 -2.23 -2.45
C PHE F 88 5.20 -2.63 -3.03
N LEU F 89 5.20 -3.36 -4.12
CA LEU F 89 6.44 -3.75 -4.77
C LEU F 89 7.20 -2.52 -5.30
N ASP F 90 6.47 -1.52 -5.82
CA ASP F 90 7.08 -0.28 -6.30
C ASP F 90 7.75 0.46 -5.18
N ILE F 91 7.06 0.50 -4.05
CA ILE F 91 7.55 1.21 -2.87
C ILE F 91 8.78 0.55 -2.27
N TRP F 92 8.77 -0.77 -2.13
CA TRP F 92 9.88 -1.47 -1.52
C TRP F 92 11.10 -1.50 -2.44
N THR F 93 10.88 -1.58 -3.73
CA THR F 93 11.98 -1.51 -4.67
C THR F 93 12.62 -0.13 -4.59
N TYR F 94 11.78 0.91 -4.59
CA TYR F 94 12.23 2.27 -4.42
C TYR F 94 13.02 2.45 -3.11
N ASN F 95 12.52 1.92 -2.01
CA ASN F 95 13.16 2.18 -0.73
C ASN F 95 14.50 1.48 -0.68
N ALA F 96 14.57 0.26 -1.19
CA ALA F 96 15.82 -0.51 -1.12
C ALA F 96 16.90 0.15 -2.00
N GLU F 97 16.51 0.53 -3.20
CA GLU F 97 17.48 1.10 -4.13
C GLU F 97 17.99 2.44 -3.61
N LEU F 98 17.08 3.27 -3.13
CA LEU F 98 17.43 4.63 -2.75
C LEU F 98 18.27 4.57 -1.49
N LEU F 99 17.91 3.68 -0.58
CA LEU F 99 18.62 3.59 0.67
C LEU F 99 20.07 3.18 0.39
N VAL F 100 20.25 2.22 -0.50
CA VAL F 100 21.60 1.81 -0.85
C VAL F 100 22.39 2.93 -1.54
N LEU F 101 21.75 3.70 -2.43
CA LEU F 101 22.43 4.83 -3.08
C LEU F 101 22.95 5.86 -2.08
N LEU F 102 22.05 6.28 -1.19
CA LEU F 102 22.33 7.39 -0.31
C LEU F 102 23.35 6.94 0.71
N GLU F 103 23.21 5.71 1.18
CA GLU F 103 24.12 5.22 2.20
C GLU F 103 25.49 4.94 1.63
N ASN F 104 25.56 4.52 0.38
CA ASN F 104 26.87 4.33 -0.25
C ASN F 104 27.61 5.65 -0.30
N GLU F 105 26.91 6.71 -0.69
CA GLU F 105 27.55 8.03 -0.68
C GLU F 105 28.10 8.37 0.72
N ARG F 106 27.26 8.19 1.71
CA ARG F 106 27.61 8.50 3.08
C ARG F 106 28.81 7.69 3.56
N THR F 107 28.88 6.44 3.13
CA THR F 107 29.95 5.55 3.54
C THR F 107 31.29 6.00 2.95
N LEU F 108 31.34 6.22 1.64
CA LEU F 108 32.58 6.73 1.06
C LEU F 108 33.03 8.04 1.74
N ASP F 109 32.10 8.93 2.04
CA ASP F 109 32.45 10.22 2.64
C ASP F 109 32.97 9.99 4.07
N PHE F 110 32.42 8.99 4.74
CA PHE F 110 32.80 8.67 6.10
C PHE F 110 34.26 8.25 6.07
N HIS F 111 34.62 7.39 5.12
CA HIS F 111 36.03 7.02 4.97
C HIS F 111 36.93 8.22 4.65
N ASP F 112 36.50 9.09 3.76
CA ASP F 112 37.26 10.27 3.36
C ASP F 112 37.49 11.13 4.60
N SER F 113 36.47 11.26 5.42
CA SER F 113 36.53 12.00 6.68
C SER F 113 37.52 11.36 7.66
N ASN F 114 37.50 10.04 7.76
CA ASN F 114 38.36 9.38 8.71
C ASN F 114 39.83 9.57 8.34
N VAL F 115 40.12 9.54 7.03
CA VAL F 115 41.48 9.81 6.54
C VAL F 115 41.90 11.25 6.82
N ARG F 116 41.00 12.20 6.56
CA ARG F 116 41.31 13.58 6.81
C ARG F 116 41.57 13.86 8.28
N ASN F 117 40.81 13.23 9.17
CA ASN F 117 40.91 13.50 10.58
C ASN F 117 42.19 12.85 11.13
N LEU F 118 42.57 11.69 10.59
CA LEU F 118 43.81 11.04 10.96
C LEU F 118 45.00 11.91 10.56
N TYR F 119 44.93 12.48 9.36
CA TYR F 119 45.98 13.36 8.86
C TYR F 119 46.12 14.58 9.74
N GLU F 120 45.00 15.19 10.08
CA GLU F 120 45.02 16.42 10.86
C GLU F 120 45.43 16.13 12.30
N LYS F 121 45.15 14.92 12.77
CA LYS F 121 45.56 14.51 14.10
C LYS F 121 47.10 14.48 14.17
N VAL F 122 47.70 13.79 13.21
CA VAL F 122 49.15 13.73 13.14
C VAL F 122 49.74 15.13 12.98
N LYS F 123 49.12 15.94 12.13
CA LYS F 123 49.66 17.26 11.83
C LYS F 123 49.72 18.06 13.12
N SER F 124 48.68 17.97 13.95
CA SER F 124 48.63 18.81 15.14
C SER F 124 49.56 18.28 16.25
N GLN F 125 49.81 16.97 16.29
CA GLN F 125 50.85 16.44 17.18
C GLN F 125 52.25 16.93 16.85
N LEU F 126 52.60 16.90 15.58
CA LEU F 126 53.96 17.18 15.15
C LEU F 126 54.26 18.69 15.14
N LYS F 127 53.25 19.47 14.79
CA LYS F 127 53.40 20.92 14.67
C LYS F 127 54.60 21.27 13.82
N ASN F 128 55.46 22.16 14.30
CA ASN F 128 56.58 22.58 13.48
C ASN F 128 57.85 21.73 13.67
N ASN F 129 57.74 20.57 14.30
CA ASN F 129 58.86 19.62 14.31
C ASN F 129 58.92 18.80 13.01
N ALA F 130 57.96 18.99 12.11
CA ALA F 130 58.03 18.36 10.80
C ALA F 130 57.46 19.30 9.77
N LYS F 131 57.82 19.12 8.51
CA LYS F 131 57.22 19.92 7.46
C LYS F 131 56.24 19.09 6.67
N GLU F 132 55.07 19.68 6.40
CA GLU F 132 54.06 19.03 5.56
C GLU F 132 54.55 19.07 4.13
N ILE F 133 54.65 17.93 3.47
CA ILE F 133 54.90 17.93 2.01
C ILE F 133 53.65 18.36 1.23
N GLY F 134 52.53 17.69 1.46
CA GLY F 134 51.27 18.05 0.85
C GLY F 134 50.46 16.87 0.33
N ASN F 135 51.12 15.73 0.29
CA ASN F 135 50.57 14.51 -0.28
C ASN F 135 50.32 13.52 0.84
N GLY F 136 50.03 14.04 2.03
CA GLY F 136 49.80 13.20 3.18
C GLY F 136 51.06 12.91 3.96
N CYS F 137 52.19 13.45 3.52
CA CYS F 137 53.49 13.11 4.12
C CYS F 137 54.06 14.23 5.03
N PHE F 138 54.82 13.81 6.02
CA PHE F 138 55.56 14.73 6.88
C PHE F 138 57.04 14.35 6.92
N GLU F 139 57.91 15.35 6.80
CA GLU F 139 59.34 15.13 6.92
C GLU F 139 59.77 15.71 8.26
N PHE F 140 60.33 14.88 9.12
CA PHE F 140 60.76 15.31 10.44
C PHE F 140 62.01 16.18 10.34
N TYR F 141 62.05 17.22 11.19
CA TYR F 141 63.23 18.06 11.38
C TYR F 141 64.17 17.50 12.46
N HIS F 142 63.88 16.29 12.93
CA HIS F 142 64.67 15.59 13.93
C HIS F 142 64.72 14.12 13.57
N LYS F 143 65.69 13.40 14.13
CA LYS F 143 65.72 11.96 13.90
C LYS F 143 64.56 11.28 14.61
N CYS F 144 63.93 10.36 13.90
CA CYS F 144 62.72 9.73 14.43
C CYS F 144 62.85 8.22 14.19
N ASP F 145 63.38 7.52 15.19
CA ASP F 145 63.57 6.10 15.07
C ASP F 145 62.26 5.36 15.36
N ASP F 146 62.34 4.04 15.49
CA ASP F 146 61.16 3.21 15.50
C ASP F 146 60.30 3.51 16.72
N ALA F 147 60.92 3.73 17.87
CA ALA F 147 60.14 4.06 19.07
C ALA F 147 59.44 5.42 18.89
N CYS F 148 60.16 6.39 18.36
CA CYS F 148 59.57 7.69 18.08
C CYS F 148 58.38 7.58 17.10
N MET F 149 58.57 6.82 16.01
CA MET F 149 57.50 6.61 15.03
C MET F 149 56.26 6.02 15.70
N GLU F 150 56.46 5.03 16.56
CA GLU F 150 55.34 4.36 17.20
C GLU F 150 54.64 5.37 18.09
N SER F 151 55.39 6.31 18.66
CA SER F 151 54.74 7.36 19.44
C SER F 151 53.82 8.24 18.57
N VAL F 152 54.25 8.54 17.35
CA VAL F 152 53.35 9.23 16.43
C VAL F 152 52.09 8.39 16.13
N ARG F 153 52.29 7.11 15.87
CA ARG F 153 51.19 6.23 15.48
C ARG F 153 50.16 6.01 16.56
N ASN F 154 50.59 5.97 17.83
CA ASN F 154 49.65 5.72 18.90
C ASN F 154 49.24 7.00 19.61
N GLY F 155 49.64 8.15 19.06
CA GLY F 155 49.14 9.43 19.53
C GLY F 155 49.80 9.93 20.82
N THR F 156 51.05 9.52 21.08
CA THR F 156 51.74 9.99 22.27
C THR F 156 53.06 10.72 21.93
N TYR F 157 53.15 11.22 20.71
CA TYR F 157 54.35 11.94 20.31
C TYR F 157 54.64 13.12 21.25
N ASP F 158 55.90 13.28 21.61
CA ASP F 158 56.35 14.29 22.58
C ASP F 158 57.00 15.49 21.87
N TYR F 159 56.19 16.46 21.49
CA TYR F 159 56.67 17.60 20.72
C TYR F 159 57.81 18.39 21.41
N PRO F 160 57.66 18.67 22.72
CA PRO F 160 58.68 19.45 23.43
C PRO F 160 60.03 18.72 23.51
N LYS F 161 59.96 17.41 23.64
CA LYS F 161 61.16 16.59 23.71
C LYS F 161 62.06 16.79 22.49
N TYR F 162 61.45 16.91 21.31
CA TYR F 162 62.18 17.01 20.05
C TYR F 162 62.21 18.45 19.49
N SER F 163 61.56 19.41 20.15
CA SER F 163 61.55 20.79 19.65
C SER F 163 62.93 21.45 19.45
N GLU F 164 63.88 21.25 20.36
CA GLU F 164 65.15 21.95 20.22
C GLU F 164 65.93 21.42 19.02
N GLU F 165 66.00 20.08 18.90
CA GLU F 165 66.67 19.46 17.76
C GLU F 165 66.02 19.94 16.48
N SER F 166 64.68 19.99 16.50
CA SER F 166 63.94 20.40 15.33
C SER F 166 64.23 21.84 14.95
N LYS F 167 64.32 22.71 15.95
CA LYS F 167 64.47 24.15 15.73
C LYS F 167 65.84 24.38 15.11
N LEU F 168 66.82 23.60 15.55
CA LEU F 168 68.17 23.70 14.99
C LEU F 168 68.17 23.35 13.52
N ASN F 169 67.53 22.24 13.17
CA ASN F 169 67.46 21.84 11.77
C ASN F 169 66.50 22.66 10.89
N ARG F 170 65.48 23.27 11.49
CA ARG F 170 64.47 23.98 10.71
C ARG F 170 65.06 25.31 10.20
N GLU F 171 65.96 25.89 11.00
CA GLU F 171 66.64 27.13 10.67
C GLU F 171 68.03 26.89 10.07
C1 NAG G . -32.79 10.89 -19.96
C2 NAG G . -34.23 10.40 -19.70
C3 NAG G . -35.13 11.54 -19.26
C4 NAG G . -34.52 12.28 -18.09
C5 NAG G . -33.06 12.66 -18.40
C6 NAG G . -32.39 13.40 -17.24
C7 NAG G . -34.66 8.41 -21.03
C8 NAG G . -35.45 7.78 -22.14
N2 NAG G . -34.83 9.71 -20.81
O3 NAG G . -36.40 11.03 -18.93
O4 NAG G . -35.29 13.45 -17.86
O5 NAG G . -32.34 11.49 -18.72
O6 NAG G . -32.25 12.55 -16.11
O7 NAG G . -33.88 7.72 -20.38
C1 NAG G . -35.83 13.47 -16.54
C2 NAG G . -36.40 14.86 -16.26
C3 NAG G . -36.90 14.89 -14.83
C4 NAG G . -37.97 13.82 -14.62
C5 NAG G . -37.59 12.47 -15.23
C6 NAG G . -38.85 11.68 -15.50
C7 NAG G . -35.24 16.47 -17.74
C8 NAG G . -34.01 17.28 -17.92
N2 NAG G . -35.43 15.94 -16.52
O3 NAG G . -37.51 16.14 -14.57
O4 NAG G . -38.20 13.67 -13.23
O5 NAG G . -36.87 12.54 -16.46
O6 NAG G . -39.08 10.81 -14.41
O7 NAG G . -35.98 16.31 -18.71
C1 BMA G . -39.61 13.71 -12.91
C2 BMA G . -39.90 12.83 -11.66
C3 BMA G . -41.41 12.93 -11.22
C4 BMA G . -41.93 14.37 -11.28
C5 BMA G . -41.62 15.00 -12.65
C6 BMA G . -42.17 16.42 -12.81
O2 BMA G . -39.13 13.25 -10.53
O3 BMA G . -41.65 12.35 -9.93
O4 BMA G . -43.34 14.37 -11.07
O5 BMA G . -40.17 15.02 -12.80
O6 BMA G . -41.75 17.22 -11.71
C1 MAN G . -42.75 11.40 -10.01
C2 MAN G . -43.41 11.34 -8.64
C3 MAN G . -42.37 10.91 -7.61
C4 MAN G . -41.74 9.57 -8.06
C5 MAN G . -41.29 9.60 -9.52
C6 MAN G . -40.82 8.20 -9.94
O2 MAN G . -44.51 10.43 -8.64
O3 MAN G . -42.98 10.78 -6.35
O4 MAN G . -40.65 9.23 -7.22
O5 MAN G . -42.35 10.08 -10.36
O6 MAN G . -40.25 8.18 -11.25
C1 NAG H . -27.77 -13.54 25.23
C2 NAG H . -28.71 -14.71 24.98
C3 NAG H . -28.49 -15.84 25.97
C4 NAG H . -27.07 -16.30 25.85
C5 NAG H . -26.17 -15.10 26.04
C6 NAG H . -24.69 -15.45 25.95
C7 NAG H . -30.75 -13.88 23.95
C8 NAG H . -32.24 -13.72 24.05
N2 NAG H . -30.10 -14.31 25.04
O3 NAG H . -29.32 -16.92 25.67
O4 NAG H . -26.87 -17.25 26.88
O5 NAG H . -26.47 -14.07 25.10
O6 NAG H . -24.40 -15.93 24.65
O7 NAG H . -30.17 -13.64 22.90
C1 NAG H . -26.42 -18.52 26.39
C2 NAG H . -25.85 -19.31 27.57
C3 NAG H . -25.38 -20.70 27.10
C4 NAG H . -26.40 -21.41 26.19
C5 NAG H . -26.92 -20.44 25.14
C6 NAG H . -27.99 -21.10 24.26
C7 NAG H . -24.78 -17.84 29.22
C8 NAG H . -23.46 -17.36 29.71
N2 NAG H . -24.72 -18.62 28.15
O3 NAG H . -25.12 -21.52 28.21
O4 NAG H . -25.81 -22.51 25.51
O5 NAG H . -27.43 -19.28 25.77
O6 NAG H . -29.01 -21.67 25.04
O7 NAG H . -25.83 -17.51 29.79
C1 BMA H . -26.50 -23.75 25.78
C2 BMA H . -26.39 -24.68 24.53
C3 BMA H . -26.88 -26.13 24.84
C4 BMA H . -26.55 -26.61 26.29
C5 BMA H . -26.68 -25.48 27.35
C6 BMA H . -26.04 -25.83 28.69
O2 BMA H . -25.03 -24.77 24.10
O3 BMA H . -26.37 -27.07 23.86
O4 BMA H . -27.43 -27.65 26.64
O5 BMA H . -26.00 -24.33 26.91
O6 BMA H . -24.87 -24.97 28.84
C1 MAN H . -27.41 -27.63 23.03
C2 MAN H . -26.85 -28.88 22.35
C3 MAN H . -25.74 -28.45 21.37
C4 MAN H . -26.29 -27.41 20.38
C5 MAN H . -26.97 -26.25 21.11
C6 MAN H . -27.63 -25.33 20.07
O2 MAN H . -27.89 -29.65 21.74
O3 MAN H . -25.24 -29.57 20.67
O4 MAN H . -25.29 -26.92 19.50
O5 MAN H . -27.93 -26.77 22.02
O6 MAN H . -27.95 -24.04 20.58
C1 MAN H . -24.03 -25.35 29.96
C2 MAN H . -24.84 -25.80 31.17
C3 MAN H . -25.58 -24.63 31.80
C4 MAN H . -24.59 -23.51 32.12
C5 MAN H . -23.80 -23.15 30.85
C6 MAN H . -22.81 -22.01 31.12
O2 MAN H . -23.98 -26.40 32.13
O3 MAN H . -26.24 -25.05 32.97
O4 MAN H . -25.28 -22.36 32.60
O5 MAN H . -23.15 -24.30 30.34
O6 MAN H . -21.61 -22.51 31.63
C1 NAG I . -8.21 -35.13 -17.83
C2 NAG I . -9.56 -35.35 -18.50
C3 NAG I . -9.41 -35.62 -19.97
C4 NAG I . -8.62 -34.50 -20.64
C5 NAG I . -7.32 -34.31 -19.85
C6 NAG I . -6.44 -33.19 -20.39
C7 NAG I . -11.12 -36.31 -16.89
C8 NAG I . -11.90 -37.51 -16.51
N2 NAG I . -10.29 -36.47 -17.94
O3 NAG I . -10.68 -35.76 -20.54
O4 NAG I . -8.39 -34.89 -21.98
O5 NAG I . -7.59 -34.04 -18.48
O6 NAG I . -7.18 -31.99 -20.45
O7 NAG I . -11.22 -35.24 -16.26
C1 NAG I . -8.89 -33.94 -22.95
C2 NAG I . -8.28 -34.24 -24.35
C3 NAG I . -8.80 -33.27 -25.41
C4 NAG I . -10.32 -33.18 -25.37
C5 NAG I . -10.81 -32.98 -23.93
C6 NAG I . -12.34 -33.05 -23.93
C7 NAG I . -6.01 -35.14 -24.10
C8 NAG I . -4.62 -34.72 -23.72
N2 NAG I . -6.84 -34.13 -24.33
O3 NAG I . -8.44 -33.70 -26.70
O4 NAG I . -10.73 -32.10 -26.18
O5 NAG I . -10.30 -33.98 -23.08
O6 NAG I . -12.76 -34.35 -24.32
O7 NAG I . -6.32 -36.33 -24.19
C1 BMA I . -11.69 -32.53 -27.19
C2 BMA I . -12.45 -31.30 -27.66
C3 BMA I . -13.61 -31.77 -28.55
C4 BMA I . -13.04 -32.56 -29.76
C5 BMA I . -12.13 -33.75 -29.28
C6 BMA I . -11.40 -34.40 -30.48
O2 BMA I . -11.59 -30.53 -28.48
O3 BMA I . -14.51 -30.68 -28.93
O4 BMA I . -14.10 -33.09 -30.54
O5 BMA I . -11.14 -33.28 -28.29
O6 BMA I . -10.63 -35.53 -30.04
C1 NAG J . 19.06 37.74 -15.51
C2 NAG J . 18.07 38.47 -16.43
C3 NAG J . 18.09 37.93 -17.87
C4 NAG J . 19.51 37.83 -18.41
C5 NAG J . 20.41 37.08 -17.42
C6 NAG J . 21.88 37.01 -17.88
C7 NAG J . 16.26 39.29 -14.99
C8 NAG J . 14.86 39.08 -14.48
N2 NAG J . 16.72 38.41 -15.88
O3 NAG J . 17.31 38.74 -18.74
O4 NAG J . 19.48 37.19 -19.67
O5 NAG J . 20.35 37.64 -16.12
O6 NAG J . 22.48 38.29 -17.93
O7 NAG J . 16.93 40.25 -14.59
C1 NAG K . 20.41 17.17 36.16
C2 NAG K . 19.92 16.03 37.07
C3 NAG K . 18.66 16.33 37.90
C4 NAG K . 18.51 17.80 38.27
C5 NAG K . 18.76 18.68 37.05
C6 NAG K . 18.51 20.15 37.40
C7 NAG K . 20.54 13.86 36.09
C8 NAG K . 20.15 12.75 35.16
N2 NAG K . 19.65 14.83 36.28
O3 NAG K . 18.65 15.55 39.08
O4 NAG K . 17.21 18.05 38.78
O5 NAG K . 20.07 18.48 36.59
O6 NAG K . 19.11 20.97 36.42
O7 NAG K . 21.65 13.85 36.63
C1 NAG L . -4.01 17.80 26.94
C2 NAG L . -5.10 18.43 27.81
C3 NAG L . -5.02 19.96 27.81
C4 NAG L . -3.59 20.46 28.05
C5 NAG L . -2.63 19.74 27.10
C6 NAG L . -1.19 20.15 27.37
C7 NAG L . -7.09 16.96 27.86
C8 NAG L . -8.46 16.73 27.31
N2 NAG L . -6.42 18.00 27.35
O3 NAG L . -5.85 20.51 28.81
O4 NAG L . -3.54 21.86 27.86
O5 NAG L . -2.74 18.34 27.27
O6 NAG L . -0.46 19.03 27.85
O7 NAG L . -6.62 16.20 28.72
C1 NAG M . 43.63 -10.54 -5.35
C2 NAG M . 44.16 -11.50 -6.44
C3 NAG M . 43.80 -12.94 -6.11
C4 NAG M . 44.31 -13.27 -4.71
C5 NAG M . 43.77 -12.28 -3.70
C6 NAG M . 44.32 -12.55 -2.29
C7 NAG M . 44.48 -10.45 -8.63
C8 NAG M . 43.88 -9.27 -9.34
N2 NAG M . 43.69 -11.11 -7.76
O3 NAG M . 44.38 -13.82 -7.05
O4 NAG M . 43.96 -14.60 -4.35
O5 NAG M . 44.07 -10.94 -4.06
O6 NAG M . 44.28 -11.38 -1.50
O7 NAG M . 45.66 -10.76 -8.84
C1 NAG N . 53.07 4.48 22.24
C2 NAG N . 52.90 3.46 23.39
C3 NAG N . 54.05 3.44 24.40
C4 NAG N . 55.39 3.37 23.67
C5 NAG N . 55.42 4.60 22.77
C6 NAG N . 56.81 4.85 22.16
C7 NAG N . 50.55 2.89 23.85
C8 NAG N . 49.26 3.60 23.55
N2 NAG N . 51.61 3.68 24.06
O3 NAG N . 53.95 2.37 25.33
O4 NAG N . 56.48 3.34 24.59
O5 NAG N . 54.42 4.50 21.78
O6 NAG N . 57.23 3.84 21.27
O7 NAG N . 50.58 1.65 23.88
#